data_3WG8
# 
_entry.id   3WG8 
# 
_audit_conform.dict_name       mmcif_pdbx.dic 
_audit_conform.dict_version    5.381 
_audit_conform.dict_location   http://mmcif.pdb.org/dictionaries/ascii/mmcif_pdbx.dic 
# 
loop_
_database_2.database_id 
_database_2.database_code 
_database_2.pdbx_database_accession 
_database_2.pdbx_DOI 
PDB   3WG8         pdb_00003wg8 10.2210/pdb3wg8/pdb 
RCSB  RCSB096296   ?            ?                   
WWPDB D_1000096296 ?            ?                   
# 
_pdbx_database_status.status_code                     REL 
_pdbx_database_status.entry_id                        3WG8 
_pdbx_database_status.recvd_initial_deposition_date   2013-07-31 
_pdbx_database_status.deposit_site                    PDBJ 
_pdbx_database_status.process_site                    PDBJ 
_pdbx_database_status.methods_development_category    ? 
_pdbx_database_status.status_code_sf                  REL 
_pdbx_database_status.status_code_mr                  ? 
_pdbx_database_status.SG_entry                        ? 
_pdbx_database_status.status_code_cs                  ? 
_pdbx_database_status.pdb_format_compatible           Y 
_pdbx_database_status.status_code_nmr_data            ? 
# 
loop_
_audit_author.name 
_audit_author.pdbx_ordinal 
'Akiyama, T.'  1  
'Sue, M.'      2  
'Takeuchi, J.' 3  
'Okamoto, M.'  4  
'Muto, T.'     5  
'Endo, A.'     6  
'Nambara, E.'  7  
'Hirai, N.'    8  
'Ohnishi, T.'  9  
'Cutler, S.R.' 10 
'Todoroki, Y.' 11 
'Yajima, S.'   12 
# 
_citation.id                        primary 
_citation.title                     'Designed abscisic acid analogs as antagonists of PYL-PP2C receptor interactions' 
_citation.journal_abbrev            Nat.Chem.Biol. 
_citation.journal_volume            10 
_citation.page_first                477 
_citation.page_last                 482 
_citation.year                      2014 
_citation.journal_id_ASTM           ? 
_citation.country                   US 
_citation.journal_id_ISSN           1552-4450 
_citation.journal_id_CSD            ? 
_citation.book_publisher            ? 
_citation.pdbx_database_id_PubMed   24792952 
_citation.pdbx_database_id_DOI      10.1038/nchembio.1524 
# 
loop_
_citation_author.citation_id 
_citation_author.name 
_citation_author.ordinal 
_citation_author.identifier_ORCID 
primary 'Takeuchi, J.' 1  ? 
primary 'Okamoto, M.'  2  ? 
primary 'Akiyama, T.'  3  ? 
primary 'Muto, T.'     4  ? 
primary 'Yajima, S.'   5  ? 
primary 'Sue, M.'      6  ? 
primary 'Seo, M.'      7  ? 
primary 'Kanno, Y.'    8  ? 
primary 'Kamo, T.'     9  ? 
primary 'Endo, A.'     10 ? 
primary 'Nambara, E.'  11 ? 
primary 'Hirai, N.'    12 ? 
primary 'Ohnishi, T.'  13 ? 
primary 'Cutler, S.R.' 14 ? 
primary 'Todoroki, Y.' 15 ? 
# 
_cell.entry_id           3WG8 
_cell.length_a           66.932 
_cell.length_b           66.932 
_cell.length_c           78.237 
_cell.angle_alpha        90.00 
_cell.angle_beta         90.00 
_cell.angle_gamma        120.00 
_cell.Z_PDB              6 
_cell.pdbx_unique_axis   ? 
_cell.length_a_esd       ? 
_cell.length_b_esd       ? 
_cell.length_c_esd       ? 
_cell.angle_alpha_esd    ? 
_cell.angle_beta_esd     ? 
_cell.angle_gamma_esd    ? 
# 
_symmetry.entry_id                         3WG8 
_symmetry.space_group_name_H-M             'P 31 2 1' 
_symmetry.pdbx_full_space_group_name_H-M   ? 
_symmetry.cell_setting                     ? 
_symmetry.Int_Tables_number                152 
_symmetry.space_group_name_Hall            ? 
# 
loop_
_entity.id 
_entity.type 
_entity.src_method 
_entity.pdbx_description 
_entity.formula_weight 
_entity.pdbx_number_of_molecules 
_entity.pdbx_ec 
_entity.pdbx_mutation 
_entity.pdbx_fragment 
_entity.details 
1 polymer     man 'Abscisic acid receptor PYR1' 25432.488 1  ? ? ? ? 
2 non-polymer syn 
'(2Z,4E)-5-[(1S)-3-(hexylsulfanyl)-1-hydroxy-2,6,6-trimethyl-4-oxocyclohex-2-en-1-yl]-3-methylpenta-2,4-dienoic acid' 380.541   1  
? ? ? ? 
3 water       nat water 18.015    33 ? ? ? ? 
# 
_entity_name_com.entity_id   1 
_entity_name_com.name        'ABI1-binding protein 6, Protein PYRABACTIN RESISTANCE 1, Regulatory components of ABA receptor 11' 
# 
_entity_poly.entity_id                      1 
_entity_poly.type                           'polypeptide(L)' 
_entity_poly.nstd_linkage                   no 
_entity_poly.nstd_monomer                   no 
_entity_poly.pdbx_seq_one_letter_code       
;MGSSHHHHHHSSGLVPRGSHMASMTGGQQMGRGSEFMPSELTPEERSELKNSIAEFHTYQLDPGSCSSLHAQRIHAPPEL
VWSIVRRFDKPQTYKHFIKSCSVEQNFEMRVGCTRDVIVISGLPANTSTERLDILDDERRVTGFSIIGGEHRLTNYKSVT
TVHRFEKENRIWTVVLESYVVDMPEGNSEDDTRMFADTVVKLNLQKLATVAEAMARNSGDGSGSQVT
;
_entity_poly.pdbx_seq_one_letter_code_can   
;MGSSHHHHHHSSGLVPRGSHMASMTGGQQMGRGSEFMPSELTPEERSELKNSIAEFHTYQLDPGSCSSLHAQRIHAPPEL
VWSIVRRFDKPQTYKHFIKSCSVEQNFEMRVGCTRDVIVISGLPANTSTERLDILDDERRVTGFSIIGGEHRLTNYKSVT
TVHRFEKENRIWTVVLESYVVDMPEGNSEDDTRMFADTVVKLNLQKLATVAEAMARNSGDGSGSQVT
;
_entity_poly.pdbx_strand_id                 A 
_entity_poly.pdbx_target_identifier         ? 
# 
loop_
_entity_poly_seq.entity_id 
_entity_poly_seq.num 
_entity_poly_seq.mon_id 
_entity_poly_seq.hetero 
1 1   MET n 
1 2   GLY n 
1 3   SER n 
1 4   SER n 
1 5   HIS n 
1 6   HIS n 
1 7   HIS n 
1 8   HIS n 
1 9   HIS n 
1 10  HIS n 
1 11  SER n 
1 12  SER n 
1 13  GLY n 
1 14  LEU n 
1 15  VAL n 
1 16  PRO n 
1 17  ARG n 
1 18  GLY n 
1 19  SER n 
1 20  HIS n 
1 21  MET n 
1 22  ALA n 
1 23  SER n 
1 24  MET n 
1 25  THR n 
1 26  GLY n 
1 27  GLY n 
1 28  GLN n 
1 29  GLN n 
1 30  MET n 
1 31  GLY n 
1 32  ARG n 
1 33  GLY n 
1 34  SER n 
1 35  GLU n 
1 36  PHE n 
1 37  MET n 
1 38  PRO n 
1 39  SER n 
1 40  GLU n 
1 41  LEU n 
1 42  THR n 
1 43  PRO n 
1 44  GLU n 
1 45  GLU n 
1 46  ARG n 
1 47  SER n 
1 48  GLU n 
1 49  LEU n 
1 50  LYS n 
1 51  ASN n 
1 52  SER n 
1 53  ILE n 
1 54  ALA n 
1 55  GLU n 
1 56  PHE n 
1 57  HIS n 
1 58  THR n 
1 59  TYR n 
1 60  GLN n 
1 61  LEU n 
1 62  ASP n 
1 63  PRO n 
1 64  GLY n 
1 65  SER n 
1 66  CYS n 
1 67  SER n 
1 68  SER n 
1 69  LEU n 
1 70  HIS n 
1 71  ALA n 
1 72  GLN n 
1 73  ARG n 
1 74  ILE n 
1 75  HIS n 
1 76  ALA n 
1 77  PRO n 
1 78  PRO n 
1 79  GLU n 
1 80  LEU n 
1 81  VAL n 
1 82  TRP n 
1 83  SER n 
1 84  ILE n 
1 85  VAL n 
1 86  ARG n 
1 87  ARG n 
1 88  PHE n 
1 89  ASP n 
1 90  LYS n 
1 91  PRO n 
1 92  GLN n 
1 93  THR n 
1 94  TYR n 
1 95  LYS n 
1 96  HIS n 
1 97  PHE n 
1 98  ILE n 
1 99  LYS n 
1 100 SER n 
1 101 CYS n 
1 102 SER n 
1 103 VAL n 
1 104 GLU n 
1 105 GLN n 
1 106 ASN n 
1 107 PHE n 
1 108 GLU n 
1 109 MET n 
1 110 ARG n 
1 111 VAL n 
1 112 GLY n 
1 113 CYS n 
1 114 THR n 
1 115 ARG n 
1 116 ASP n 
1 117 VAL n 
1 118 ILE n 
1 119 VAL n 
1 120 ILE n 
1 121 SER n 
1 122 GLY n 
1 123 LEU n 
1 124 PRO n 
1 125 ALA n 
1 126 ASN n 
1 127 THR n 
1 128 SER n 
1 129 THR n 
1 130 GLU n 
1 131 ARG n 
1 132 LEU n 
1 133 ASP n 
1 134 ILE n 
1 135 LEU n 
1 136 ASP n 
1 137 ASP n 
1 138 GLU n 
1 139 ARG n 
1 140 ARG n 
1 141 VAL n 
1 142 THR n 
1 143 GLY n 
1 144 PHE n 
1 145 SER n 
1 146 ILE n 
1 147 ILE n 
1 148 GLY n 
1 149 GLY n 
1 150 GLU n 
1 151 HIS n 
1 152 ARG n 
1 153 LEU n 
1 154 THR n 
1 155 ASN n 
1 156 TYR n 
1 157 LYS n 
1 158 SER n 
1 159 VAL n 
1 160 THR n 
1 161 THR n 
1 162 VAL n 
1 163 HIS n 
1 164 ARG n 
1 165 PHE n 
1 166 GLU n 
1 167 LYS n 
1 168 GLU n 
1 169 ASN n 
1 170 ARG n 
1 171 ILE n 
1 172 TRP n 
1 173 THR n 
1 174 VAL n 
1 175 VAL n 
1 176 LEU n 
1 177 GLU n 
1 178 SER n 
1 179 TYR n 
1 180 VAL n 
1 181 VAL n 
1 182 ASP n 
1 183 MET n 
1 184 PRO n 
1 185 GLU n 
1 186 GLY n 
1 187 ASN n 
1 188 SER n 
1 189 GLU n 
1 190 ASP n 
1 191 ASP n 
1 192 THR n 
1 193 ARG n 
1 194 MET n 
1 195 PHE n 
1 196 ALA n 
1 197 ASP n 
1 198 THR n 
1 199 VAL n 
1 200 VAL n 
1 201 LYS n 
1 202 LEU n 
1 203 ASN n 
1 204 LEU n 
1 205 GLN n 
1 206 LYS n 
1 207 LEU n 
1 208 ALA n 
1 209 THR n 
1 210 VAL n 
1 211 ALA n 
1 212 GLU n 
1 213 ALA n 
1 214 MET n 
1 215 ALA n 
1 216 ARG n 
1 217 ASN n 
1 218 SER n 
1 219 GLY n 
1 220 ASP n 
1 221 GLY n 
1 222 SER n 
1 223 GLY n 
1 224 SER n 
1 225 GLN n 
1 226 VAL n 
1 227 THR n 
# 
_entity_src_gen.entity_id                          1 
_entity_src_gen.pdbx_src_id                        1 
_entity_src_gen.pdbx_alt_source_flag               sample 
_entity_src_gen.pdbx_seq_type                      ? 
_entity_src_gen.pdbx_beg_seq_num                   ? 
_entity_src_gen.pdbx_end_seq_num                   ? 
_entity_src_gen.gene_src_common_name               'mouse-ear cress' 
_entity_src_gen.gene_src_genus                     ? 
_entity_src_gen.pdbx_gene_src_gene                 PYR1 
_entity_src_gen.gene_src_species                   ? 
_entity_src_gen.gene_src_strain                    ? 
_entity_src_gen.gene_src_tissue                    ? 
_entity_src_gen.gene_src_tissue_fraction           ? 
_entity_src_gen.gene_src_details                   ? 
_entity_src_gen.pdbx_gene_src_fragment             ? 
_entity_src_gen.pdbx_gene_src_scientific_name      'Arabidopsis thaliana' 
_entity_src_gen.pdbx_gene_src_ncbi_taxonomy_id     3702 
_entity_src_gen.pdbx_gene_src_variant              ? 
_entity_src_gen.pdbx_gene_src_cell_line            ? 
_entity_src_gen.pdbx_gene_src_atcc                 ? 
_entity_src_gen.pdbx_gene_src_organ                ? 
_entity_src_gen.pdbx_gene_src_organelle            ? 
_entity_src_gen.pdbx_gene_src_cell                 ? 
_entity_src_gen.pdbx_gene_src_cellular_location    ? 
_entity_src_gen.host_org_common_name               ? 
_entity_src_gen.pdbx_host_org_scientific_name      'Escherichia coli' 
_entity_src_gen.pdbx_host_org_ncbi_taxonomy_id     562 
_entity_src_gen.host_org_genus                     ? 
_entity_src_gen.pdbx_host_org_gene                 ? 
_entity_src_gen.pdbx_host_org_organ                ? 
_entity_src_gen.host_org_species                   ? 
_entity_src_gen.pdbx_host_org_tissue               ? 
_entity_src_gen.pdbx_host_org_tissue_fraction      ? 
_entity_src_gen.pdbx_host_org_strain               ? 
_entity_src_gen.pdbx_host_org_variant              ? 
_entity_src_gen.pdbx_host_org_cell_line            ? 
_entity_src_gen.pdbx_host_org_atcc                 ? 
_entity_src_gen.pdbx_host_org_culture_collection   ? 
_entity_src_gen.pdbx_host_org_cell                 ? 
_entity_src_gen.pdbx_host_org_organelle            ? 
_entity_src_gen.pdbx_host_org_cellular_location    ? 
_entity_src_gen.pdbx_host_org_vector_type          ? 
_entity_src_gen.pdbx_host_org_vector               ? 
_entity_src_gen.host_org_details                   ? 
_entity_src_gen.expression_system_id               ? 
_entity_src_gen.plasmid_name                       ? 
_entity_src_gen.plasmid_details                    ? 
_entity_src_gen.pdbx_description                   ? 
# 
_struct_ref.id                         1 
_struct_ref.db_name                    UNP 
_struct_ref.db_code                    PYR1_ARATH 
_struct_ref.pdbx_db_accession          O49686 
_struct_ref.entity_id                  1 
_struct_ref.pdbx_seq_one_letter_code   
;MPSELTPEERSELKNSIAEFHTYQLDPGSCSSLHAQRIHAPPELVWSIVRRFDKPQTYKHFIKSCSVEQNFEMRVGCTRD
VIVISGLPANTSTERLDILDDERRVTGFSIIGGEHRLTNYKSVTTVHRFEKENRIWTVVLESYVVDMPEGNSEDDTRMFA
DTVVKLNLQKLATVAEAMARNSGDGSGSQVT
;
_struct_ref.pdbx_align_begin           1 
_struct_ref.pdbx_db_isoform            ? 
# 
_struct_ref_seq.align_id                      1 
_struct_ref_seq.ref_id                        1 
_struct_ref_seq.pdbx_PDB_id_code              3WG8 
_struct_ref_seq.pdbx_strand_id                A 
_struct_ref_seq.seq_align_beg                 37 
_struct_ref_seq.pdbx_seq_align_beg_ins_code   ? 
_struct_ref_seq.seq_align_end                 227 
_struct_ref_seq.pdbx_seq_align_end_ins_code   ? 
_struct_ref_seq.pdbx_db_accession             O49686 
_struct_ref_seq.db_align_beg                  1 
_struct_ref_seq.pdbx_db_align_beg_ins_code    ? 
_struct_ref_seq.db_align_end                  191 
_struct_ref_seq.pdbx_db_align_end_ins_code    ? 
_struct_ref_seq.pdbx_auth_seq_align_beg       1 
_struct_ref_seq.pdbx_auth_seq_align_end       191 
# 
loop_
_struct_ref_seq_dif.align_id 
_struct_ref_seq_dif.pdbx_pdb_id_code 
_struct_ref_seq_dif.mon_id 
_struct_ref_seq_dif.pdbx_pdb_strand_id 
_struct_ref_seq_dif.seq_num 
_struct_ref_seq_dif.pdbx_pdb_ins_code 
_struct_ref_seq_dif.pdbx_seq_db_name 
_struct_ref_seq_dif.pdbx_seq_db_accession_code 
_struct_ref_seq_dif.db_mon_id 
_struct_ref_seq_dif.pdbx_seq_db_seq_num 
_struct_ref_seq_dif.details 
_struct_ref_seq_dif.pdbx_auth_seq_num 
_struct_ref_seq_dif.pdbx_ordinal 
1 3WG8 MET A 1  ? UNP O49686 ? ? 'expression tag' -35 1  
1 3WG8 GLY A 2  ? UNP O49686 ? ? 'expression tag' -34 2  
1 3WG8 SER A 3  ? UNP O49686 ? ? 'expression tag' -33 3  
1 3WG8 SER A 4  ? UNP O49686 ? ? 'expression tag' -32 4  
1 3WG8 HIS A 5  ? UNP O49686 ? ? 'expression tag' -31 5  
1 3WG8 HIS A 6  ? UNP O49686 ? ? 'expression tag' -30 6  
1 3WG8 HIS A 7  ? UNP O49686 ? ? 'expression tag' -29 7  
1 3WG8 HIS A 8  ? UNP O49686 ? ? 'expression tag' -28 8  
1 3WG8 HIS A 9  ? UNP O49686 ? ? 'expression tag' -27 9  
1 3WG8 HIS A 10 ? UNP O49686 ? ? 'expression tag' -26 10 
1 3WG8 SER A 11 ? UNP O49686 ? ? 'expression tag' -25 11 
1 3WG8 SER A 12 ? UNP O49686 ? ? 'expression tag' -24 12 
1 3WG8 GLY A 13 ? UNP O49686 ? ? 'expression tag' -23 13 
1 3WG8 LEU A 14 ? UNP O49686 ? ? 'expression tag' -22 14 
1 3WG8 VAL A 15 ? UNP O49686 ? ? 'expression tag' -21 15 
1 3WG8 PRO A 16 ? UNP O49686 ? ? 'expression tag' -20 16 
1 3WG8 ARG A 17 ? UNP O49686 ? ? 'expression tag' -19 17 
1 3WG8 GLY A 18 ? UNP O49686 ? ? 'expression tag' -18 18 
1 3WG8 SER A 19 ? UNP O49686 ? ? 'expression tag' -17 19 
1 3WG8 HIS A 20 ? UNP O49686 ? ? 'expression tag' -16 20 
1 3WG8 MET A 21 ? UNP O49686 ? ? 'expression tag' -15 21 
1 3WG8 ALA A 22 ? UNP O49686 ? ? 'expression tag' -14 22 
1 3WG8 SER A 23 ? UNP O49686 ? ? 'expression tag' -13 23 
1 3WG8 MET A 24 ? UNP O49686 ? ? 'expression tag' -12 24 
1 3WG8 THR A 25 ? UNP O49686 ? ? 'expression tag' -11 25 
1 3WG8 GLY A 26 ? UNP O49686 ? ? 'expression tag' -10 26 
1 3WG8 GLY A 27 ? UNP O49686 ? ? 'expression tag' -9  27 
1 3WG8 GLN A 28 ? UNP O49686 ? ? 'expression tag' -8  28 
1 3WG8 GLN A 29 ? UNP O49686 ? ? 'expression tag' -7  29 
1 3WG8 MET A 30 ? UNP O49686 ? ? 'expression tag' -6  30 
1 3WG8 GLY A 31 ? UNP O49686 ? ? 'expression tag' -5  31 
1 3WG8 ARG A 32 ? UNP O49686 ? ? 'expression tag' -4  32 
1 3WG8 GLY A 33 ? UNP O49686 ? ? 'expression tag' -3  33 
1 3WG8 SER A 34 ? UNP O49686 ? ? 'expression tag' -2  34 
1 3WG8 GLU A 35 ? UNP O49686 ? ? 'expression tag' -1  35 
1 3WG8 PHE A 36 ? UNP O49686 ? ? 'expression tag' 0   36 
# 
loop_
_chem_comp.id 
_chem_comp.type 
_chem_comp.mon_nstd_flag 
_chem_comp.name 
_chem_comp.pdbx_synonyms 
_chem_comp.formula 
_chem_comp.formula_weight 
6AS non-polymer         . 
'(2Z,4E)-5-[(1S)-3-(hexylsulfanyl)-1-hydroxy-2,6,6-trimethyl-4-oxocyclohex-2-en-1-yl]-3-methylpenta-2,4-dienoic acid' ? 
'C21 H32 O4 S'   380.541 
ALA 'L-peptide linking' y ALANINE ? 'C3 H7 N O2'     89.093  
ARG 'L-peptide linking' y ARGININE ? 'C6 H15 N4 O2 1' 175.209 
ASN 'L-peptide linking' y ASPARAGINE ? 'C4 H8 N2 O3'    132.118 
ASP 'L-peptide linking' y 'ASPARTIC ACID' ? 'C4 H7 N O4'     133.103 
CYS 'L-peptide linking' y CYSTEINE ? 'C3 H7 N O2 S'   121.158 
GLN 'L-peptide linking' y GLUTAMINE ? 'C5 H10 N2 O3'   146.144 
GLU 'L-peptide linking' y 'GLUTAMIC ACID' ? 'C5 H9 N O4'     147.129 
GLY 'peptide linking'   y GLYCINE ? 'C2 H5 N O2'     75.067  
HIS 'L-peptide linking' y HISTIDINE ? 'C6 H10 N3 O2 1' 156.162 
HOH non-polymer         . WATER ? 'H2 O'           18.015  
ILE 'L-peptide linking' y ISOLEUCINE ? 'C6 H13 N O2'    131.173 
LEU 'L-peptide linking' y LEUCINE ? 'C6 H13 N O2'    131.173 
LYS 'L-peptide linking' y LYSINE ? 'C6 H15 N2 O2 1' 147.195 
MET 'L-peptide linking' y METHIONINE ? 'C5 H11 N O2 S'  149.211 
PHE 'L-peptide linking' y PHENYLALANINE ? 'C9 H11 N O2'    165.189 
PRO 'L-peptide linking' y PROLINE ? 'C5 H9 N O2'     115.130 
SER 'L-peptide linking' y SERINE ? 'C3 H7 N O3'     105.093 
THR 'L-peptide linking' y THREONINE ? 'C4 H9 N O3'     119.119 
TRP 'L-peptide linking' y TRYPTOPHAN ? 'C11 H12 N2 O2'  204.225 
TYR 'L-peptide linking' y TYROSINE ? 'C9 H11 N O3'    181.189 
VAL 'L-peptide linking' y VALINE ? 'C5 H11 N O2'    117.146 
# 
_exptl.entry_id          3WG8 
_exptl.method            'X-RAY DIFFRACTION' 
_exptl.crystals_number   1 
# 
_exptl_crystal.id                    1 
_exptl_crystal.density_meas          ? 
_exptl_crystal.density_Matthews      1.99 
_exptl_crystal.density_percent_sol   38.16 
_exptl_crystal.description           ? 
_exptl_crystal.F_000                 ? 
_exptl_crystal.preparation           ? 
# 
_exptl_crystal_grow.crystal_id      1 
_exptl_crystal_grow.method          'VAPOR DIFFUSION, HANGING DROP' 
_exptl_crystal_grow.temp            293 
_exptl_crystal_grow.temp_details    ? 
_exptl_crystal_grow.pH              7.5 
_exptl_crystal_grow.pdbx_details    '20% PEG 10000, 0.1M HEPES, 1mM AS6, pH 7.5, VAPOR DIFFUSION, HANGING DROP, temperature 293K' 
_exptl_crystal_grow.pdbx_pH_range   . 
# 
_diffrn.id                     1 
_diffrn.ambient_temp           95.0 
_diffrn.ambient_temp_details   ? 
_diffrn.crystal_id             1 
# 
_diffrn_detector.diffrn_id              1 
_diffrn_detector.detector               CCD 
_diffrn_detector.type                   'ADSC QUANTUM 270' 
_diffrn_detector.pdbx_collection_date   2013-02-10 
_diffrn_detector.details                ? 
# 
_diffrn_radiation.diffrn_id                        1 
_diffrn_radiation.wavelength_id                    1 
_diffrn_radiation.pdbx_monochromatic_or_laue_m_l   M 
_diffrn_radiation.monochromator                    'Si(111)' 
_diffrn_radiation.pdbx_diffrn_protocol             'SINGLE WAVELENGTH' 
_diffrn_radiation.pdbx_scattering_type             x-ray 
# 
_diffrn_radiation_wavelength.id           1 
_diffrn_radiation_wavelength.wavelength   0.9800 
_diffrn_radiation_wavelength.wt           1.0 
# 
_diffrn_source.diffrn_id                   1 
_diffrn_source.source                      SYNCHROTRON 
_diffrn_source.type                        'PHOTON FACTORY BEAMLINE BL-17A' 
_diffrn_source.pdbx_synchrotron_site       'Photon Factory' 
_diffrn_source.pdbx_synchrotron_beamline   BL-17A 
_diffrn_source.pdbx_wavelength             ? 
_diffrn_source.pdbx_wavelength_list        0.9800 
# 
_reflns.entry_id                     3WG8 
_reflns.observed_criterion_sigma_I   0.0 
_reflns.observed_criterion_sigma_F   0.0 
_reflns.d_resolution_low             50.0 
_reflns.d_resolution_high            2.30 
_reflns.number_obs                   9259 
_reflns.number_all                   9381 
_reflns.percent_possible_obs         98.7 
_reflns.pdbx_Rmerge_I_obs            ? 
_reflns.pdbx_Rsym_value              ? 
_reflns.pdbx_netI_over_sigmaI        ? 
_reflns.B_iso_Wilson_estimate        ? 
_reflns.pdbx_redundancy              ? 
_reflns.R_free_details               ? 
_reflns.limit_h_max                  ? 
_reflns.limit_h_min                  ? 
_reflns.limit_k_max                  ? 
_reflns.limit_k_min                  ? 
_reflns.limit_l_max                  ? 
_reflns.limit_l_min                  ? 
_reflns.observed_criterion_F_max     ? 
_reflns.observed_criterion_F_min     ? 
_reflns.pdbx_chi_squared             ? 
_reflns.pdbx_scaling_rejects         ? 
_reflns.pdbx_ordinal                 1 
_reflns.pdbx_diffrn_id               1 
# 
_reflns_shell.d_res_high                  2.30 
_reflns_shell.d_res_low                   2.38 
_reflns_shell.percent_possible_all        98.6 
_reflns_shell.Rmerge_I_obs                ? 
_reflns_shell.pdbx_Rsym_value             ? 
_reflns_shell.meanI_over_sigI_obs         ? 
_reflns_shell.pdbx_redundancy             ? 
_reflns_shell.percent_possible_obs        ? 
_reflns_shell.number_unique_all           ? 
_reflns_shell.number_measured_all         ? 
_reflns_shell.number_measured_obs         ? 
_reflns_shell.number_unique_obs           ? 
_reflns_shell.pdbx_chi_squared            ? 
_reflns_shell.pdbx_rejects                ? 
_reflns_shell.pdbx_netI_over_sigmaI_obs   ? 
_reflns_shell.number_possible             ? 
_reflns_shell.Rmerge_F_all                ? 
_reflns_shell.Rmerge_F_obs                ? 
_reflns_shell.Rmerge_I_all                ? 
_reflns_shell.meanI_over_sigI_all         ? 
_reflns_shell.pdbx_Rrim_I_all             ? 
_reflns_shell.pdbx_Rpim_I_all             ? 
_reflns_shell.pdbx_ordinal                1 
_reflns_shell.pdbx_diffrn_id              1 
# 
_refine.entry_id                                 3WG8 
_refine.ls_number_reflns_obs                     8811 
_refine.ls_number_reflns_all                     8912 
_refine.pdbx_ls_sigma_I                          ? 
_refine.pdbx_ls_sigma_F                          0.0 
_refine.pdbx_data_cutoff_high_absF               ? 
_refine.pdbx_data_cutoff_low_absF                ? 
_refine.pdbx_data_cutoff_high_rms_absF           ? 
_refine.ls_d_res_low                             32.45 
_refine.ls_d_res_high                            2.30 
_refine.ls_percent_reflns_obs                    98.87 
_refine.ls_R_factor_obs                          0.23950 
_refine.ls_R_factor_all                          ? 
_refine.ls_R_factor_R_work                       0.23750 
_refine.ls_R_factor_R_free                       0.28139 
_refine.ls_R_factor_R_free_error                 ? 
_refine.ls_R_factor_R_free_error_details         ? 
_refine.ls_percent_reflns_R_free                 4.8 
_refine.ls_number_reflns_R_free                  445 
_refine.ls_number_parameters                     ? 
_refine.ls_number_restraints                     ? 
_refine.occupancy_min                            ? 
_refine.occupancy_max                            ? 
_refine.correlation_coeff_Fo_to_Fc               0.933 
_refine.correlation_coeff_Fo_to_Fc_free          0.923 
_refine.B_iso_mean                               48.608 
_refine.aniso_B[1][1]                            0.54 
_refine.aniso_B[2][2]                            0.54 
_refine.aniso_B[3][3]                            -1.75 
_refine.aniso_B[1][2]                            0.54 
_refine.aniso_B[1][3]                            0.00 
_refine.aniso_B[2][3]                            0.00 
_refine.solvent_model_details                    MASK 
_refine.solvent_model_param_ksol                 ? 
_refine.solvent_model_param_bsol                 ? 
_refine.pdbx_solvent_vdw_probe_radii             1.20 
_refine.pdbx_solvent_ion_probe_radii             0.80 
_refine.pdbx_solvent_shrinkage_radii             0.80 
_refine.pdbx_ls_cross_valid_method               THROUGHOUT 
_refine.details                                  'HYDROGENS HAVE BEEN ADDED IN THE RIDING POSITIONS' 
_refine.pdbx_starting_model                      3K90 
_refine.pdbx_method_to_determine_struct          'MOLECULAR REPLACEMENT' 
_refine.pdbx_isotropic_thermal_model             ? 
_refine.pdbx_stereochemistry_target_values       'MAXIMUM LIKELIHOOD' 
_refine.pdbx_stereochem_target_val_spec_case     ? 
_refine.pdbx_R_Free_selection_details            RANDOM 
_refine.pdbx_overall_ESU_R                       0.394 
_refine.pdbx_overall_ESU_R_Free                  0.270 
_refine.overall_SU_ML                            ? 
_refine.pdbx_overall_phase_error                 ? 
_refine.overall_SU_B                             ? 
_refine.overall_SU_R_Cruickshank_DPI             ? 
_refine.ls_redundancy_reflns_obs                 ? 
_refine.B_iso_min                                ? 
_refine.B_iso_max                                ? 
_refine.overall_SU_R_free                        ? 
_refine.ls_wR_factor_R_free                      ? 
_refine.ls_wR_factor_R_work                      ? 
_refine.overall_FOM_free_R_set                   ? 
_refine.overall_FOM_work_R_set                   ? 
_refine.pdbx_diffrn_id                           1 
_refine.pdbx_refine_id                           'X-RAY DIFFRACTION' 
_refine.pdbx_TLS_residual_ADP_flag               ? 
_refine.pdbx_overall_SU_R_free_Cruickshank_DPI   ? 
_refine.pdbx_overall_SU_R_Blow_DPI               ? 
_refine.pdbx_overall_SU_R_free_Blow_DPI          ? 
# 
_refine_hist.pdbx_refine_id                   'X-RAY DIFFRACTION' 
_refine_hist.cycle_id                         LAST 
_refine_hist.pdbx_number_atoms_protein        1408 
_refine_hist.pdbx_number_atoms_nucleic_acid   0 
_refine_hist.pdbx_number_atoms_ligand         26 
_refine_hist.number_atoms_solvent             33 
_refine_hist.number_atoms_total               1467 
_refine_hist.d_res_high                       2.30 
_refine_hist.d_res_low                        32.45 
# 
loop_
_refine_ls_restr.type 
_refine_ls_restr.dev_ideal 
_refine_ls_restr.dev_ideal_target 
_refine_ls_restr.weight 
_refine_ls_restr.number 
_refine_ls_restr.pdbx_restraint_function 
_refine_ls_restr.pdbx_refine_id 
r_bond_refined_d             0.015  0.019  ? 1460 ? 'X-RAY DIFFRACTION' 
r_bond_other_d               0.003  0.020  ? 1394 ? 'X-RAY DIFFRACTION' 
r_angle_refined_deg          1.843  1.963  ? 1977 ? 'X-RAY DIFFRACTION' 
r_angle_other_deg            3.603  3.005  ? 3203 ? 'X-RAY DIFFRACTION' 
r_dihedral_angle_1_deg       10.216 5.000  ? 173  ? 'X-RAY DIFFRACTION' 
r_dihedral_angle_2_deg       37.020 23.286 ? 70   ? 'X-RAY DIFFRACTION' 
r_dihedral_angle_3_deg       17.372 15.000 ? 257  ? 'X-RAY DIFFRACTION' 
r_dihedral_angle_4_deg       24.137 15.000 ? 14   ? 'X-RAY DIFFRACTION' 
r_chiral_restr               0.107  0.200  ? 224  ? 'X-RAY DIFFRACTION' 
r_gen_planes_refined         0.008  0.021  ? 1612 ? 'X-RAY DIFFRACTION' 
r_gen_planes_other           0.012  0.020  ? 334  ? 'X-RAY DIFFRACTION' 
r_nbd_refined                ?      ?      ? ?    ? 'X-RAY DIFFRACTION' 
r_nbd_other                  ?      ?      ? ?    ? 'X-RAY DIFFRACTION' 
r_nbtor_refined              ?      ?      ? ?    ? 'X-RAY DIFFRACTION' 
r_nbtor_other                ?      ?      ? ?    ? 'X-RAY DIFFRACTION' 
r_xyhbond_nbd_refined        ?      ?      ? ?    ? 'X-RAY DIFFRACTION' 
r_xyhbond_nbd_other          ?      ?      ? ?    ? 'X-RAY DIFFRACTION' 
r_metal_ion_refined          ?      ?      ? ?    ? 'X-RAY DIFFRACTION' 
r_metal_ion_other            ?      ?      ? ?    ? 'X-RAY DIFFRACTION' 
r_symmetry_vdw_refined       ?      ?      ? ?    ? 'X-RAY DIFFRACTION' 
r_symmetry_vdw_other         ?      ?      ? ?    ? 'X-RAY DIFFRACTION' 
r_symmetry_hbond_refined     ?      ?      ? ?    ? 'X-RAY DIFFRACTION' 
r_symmetry_hbond_other       ?      ?      ? ?    ? 'X-RAY DIFFRACTION' 
r_symmetry_metal_ion_refined ?      ?      ? ?    ? 'X-RAY DIFFRACTION' 
r_symmetry_metal_ion_other   ?      ?      ? ?    ? 'X-RAY DIFFRACTION' 
r_mcbond_it                  ?      ?      ? ?    ? 'X-RAY DIFFRACTION' 
r_mcbond_other               ?      ?      ? ?    ? 'X-RAY DIFFRACTION' 
r_mcangle_it                 ?      ?      ? ?    ? 'X-RAY DIFFRACTION' 
r_scbond_it                  ?      ?      ? ?    ? 'X-RAY DIFFRACTION' 
r_scangle_it                 ?      ?      ? ?    ? 'X-RAY DIFFRACTION' 
r_rigid_bond_restr           ?      ?      ? ?    ? 'X-RAY DIFFRACTION' 
r_sphericity_free            ?      ?      ? ?    ? 'X-RAY DIFFRACTION' 
r_sphericity_bonded          ?      ?      ? ?    ? 'X-RAY DIFFRACTION' 
# 
_refine_ls_shell.pdbx_refine_id                   'X-RAY DIFFRACTION' 
_refine_ls_shell.pdbx_total_number_of_bins_used   20 
_refine_ls_shell.d_res_high                       2.302 
_refine_ls_shell.d_res_low                        2.361 
_refine_ls_shell.number_reflns_R_work             634 
_refine_ls_shell.R_factor_R_work                  0.311 
_refine_ls_shell.percent_reflns_obs               99.12 
_refine_ls_shell.R_factor_R_free                  0.404 
_refine_ls_shell.R_factor_R_free_error            ? 
_refine_ls_shell.percent_reflns_R_free            ? 
_refine_ls_shell.number_reflns_R_free             42 
_refine_ls_shell.number_reflns_all                ? 
_refine_ls_shell.R_factor_all                     ? 
_refine_ls_shell.number_reflns_obs                ? 
_refine_ls_shell.redundancy_reflns_obs            ? 
# 
_struct.entry_id                  3WG8 
_struct.title                     'Crystal structure of the abscisic acid receptor PYR1 in complex with an antagonist AS6' 
_struct.pdbx_model_details        ? 
_struct.pdbx_CASP_flag            ? 
_struct.pdbx_model_type_details   ? 
# 
_struct_keywords.entry_id        3WG8 
_struct_keywords.pdbx_keywords   'HORMONE RECEPTOR' 
_struct_keywords.text            'Abscisic acid, HORMONE RECEPTOR' 
# 
loop_
_struct_asym.id 
_struct_asym.pdbx_blank_PDB_chainid_flag 
_struct_asym.pdbx_modified 
_struct_asym.entity_id 
_struct_asym.details 
A N N 1 ? 
B N N 2 ? 
C N N 3 ? 
# 
_struct_biol.id        1 
_struct_biol.details   ? 
# 
loop_
_struct_conf.conf_type_id 
_struct_conf.id 
_struct_conf.pdbx_PDB_helix_id 
_struct_conf.beg_label_comp_id 
_struct_conf.beg_label_asym_id 
_struct_conf.beg_label_seq_id 
_struct_conf.pdbx_beg_PDB_ins_code 
_struct_conf.end_label_comp_id 
_struct_conf.end_label_asym_id 
_struct_conf.end_label_seq_id 
_struct_conf.pdbx_end_PDB_ins_code 
_struct_conf.beg_auth_comp_id 
_struct_conf.beg_auth_asym_id 
_struct_conf.beg_auth_seq_id 
_struct_conf.end_auth_comp_id 
_struct_conf.end_auth_asym_id 
_struct_conf.end_auth_seq_id 
_struct_conf.pdbx_PDB_helix_class 
_struct_conf.details 
_struct_conf.pdbx_PDB_helix_length 
HELX_P HELX_P1 1 THR A 42  ? HIS A 57  ? THR A 6   HIS A 21  1 ? 16 
HELX_P HELX_P2 2 PRO A 77  ? ARG A 87  ? PRO A 41  ARG A 51  1 ? 11 
HELX_P HELX_P3 3 LYS A 90  ? TYR A 94  ? LYS A 54  TYR A 58  5 ? 5  
HELX_P HELX_P4 4 ASP A 191 ? ALA A 215 ? ASP A 155 ALA A 179 1 ? 25 
# 
_struct_conf_type.id          HELX_P 
_struct_conf_type.criteria    ? 
_struct_conf_type.reference   ? 
# 
_struct_sheet.id               A 
_struct_sheet.type             ? 
_struct_sheet.number_strands   7 
_struct_sheet.details          ? 
# 
loop_
_struct_sheet_order.sheet_id 
_struct_sheet_order.range_id_1 
_struct_sheet_order.range_id_2 
_struct_sheet_order.offset 
_struct_sheet_order.sense 
A 1 2 ? anti-parallel 
A 2 3 ? anti-parallel 
A 3 4 ? anti-parallel 
A 4 5 ? anti-parallel 
A 5 6 ? anti-parallel 
A 6 7 ? anti-parallel 
# 
loop_
_struct_sheet_range.sheet_id 
_struct_sheet_range.id 
_struct_sheet_range.beg_label_comp_id 
_struct_sheet_range.beg_label_asym_id 
_struct_sheet_range.beg_label_seq_id 
_struct_sheet_range.pdbx_beg_PDB_ins_code 
_struct_sheet_range.end_label_comp_id 
_struct_sheet_range.end_label_asym_id 
_struct_sheet_range.end_label_seq_id 
_struct_sheet_range.pdbx_end_PDB_ins_code 
_struct_sheet_range.beg_auth_comp_id 
_struct_sheet_range.beg_auth_asym_id 
_struct_sheet_range.beg_auth_seq_id 
_struct_sheet_range.end_auth_comp_id 
_struct_sheet_range.end_auth_asym_id 
_struct_sheet_range.end_auth_seq_id 
A 1 SER A 65  ? ILE A 74  ? SER A 29  ILE A 38  
A 2 ARG A 170 ? ASP A 182 ? ARG A 134 ASP A 146 
A 3 TYR A 156 ? LYS A 167 ? TYR A 120 LYS A 131 
A 4 VAL A 141 ? GLY A 148 ? VAL A 105 GLY A 112 
A 5 THR A 127 ? ASP A 136 ? THR A 91  ASP A 100 
A 6 ASP A 116 ? VAL A 119 ? ASP A 80  VAL A 83  
A 7 ILE A 98  ? SER A 102 ? ILE A 62  SER A 66  
# 
loop_
_pdbx_struct_sheet_hbond.sheet_id 
_pdbx_struct_sheet_hbond.range_id_1 
_pdbx_struct_sheet_hbond.range_id_2 
_pdbx_struct_sheet_hbond.range_1_label_atom_id 
_pdbx_struct_sheet_hbond.range_1_label_comp_id 
_pdbx_struct_sheet_hbond.range_1_label_asym_id 
_pdbx_struct_sheet_hbond.range_1_label_seq_id 
_pdbx_struct_sheet_hbond.range_1_PDB_ins_code 
_pdbx_struct_sheet_hbond.range_1_auth_atom_id 
_pdbx_struct_sheet_hbond.range_1_auth_comp_id 
_pdbx_struct_sheet_hbond.range_1_auth_asym_id 
_pdbx_struct_sheet_hbond.range_1_auth_seq_id 
_pdbx_struct_sheet_hbond.range_2_label_atom_id 
_pdbx_struct_sheet_hbond.range_2_label_comp_id 
_pdbx_struct_sheet_hbond.range_2_label_asym_id 
_pdbx_struct_sheet_hbond.range_2_label_seq_id 
_pdbx_struct_sheet_hbond.range_2_PDB_ins_code 
_pdbx_struct_sheet_hbond.range_2_auth_atom_id 
_pdbx_struct_sheet_hbond.range_2_auth_comp_id 
_pdbx_struct_sheet_hbond.range_2_auth_asym_id 
_pdbx_struct_sheet_hbond.range_2_auth_seq_id 
A 1 2 N ILE A 74  ? N ILE A 38  O THR A 173 ? O THR A 137 
A 2 3 O LEU A 176 ? O LEU A 140 N THR A 161 ? N THR A 125 
A 3 4 O THR A 160 ? O THR A 124 N THR A 142 ? N THR A 106 
A 4 5 O GLY A 148 ? O GLY A 112 N THR A 129 ? N THR A 93  
A 5 6 O SER A 128 ? O SER A 92  N VAL A 117 ? N VAL A 81  
A 6 7 O ILE A 118 ? O ILE A 82  N SER A 100 ? N SER A 64  
# 
_struct_site.id                   AC1 
_struct_site.pdbx_evidence_code   Software 
_struct_site.pdbx_auth_asym_id    A 
_struct_site.pdbx_auth_comp_id    6AS 
_struct_site.pdbx_auth_seq_id     201 
_struct_site.pdbx_auth_ins_code   ? 
_struct_site.pdbx_num_residues    14 
_struct_site.details              'BINDING SITE FOR RESIDUE 6AS A 201' 
# 
loop_
_struct_site_gen.id 
_struct_site_gen.site_id 
_struct_site_gen.pdbx_num_res 
_struct_site_gen.label_comp_id 
_struct_site_gen.label_asym_id 
_struct_site_gen.label_seq_id 
_struct_site_gen.pdbx_auth_ins_code 
_struct_site_gen.auth_comp_id 
_struct_site_gen.auth_asym_id 
_struct_site_gen.auth_seq_id 
_struct_site_gen.label_atom_id 
_struct_site_gen.label_alt_id 
_struct_site_gen.symmetry 
_struct_site_gen.details 
1  AC1 14 LYS A 95  ? LYS A 59  . ? 1_555 ? 
2  AC1 14 SER A 121 ? SER A 85  . ? 4_555 ? 
3  AC1 14 LEU A 123 ? LEU A 87  . ? 1_555 ? 
4  AC1 14 ALA A 125 ? ALA A 89  . ? 1_555 ? 
5  AC1 14 SER A 128 ? SER A 92  . ? 1_555 ? 
6  AC1 14 PHE A 144 ? PHE A 108 . ? 1_555 ? 
7  AC1 14 ILE A 146 ? ILE A 110 . ? 1_555 ? 
8  AC1 14 LEU A 153 ? LEU A 117 . ? 1_555 ? 
9  AC1 14 TYR A 156 ? TYR A 120 . ? 1_555 ? 
10 AC1 14 GLU A 177 ? GLU A 141 . ? 1_555 ? 
11 AC1 14 PHE A 195 ? PHE A 159 . ? 1_555 ? 
12 AC1 14 VAL A 199 ? VAL A 163 . ? 1_555 ? 
13 AC1 14 HOH C .   ? HOH A 311 . ? 1_555 ? 
14 AC1 14 HOH C .   ? HOH A 316 . ? 1_555 ? 
# 
_atom_sites.entry_id                    3WG8 
_atom_sites.fract_transf_matrix[1][1]   0.00055544 
_atom_sites.fract_transf_matrix[1][2]   0.01163586 
_atom_sites.fract_transf_matrix[1][3]   -0.01272555 
_atom_sites.fract_transf_matrix[2][1]   0.01520482 
_atom_sites.fract_transf_matrix[2][2]   0.00518336 
_atom_sites.fract_transf_matrix[2][3]   -0.00629108 
_atom_sites.fract_transf_matrix[3][1]   -0.00035907 
_atom_sites.fract_transf_matrix[3][2]   -0.00942155 
_atom_sites.fract_transf_matrix[3][3]   -0.00863046 
_atom_sites.fract_transf_vector[1]      -0.343129 
_atom_sites.fract_transf_vector[2]      -0.089769 
_atom_sites.fract_transf_vector[3]      0.021753 
# 
loop_
_atom_type.symbol 
C 
N 
O 
S 
# 
loop_
_atom_site.group_PDB 
_atom_site.id 
_atom_site.type_symbol 
_atom_site.label_atom_id 
_atom_site.label_alt_id 
_atom_site.label_comp_id 
_atom_site.label_asym_id 
_atom_site.label_entity_id 
_atom_site.label_seq_id 
_atom_site.pdbx_PDB_ins_code 
_atom_site.Cartn_x 
_atom_site.Cartn_y 
_atom_site.Cartn_z 
_atom_site.occupancy 
_atom_site.B_iso_or_equiv 
_atom_site.pdbx_formal_charge 
_atom_site.auth_seq_id 
_atom_site.auth_comp_id 
_atom_site.auth_asym_id 
_atom_site.auth_atom_id 
_atom_site.pdbx_PDB_model_num 
ATOM   1    N N     . SER A 1 39  ? -15.259 6.119   9.538   0.50 55.59 ? 3   SER A N     1 
ATOM   2    C CA    . SER A 1 39  ? -14.654 4.774   9.347   0.50 53.19 ? 3   SER A CA    1 
ATOM   3    C C     . SER A 1 39  ? -13.143 4.822   9.538   0.50 54.12 ? 3   SER A C     1 
ATOM   4    O O     . SER A 1 39  ? -12.387 4.601   8.586   0.50 52.96 ? 3   SER A O     1 
ATOM   5    C CB    . SER A 1 39  ? -14.949 4.278   7.951   0.50 51.66 ? 3   SER A CB    1 
ATOM   6    O OG    . SER A 1 39  ? -14.156 4.976   7.028   0.50 51.90 ? 3   SER A OG    1 
ATOM   7    N N     . GLU A 1 40  ? -12.727 5.144   10.763  0.50 52.49 ? 4   GLU A N     1 
ATOM   8    C CA    . GLU A 1 40  ? -11.336 5.126   11.180  0.50 45.97 ? 4   GLU A CA    1 
ATOM   9    C C     . GLU A 1 40  ? -11.275 4.241   12.405  0.50 46.75 ? 4   GLU A C     1 
ATOM   10   O O     . GLU A 1 40  ? -12.305 3.873   12.949  0.50 45.62 ? 4   GLU A O     1 
ATOM   11   C CB    . GLU A 1 40  ? -10.863 6.521   11.534  0.50 47.97 ? 4   GLU A CB    1 
ATOM   12   C CG    . GLU A 1 40  ? -11.884 7.321   12.308  0.50 50.00 ? 4   GLU A CG    1 
ATOM   13   C CD    . GLU A 1 40  ? -11.512 8.781   12.406  0.50 52.84 ? 4   GLU A CD    1 
ATOM   14   O OE1   . GLU A 1 40  ? -10.430 9.067   12.941  0.50 52.57 ? 4   GLU A OE1   1 
ATOM   15   O OE2   . GLU A 1 40  ? -12.299 9.648   11.959  0.50 55.05 ? 4   GLU A OE2   1 
ATOM   16   N N     . LEU A 1 41  ? -10.070 3.908   12.851  1.00 53.34 ? 5   LEU A N     1 
ATOM   17   C CA    . LEU A 1 41  ? -9.861  2.816   13.843  1.00 48.83 ? 5   LEU A CA    1 
ATOM   18   C C     . LEU A 1 41  ? -10.231 3.172   15.286  1.00 52.41 ? 5   LEU A C     1 
ATOM   19   O O     . LEU A 1 41  ? -10.008 4.290   15.776  1.00 54.96 ? 5   LEU A O     1 
ATOM   20   C CB    . LEU A 1 41  ? -8.425  2.286   13.836  1.00 43.57 ? 5   LEU A CB    1 
ATOM   21   C CG    . LEU A 1 41  ? -7.749  1.766   12.568  1.00 41.86 ? 5   LEU A CG    1 
ATOM   22   C CD1   . LEU A 1 41  ? -6.422  1.127   12.939  1.00 39.05 ? 5   LEU A CD1   1 
ATOM   23   C CD2   . LEU A 1 41  ? -8.597  0.790   11.755  1.00 42.95 ? 5   LEU A CD2   1 
ATOM   24   N N     . THR A 1 42  ? -10.785 2.184   15.971  1.00 53.74 ? 6   THR A N     1 
ATOM   25   C CA    . THR A 1 42  ? -11.258 2.387   17.322  1.00 53.49 ? 6   THR A CA    1 
ATOM   26   C C     . THR A 1 42  ? -10.073 2.373   18.268  1.00 51.22 ? 6   THR A C     1 
ATOM   27   O O     . THR A 1 42  ? -8.987  1.868   17.920  1.00 52.59 ? 6   THR A O     1 
ATOM   28   C CB    . THR A 1 42  ? -12.238 1.265   17.719  1.00 54.25 ? 6   THR A CB    1 
ATOM   29   O OG1   . THR A 1 42  ? -11.547 0.008   17.740  1.00 53.51 ? 6   THR A OG1   1 
ATOM   30   C CG2   . THR A 1 42  ? -13.396 1.184   16.730  1.00 49.34 ? 6   THR A CG2   1 
ATOM   31   N N     . PRO A 1 43  ? -10.259 2.905   19.472  1.00 57.05 ? 7   PRO A N     1 
ATOM   32   C CA    . PRO A 1 43  ? -9.151  2.788   20.435  1.00 61.54 ? 7   PRO A CA    1 
ATOM   33   C C     . PRO A 1 43  ? -8.614  1.364   20.580  1.00 60.07 ? 7   PRO A C     1 
ATOM   34   O O     . PRO A 1 43  ? -7.396  1.181   20.735  1.00 60.96 ? 7   PRO A O     1 
ATOM   35   C CB    . PRO A 1 43  ? -9.766  3.307   21.740  1.00 54.51 ? 7   PRO A CB    1 
ATOM   36   C CG    . PRO A 1 43  ? -10.771 4.313   21.261  1.00 57.45 ? 7   PRO A CG    1 
ATOM   37   C CD    . PRO A 1 43  ? -11.345 3.768   19.978  1.00 54.18 ? 7   PRO A CD    1 
ATOM   38   N N     . GLU A 1 44  ? -9.500  0.369   20.506  1.00 60.06 ? 8   GLU A N     1 
ATOM   39   C CA    . GLU A 1 44  ? -9.089  -1.036  20.676  1.00 60.95 ? 8   GLU A CA    1 
ATOM   40   C C     . GLU A 1 44  ? -8.251  -1.554  19.526  1.00 54.53 ? 8   GLU A C     1 
ATOM   41   O O     . GLU A 1 44  ? -7.263  -2.246  19.737  1.00 57.43 ? 8   GLU A O     1 
ATOM   42   C CB    . GLU A 1 44  ? -10.304 -1.942  20.819  1.00 69.39 ? 8   GLU A CB    1 
ATOM   43   C CG    . GLU A 1 44  ? -11.010 -1.841  22.156  1.00 76.97 ? 8   GLU A CG    1 
ATOM   44   C CD    . GLU A 1 44  ? -11.850 -3.074  22.461  1.00 81.83 ? 8   GLU A CD    1 
ATOM   45   O OE1   . GLU A 1 44  ? -12.508 -3.576  21.531  1.00 78.83 ? 8   GLU A OE1   1 
ATOM   46   O OE2   . GLU A 1 44  ? -11.873 -3.536  23.626  1.00 83.48 ? 8   GLU A OE2   1 
ATOM   47   N N     . GLU A 1 45  ? -8.672  -1.242  18.301  1.00 52.68 ? 9   GLU A N     1 
ATOM   48   C CA    . GLU A 1 45  ? -7.911  -1.626  17.123  1.00 49.62 ? 9   GLU A CA    1 
ATOM   49   C C     . GLU A 1 45  ? -6.554  -0.947  17.169  1.00 49.64 ? 9   GLU A C     1 
ATOM   50   O O     . GLU A 1 45  ? -5.522  -1.594  16.914  1.00 50.20 ? 9   GLU A O     1 
ATOM   51   C CB    . GLU A 1 45  ? -8.643  -1.253  15.829  1.00 52.81 ? 9   GLU A CB    1 
ATOM   52   C CG    . GLU A 1 45  ? -9.895  -2.073  15.551  1.00 58.56 ? 9   GLU A CG    1 
ATOM   53   C CD    . GLU A 1 45  ? -10.880 -1.401  14.602  1.00 57.16 ? 9   GLU A CD    1 
ATOM   54   O OE1   . GLU A 1 45  ? -11.511 -2.135  13.815  1.00 50.84 ? 9   GLU A OE1   1 
ATOM   55   O OE2   . GLU A 1 45  ? -11.029 -0.157  14.653  1.00 58.11 ? 9   GLU A OE2   1 
ATOM   56   N N     . ARG A 1 46  ? -6.557  0.335   17.543  1.00 48.75 ? 10  ARG A N     1 
ATOM   57   C CA    . ARG A 1 46  ? -5.320  1.107   17.715  1.00 47.49 ? 10  ARG A CA    1 
ATOM   58   C C     . ARG A 1 46  ? -4.398  0.415   18.698  1.00 48.95 ? 10  ARG A C     1 
ATOM   59   O O     . ARG A 1 46  ? -3.239  0.154   18.377  1.00 51.97 ? 10  ARG A O     1 
ATOM   60   C CB    . ARG A 1 46  ? -5.606  2.575   18.128  1.00 50.27 ? 10  ARG A CB    1 
ATOM   61   C CG    . ARG A 1 46  ? -6.266  3.410   17.024  1.00 54.49 ? 10  ARG A CG    1 
ATOM   62   C CD    . ARG A 1 46  ? -5.984  4.910   17.121  1.00 57.61 ? 10  ARG A CD    1 
ATOM   63   N NE    . ARG A 1 46  ? -6.444  5.532   18.362  1.00 57.51 ? 10  ARG A NE    1 
ATOM   64   C CZ    . ARG A 1 46  ? -7.714  5.846   18.629  1.00 68.02 ? 10  ARG A CZ    1 
ATOM   65   N NH1   . ARG A 1 46  ? -8.681  5.589   17.743  1.00 66.97 ? 10  ARG A NH1   1 
ATOM   66   N NH2   . ARG A 1 46  ? -8.032  6.418   19.796  1.00 65.98 ? 10  ARG A NH2   1 
ATOM   67   N N     . SER A 1 47  ? -4.922  0.051   19.869  1.00 54.73 ? 11  SER A N     1 
ATOM   68   C CA    . SER A 1 47  ? -4.117  -0.654  20.895  1.00 52.20 ? 11  SER A CA    1 
ATOM   69   C C     . SER A 1 47  ? -3.522  -1.953  20.385  1.00 50.49 ? 11  SER A C     1 
ATOM   70   O O     . SER A 1 47  ? -2.344  -2.205  20.521  1.00 41.88 ? 11  SER A O     1 
ATOM   71   C CB    . SER A 1 47  ? -4.964  -0.983  22.125  1.00 55.06 ? 11  SER A CB    1 
ATOM   72   O OG    . SER A 1 47  ? -5.459  0.194   22.724  1.00 52.22 ? 11  SER A OG    1 
ATOM   73   N N     . GLU A 1 48  ? -4.369  -2.802  19.829  1.00 52.22 ? 12  GLU A N     1 
ATOM   74   C CA    . GLU A 1 48  ? -3.904  -4.037  19.233  1.00 53.01 ? 12  GLU A CA    1 
ATOM   75   C C     . GLU A 1 48  ? -2.796  -3.795  18.177  1.00 45.69 ? 12  GLU A C     1 
ATOM   76   O O     . GLU A 1 48  ? -1.892  -4.603  18.043  1.00 44.73 ? 12  GLU A O     1 
ATOM   77   C CB    . GLU A 1 48  ? -5.115  -4.751  18.600  1.00 61.52 ? 12  GLU A CB    1 
ATOM   78   C CG    . GLU A 1 48  ? -4.791  -5.896  17.633  1.00 71.96 ? 12  GLU A CG    1 
ATOM   79   C CD    . GLU A 1 48  ? -4.603  -7.235  18.325  1.00 80.06 ? 12  GLU A CD    1 
ATOM   80   O OE1   . GLU A 1 48  ? -5.464  -7.544  19.186  1.00 85.02 ? 12  GLU A OE1   1 
ATOM   81   O OE2   . GLU A 1 48  ? -3.623  -7.975  17.998  1.00 77.64 ? 12  GLU A OE2   1 
ATOM   82   N N     . LEU A 1 49  ? -2.883  -2.689  17.428  1.00 45.57 ? 13  LEU A N     1 
ATOM   83   C CA    . LEU A 1 49  ? -1.961  -2.401  16.318  1.00 46.28 ? 13  LEU A CA    1 
ATOM   84   C C     . LEU A 1 49  ? -0.742  -1.558  16.729  1.00 46.41 ? 13  LEU A C     1 
ATOM   85   O O     . LEU A 1 49  ? 0.177   -1.334  15.933  1.00 45.48 ? 13  LEU A O     1 
ATOM   86   C CB    . LEU A 1 49  ? -2.738  -1.726  15.192  1.00 48.16 ? 13  LEU A CB    1 
ATOM   87   C CG    . LEU A 1 49  ? -3.341  -2.572  14.040  1.00 49.41 ? 13  LEU A CG    1 
ATOM   88   C CD1   . LEU A 1 49  ? -3.423  -4.067  14.277  1.00 46.18 ? 13  LEU A CD1   1 
ATOM   89   C CD2   . LEU A 1 49  ? -4.691  -1.994  13.585  1.00 48.34 ? 13  LEU A CD2   1 
ATOM   90   N N     . LYS A 1 50  ? -0.721  -1.085  17.968  1.00 46.51 ? 14  LYS A N     1 
ATOM   91   C CA    . LYS A 1 50  ? 0.420   -0.310  18.476  1.00 51.92 ? 14  LYS A CA    1 
ATOM   92   C C     . LYS A 1 50  ? 1.776   -0.984  18.156  1.00 46.64 ? 14  LYS A C     1 
ATOM   93   O O     . LYS A 1 50  ? 2.692   -0.320  17.700  1.00 48.40 ? 14  LYS A O     1 
ATOM   94   C CB    . LYS A 1 50  ? 0.249   -0.121  19.993  1.00 61.42 ? 14  LYS A CB    1 
ATOM   95   C CG    . LYS A 1 50  ? 1.370   0.606   20.730  1.00 71.09 ? 14  LYS A CG    1 
ATOM   96   C CD    . LYS A 1 50  ? 1.726   -0.046  22.084  1.00 78.13 ? 14  LYS A CD    1 
ATOM   97   C CE    . LYS A 1 50  ? 0.638   0.154   23.143  1.00 81.09 ? 14  LYS A CE    1 
ATOM   98   N NZ    . LYS A 1 50  ? -0.540  -0.771  23.061  1.00 78.29 ? 14  LYS A NZ    1 
ATOM   99   N N     . ASN A 1 51  ? 1.902   -2.296  18.357  1.00 43.31 ? 15  ASN A N     1 
ATOM   100  C CA    . ASN A 1 51  ? 3.190   -2.967  18.134  1.00 43.82 ? 15  ASN A CA    1 
ATOM   101  C C     . ASN A 1 51  ? 3.567   -3.120  16.682  1.00 41.97 ? 15  ASN A C     1 
ATOM   102  O O     . ASN A 1 51  ? 4.747   -3.129  16.337  1.00 41.30 ? 15  ASN A O     1 
ATOM   103  C CB    . ASN A 1 51  ? 3.206   -4.347  18.784  1.00 48.49 ? 15  ASN A CB    1 
ATOM   104  C CG    . ASN A 1 51  ? 3.068   -4.255  20.276  1.00 57.45 ? 15  ASN A CG    1 
ATOM   105  O OD1   . ASN A 1 51  ? 3.556   -3.311  20.893  1.00 61.02 ? 15  ASN A OD1   1 
ATOM   106  N ND2   . ASN A 1 51  ? 2.378   -5.204  20.862  1.00 61.83 ? 15  ASN A ND2   1 
ATOM   107  N N     . SER A 1 52  ? 2.561   -3.271  15.834  1.00 38.92 ? 16  SER A N     1 
ATOM   108  C CA    . SER A 1 52  ? 2.809   -3.389  14.394  1.00 43.80 ? 16  SER A CA    1 
ATOM   109  C C     . SER A 1 52  ? 3.304   -2.038  13.841  1.00 37.53 ? 16  SER A C     1 
ATOM   110  O O     . SER A 1 52  ? 4.163   -1.963  12.973  1.00 44.06 ? 16  SER A O     1 
ATOM   111  C CB    . SER A 1 52  ? 1.530   -3.850  13.663  1.00 47.06 ? 16  SER A CB    1 
ATOM   112  O OG    . SER A 1 52  ? 0.874   -4.920  14.342  1.00 50.81 ? 16  SER A OG    1 
ATOM   113  N N     . ILE A 1 53  ? 2.787   -0.965  14.391  1.00 38.49 ? 17  ILE A N     1 
ATOM   114  C CA    . ILE A 1 53  ? 3.155   0.387   13.936  1.00 39.94 ? 17  ILE A CA    1 
ATOM   115  C C     . ILE A 1 53  ? 4.620   0.648   14.325  1.00 38.95 ? 17  ILE A C     1 
ATOM   116  O O     . ILE A 1 53  ? 5.436   1.113   13.498  1.00 34.66 ? 17  ILE A O     1 
ATOM   117  C CB    . ILE A 1 53  ? 2.170   1.427   14.506  1.00 37.13 ? 17  ILE A CB    1 
ATOM   118  C CG1   . ILE A 1 53  ? 0.776   1.187   13.909  1.00 36.50 ? 17  ILE A CG1   1 
ATOM   119  C CG2   . ILE A 1 53  ? 2.651   2.848   14.261  1.00 39.68 ? 17  ILE A CG2   1 
ATOM   120  C CD1   . ILE A 1 53  ? -0.357  1.893   14.652  1.00 36.44 ? 17  ILE A CD1   1 
ATOM   121  N N     . ALA A 1 54  ? 4.975   0.248   15.543  1.00 38.97 ? 18  ALA A N     1 
ATOM   122  C CA    . ALA A 1 54  ? 6.361   0.409   16.025  1.00 34.87 ? 18  ALA A CA    1 
ATOM   123  C C     . ALA A 1 54  ? 7.348   -0.363  15.183  1.00 34.87 ? 18  ALA A C     1 
ATOM   124  O O     . ALA A 1 54  ? 8.410   0.142   14.896  1.00 37.68 ? 18  ALA A O     1 
ATOM   125  C CB    . ALA A 1 54  ? 6.474   -0.037  17.472  1.00 37.84 ? 18  ALA A CB    1 
ATOM   126  N N     . GLU A 1 55  ? 6.960   -1.553  14.733  1.00 33.89 ? 19  GLU A N     1 
ATOM   127  C CA    . GLU A 1 55  ? 7.864   -2.475  14.043  1.00 37.79 ? 19  GLU A CA    1 
ATOM   128  C C     . GLU A 1 55  ? 7.993   -2.183  12.553  1.00 40.15 ? 19  GLU A C     1 
ATOM   129  O O     . GLU A 1 55  ? 9.072   -2.290  12.001  1.00 39.60 ? 19  GLU A O     1 
ATOM   130  C CB    . GLU A 1 55  ? 7.396   -3.940  14.269  1.00 41.28 ? 19  GLU A CB    1 
ATOM   131  C CG    . GLU A 1 55  ? 8.326   -4.967  13.605  1.00 48.54 ? 19  GLU A CG    1 
ATOM   132  C CD    . GLU A 1 55  ? 8.156   -6.429  14.050  1.00 45.78 ? 19  GLU A CD    1 
ATOM   133  O OE1   . GLU A 1 55  ? 9.045   -7.217  13.697  1.00 48.82 ? 19  GLU A OE1   1 
ATOM   134  O OE2   . GLU A 1 55  ? 7.175   -6.831  14.711  1.00 46.91 ? 19  GLU A OE2   1 
ATOM   135  N N     . PHE A 1 56  ? 6.885   -1.831  11.890  1.00 41.13 ? 20  PHE A N     1 
ATOM   136  C CA    . PHE A 1 56  ? 6.875   -1.660  10.417  1.00 37.71 ? 20  PHE A CA    1 
ATOM   137  C C     . PHE A 1 56  ? 6.560   -0.249  9.894   1.00 35.92 ? 20  PHE A C     1 
ATOM   138  O O     . PHE A 1 56  ? 6.759   0.032   8.695   1.00 39.41 ? 20  PHE A O     1 
ATOM   139  C CB    . PHE A 1 56  ? 5.853   -2.636  9.832   1.00 39.59 ? 20  PHE A CB    1 
ATOM   140  C CG    . PHE A 1 56  ? 6.126   -4.097  10.165  1.00 38.02 ? 20  PHE A CG    1 
ATOM   141  C CD1   . PHE A 1 56  ? 7.158   -4.794  9.532   1.00 38.08 ? 20  PHE A CD1   1 
ATOM   142  C CD2   . PHE A 1 56  ? 5.336   -4.768  11.079  1.00 39.33 ? 20  PHE A CD2   1 
ATOM   143  C CE1   . PHE A 1 56  ? 7.424   -6.110  9.843   1.00 36.17 ? 20  PHE A CE1   1 
ATOM   144  C CE2   . PHE A 1 56  ? 5.587   -6.077  11.402  1.00 39.50 ? 20  PHE A CE2   1 
ATOM   145  C CZ    . PHE A 1 56  ? 6.626   -6.753  10.772  1.00 41.02 ? 20  PHE A CZ    1 
ATOM   146  N N     . HIS A 1 57  ? 6.029   0.628   10.754  1.00 33.93 ? 21  HIS A N     1 
ATOM   147  C CA    . HIS A 1 57  ? 5.466   1.912   10.281  1.00 36.85 ? 21  HIS A CA    1 
ATOM   148  C C     . HIS A 1 57  ? 6.093   3.145   10.959  1.00 39.75 ? 21  HIS A C     1 
ATOM   149  O O     . HIS A 1 57  ? 5.517   4.267   10.933  1.00 37.99 ? 21  HIS A O     1 
ATOM   150  C CB    . HIS A 1 57  ? 3.947   1.939   10.438  1.00 36.42 ? 21  HIS A CB    1 
ATOM   151  C CG    . HIS A 1 57  ? 3.241   0.877   9.654   1.00 33.38 ? 21  HIS A CG    1 
ATOM   152  N ND1   . HIS A 1 57  ? 3.210   0.878   8.285   1.00 31.82 ? 21  HIS A ND1   1 
ATOM   153  C CD2   . HIS A 1 57  ? 2.539   -0.213  10.048  1.00 35.65 ? 21  HIS A CD2   1 
ATOM   154  C CE1   . HIS A 1 57  ? 2.551   -0.186  7.859   1.00 38.18 ? 21  HIS A CE1   1 
ATOM   155  N NE2   . HIS A 1 57  ? 2.149   -0.877  8.908   1.00 36.14 ? 21  HIS A NE2   1 
ATOM   156  N N     . THR A 1 58  ? 7.284   2.922   11.500  1.00 36.14 ? 22  THR A N     1 
ATOM   157  C CA    . THR A 1 58  ? 7.985   3.941   12.223  1.00 40.94 ? 22  THR A CA    1 
ATOM   158  C C     . THR A 1 58  ? 9.273   4.171   11.486  1.00 40.54 ? 22  THR A C     1 
ATOM   159  O O     . THR A 1 58  ? 9.996   3.228   11.116  1.00 42.61 ? 22  THR A O     1 
ATOM   160  C CB    . THR A 1 58  ? 8.207   3.557   13.698  1.00 39.49 ? 22  THR A CB    1 
ATOM   161  O OG1   . THR A 1 58  ? 6.917   3.414   14.340  1.00 36.16 ? 22  THR A OG1   1 
ATOM   162  C CG2   . THR A 1 58  ? 8.964   4.678   14.394  1.00 40.14 ? 22  THR A CG2   1 
ATOM   163  N N     . TYR A 1 59  ? 9.527   5.423   11.187  1.00 38.48 ? 23  TYR A N     1 
ATOM   164  C CA    . TYR A 1 59  ? 10.651  5.703   10.362  1.00 41.18 ? 23  TYR A CA    1 
ATOM   165  C C     . TYR A 1 59  ? 11.518  6.738   11.037  1.00 44.25 ? 23  TYR A C     1 
ATOM   166  O O     . TYR A 1 59  ? 11.028  7.602   11.773  1.00 43.03 ? 23  TYR A O     1 
ATOM   167  C CB    . TYR A 1 59  ? 10.199  6.243   9.022   1.00 44.27 ? 23  TYR A CB    1 
ATOM   168  C CG    . TYR A 1 59  ? 9.215   5.384   8.250   1.00 47.23 ? 23  TYR A CG    1 
ATOM   169  C CD1   . TYR A 1 59  ? 9.662   4.514   7.279   1.00 48.48 ? 23  TYR A CD1   1 
ATOM   170  C CD2   . TYR A 1 59  ? 7.838   5.483   8.466   1.00 43.77 ? 23  TYR A CD2   1 
ATOM   171  C CE1   . TYR A 1 59  ? 8.785   3.738   6.565   1.00 50.06 ? 23  TYR A CE1   1 
ATOM   172  C CE2   . TYR A 1 59  ? 6.949   4.721   7.747   1.00 43.42 ? 23  TYR A CE2   1 
ATOM   173  C CZ    . TYR A 1 59  ? 7.412   3.851   6.787   1.00 49.51 ? 23  TYR A CZ    1 
ATOM   174  O OH    . TYR A 1 59  ? 6.542   3.054   6.036   1.00 43.49 ? 23  TYR A OH    1 
ATOM   175  N N     . GLN A 1 60  ? 12.799  6.631   10.708  1.00 46.48 ? 24  GLN A N     1 
ATOM   176  C CA    . GLN A 1 60  ? 13.832  7.572   11.036  1.00 49.14 ? 24  GLN A CA    1 
ATOM   177  C C     . GLN A 1 60  ? 13.894  8.535   9.913   1.00 40.59 ? 24  GLN A C     1 
ATOM   178  O O     . GLN A 1 60  ? 14.452  8.220   8.874   1.00 34.52 ? 24  GLN A O     1 
ATOM   179  C CB    . GLN A 1 60  ? 15.181  6.839   11.003  1.00 57.80 ? 24  GLN A CB    1 
ATOM   180  C CG    . GLN A 1 60  ? 15.239  5.630   11.900  1.00 63.63 ? 24  GLN A CG    1 
ATOM   181  C CD    . GLN A 1 60  ? 15.340  6.069   13.322  1.00 61.39 ? 24  GLN A CD    1 
ATOM   182  O OE1   . GLN A 1 60  ? 14.414  6.651   13.862  1.00 57.65 ? 24  GLN A OE1   1 
ATOM   183  N NE2   . GLN A 1 60  ? 16.485  5.820   13.937  1.00 73.26 ? 24  GLN A NE2   1 
ATOM   184  N N     . LEU A 1 61  ? 13.311  9.704   10.046  1.00 39.86 ? 25  LEU A N     1 
ATOM   185  C CA    . LEU A 1 61  ? 13.236  10.550  8.835   1.00 41.92 ? 25  LEU A CA    1 
ATOM   186  C C     . LEU A 1 61  ? 14.568  11.248  8.467   1.00 39.76 ? 25  LEU A C     1 
ATOM   187  O O     . LEU A 1 61  ? 15.303  11.698  9.340   1.00 37.85 ? 25  LEU A O     1 
ATOM   188  C CB    . LEU A 1 61  ? 12.132  11.595  8.989   1.00 39.02 ? 25  LEU A CB    1 
ATOM   189  C CG    . LEU A 1 61  ? 10.718  11.057  9.063   1.00 36.88 ? 25  LEU A CG    1 
ATOM   190  C CD1   . LEU A 1 61  ? 9.840   12.169  9.579   1.00 39.29 ? 25  LEU A CD1   1 
ATOM   191  C CD2   . LEU A 1 61  ? 10.289  10.561  7.689   1.00 38.83 ? 25  LEU A CD2   1 
ATOM   192  N N     . ASP A 1 62  ? 14.821  11.386  7.173   1.00 40.96 ? 26  ASP A N     1 
ATOM   193  C CA    . ASP A 1 62  ? 15.803  12.345  6.639   1.00 41.47 ? 26  ASP A CA    1 
ATOM   194  C C     . ASP A 1 62  ? 15.171  13.761  6.669   1.00 40.31 ? 26  ASP A C     1 
ATOM   195  O O     . ASP A 1 62  ? 13.999  13.909  6.334   1.00 40.86 ? 26  ASP A O     1 
ATOM   196  C CB    . ASP A 1 62  ? 16.129  11.995  5.171   1.00 47.44 ? 26  ASP A CB    1 
ATOM   197  C CG    . ASP A 1 62  ? 17.432  11.218  5.009   1.00 53.20 ? 26  ASP A CG    1 
ATOM   198  O OD1   . ASP A 1 62  ? 17.580  10.105  5.565   1.00 52.75 ? 26  ASP A OD1   1 
ATOM   199  O OD2   . ASP A 1 62  ? 18.310  11.727  4.294   1.00 56.19 ? 26  ASP A OD2   1 
ATOM   200  N N     . PRO A 1 63  ? 15.931  14.802  7.074   1.00 35.53 ? 27  PRO A N     1 
ATOM   201  C CA    . PRO A 1 63  ? 15.371  16.140  6.979   1.00 33.79 ? 27  PRO A CA    1 
ATOM   202  C C     . PRO A 1 63  ? 14.940  16.466  5.568   1.00 36.46 ? 27  PRO A C     1 
ATOM   203  O O     . PRO A 1 63  ? 15.608  16.100  4.628   1.00 35.66 ? 27  PRO A O     1 
ATOM   204  C CB    . PRO A 1 63  ? 16.537  17.028  7.418   1.00 36.35 ? 27  PRO A CB    1 
ATOM   205  C CG    . PRO A 1 63  ? 17.258  16.196  8.421   1.00 34.01 ? 27  PRO A CG    1 
ATOM   206  C CD    . PRO A 1 63  ? 17.155  14.779  7.899   1.00 37.06 ? 27  PRO A CD    1 
ATOM   207  N N     . GLY A 1 64  ? 13.793  17.109  5.413   1.00 36.05 ? 28  GLY A N     1 
ATOM   208  C CA    . GLY A 1 64  ? 13.244  17.326  4.105   1.00 32.18 ? 28  GLY A CA    1 
ATOM   209  C C     . GLY A 1 64  ? 12.331  16.201  3.647   1.00 33.17 ? 28  GLY A C     1 
ATOM   210  O O     . GLY A 1 64  ? 11.746  16.285  2.565   1.00 37.98 ? 28  GLY A O     1 
ATOM   211  N N     . SER A 1 65  ? 12.172  15.163  4.462   1.00 35.35 ? 29  SER A N     1 
ATOM   212  C CA    . SER A 1 65  ? 11.193  14.094  4.189   1.00 33.89 ? 29  SER A CA    1 
ATOM   213  C C     . SER A 1 65  ? 9.989   14.118  5.156   1.00 33.35 ? 29  SER A C     1 
ATOM   214  O O     . SER A 1 65  ? 10.038  14.722  6.210   1.00 31.32 ? 29  SER A O     1 
ATOM   215  C CB    . SER A 1 65  ? 11.904  12.709  4.191   1.00 38.38 ? 29  SER A CB    1 
ATOM   216  O OG    . SER A 1 65  ? 12.362  12.339  5.487   1.00 39.88 ? 29  SER A OG    1 
ATOM   217  N N     . CYS A 1 66  ? 8.893   13.471  4.745   1.00 31.86 ? 30  CYS A N     1 
ATOM   218  C CA    . CYS A 1 66  ? 7.734   13.277  5.570   1.00 31.60 ? 30  CYS A CA    1 
ATOM   219  C C     . CYS A 1 66  ? 7.103   11.871  5.496   1.00 33.61 ? 30  CYS A C     1 
ATOM   220  O O     . CYS A 1 66  ? 7.397   11.053  4.618   1.00 33.03 ? 30  CYS A O     1 
ATOM   221  C CB    . CYS A 1 66  ? 6.673   14.331  5.229   1.00 33.94 ? 30  CYS A CB    1 
ATOM   222  S SG    . CYS A 1 66  ? 6.034   14.196  3.576   1.00 37.96 ? 30  CYS A SG    1 
ATOM   223  N N     . SER A 1 67  ? 6.190   11.626  6.429   1.00 33.01 ? 31  SER A N     1 
ATOM   224  C CA    . SER A 1 67  ? 5.608   10.337  6.597   1.00 35.78 ? 31  SER A CA    1 
ATOM   225  C C     . SER A 1 67  ? 4.168   10.433  6.846   1.00 35.29 ? 31  SER A C     1 
ATOM   226  O O     . SER A 1 67  ? 3.671   11.398  7.373   1.00 41.07 ? 31  SER A O     1 
ATOM   227  C CB    . SER A 1 67  ? 6.203   9.624   7.790   1.00 39.05 ? 31  SER A CB    1 
ATOM   228  O OG    . SER A 1 67  ? 5.766   8.272   7.758   1.00 48.22 ? 31  SER A OG    1 
ATOM   229  N N     . SER A 1 68  ? 3.475   9.371   6.531   1.00 36.59 ? 32  SER A N     1 
ATOM   230  C CA    . SER A 1 68  ? 2.049   9.365   6.700   1.00 37.33 ? 32  SER A CA    1 
ATOM   231  C C     . SER A 1 68  ? 1.660   7.948   7.080   1.00 34.84 ? 32  SER A C     1 
ATOM   232  O O     . SER A 1 68  ? 2.346   6.994   6.696   1.00 35.12 ? 32  SER A O     1 
ATOM   233  C CB    . SER A 1 68  ? 1.436   9.818   5.374   1.00 40.02 ? 32  SER A CB    1 
ATOM   234  O OG    . SER A 1 68  ? 0.383   10.709  5.583   1.00 43.13 ? 32  SER A OG    1 
ATOM   235  N N     . LEU A 1 69  ? 0.591   7.800   7.855   1.00 33.61 ? 33  LEU A N     1 
ATOM   236  C CA    . LEU A 1 69  ? 0.008   6.479   8.144   1.00 34.47 ? 33  LEU A CA    1 
ATOM   237  C C     . LEU A 1 69  ? -1.505  6.433   7.925   1.00 33.19 ? 33  LEU A C     1 
ATOM   238  O O     . LEU A 1 69  ? -2.226  7.199   8.507   1.00 31.75 ? 33  LEU A O     1 
ATOM   239  C CB    . LEU A 1 69  ? 0.281   6.131   9.601   1.00 36.73 ? 33  LEU A CB    1 
ATOM   240  C CG    . LEU A 1 69  ? 0.275   4.685   10.082  1.00 37.90 ? 33  LEU A CG    1 
ATOM   241  C CD1   . LEU A 1 69  ? -0.221  4.546   11.533  1.00 39.48 ? 33  LEU A CD1   1 
ATOM   242  C CD2   . LEU A 1 69  ? -0.435  3.696   9.205   1.00 39.71 ? 33  LEU A CD2   1 
ATOM   243  N N     . HIS A 1 70  ? -1.977  5.494   7.108   1.00 37.81 ? 34  HIS A N     1 
ATOM   244  C CA    . HIS A 1 70  ? -3.417  5.317   6.815   1.00 35.01 ? 34  HIS A CA    1 
ATOM   245  C C     . HIS A 1 70  ? -3.882  3.915   7.237   1.00 36.40 ? 34  HIS A C     1 
ATOM   246  O O     . HIS A 1 70  ? -3.102  2.926   7.183   1.00 39.33 ? 34  HIS A O     1 
ATOM   247  C CB    . HIS A 1 70  ? -3.603  5.423   5.319   1.00 34.83 ? 34  HIS A CB    1 
ATOM   248  C CG    . HIS A 1 70  ? -3.233  6.752   4.750   1.00 34.56 ? 34  HIS A CG    1 
ATOM   249  N ND1   . HIS A 1 70  ? -4.169  7.739   4.514   1.00 35.85 ? 34  HIS A ND1   1 
ATOM   250  C CD2   . HIS A 1 70  ? -2.036  7.277   4.381   1.00 36.52 ? 34  HIS A CD2   1 
ATOM   251  C CE1   . HIS A 1 70  ? -3.570  8.801   3.992   1.00 33.41 ? 34  HIS A CE1   1 
ATOM   252  N NE2   . HIS A 1 70  ? -2.281  8.551   3.907   1.00 34.11 ? 34  HIS A NE2   1 
ATOM   253  N N     . ALA A 1 71  ? -5.145  3.826   7.622   1.00 35.47 ? 35  ALA A N     1 
ATOM   254  C CA    . ALA A 1 71  ? -5.771  2.573   8.028   1.00 32.93 ? 35  ALA A CA    1 
ATOM   255  C C     . ALA A 1 71  ? -7.069  2.354   7.272   1.00 35.76 ? 35  ALA A C     1 
ATOM   256  O O     . ALA A 1 71  ? -7.728  3.319   6.904   1.00 35.84 ? 35  ALA A O     1 
ATOM   257  C CB    . ALA A 1 71  ? -6.055  2.588   9.520   1.00 30.63 ? 35  ALA A CB    1 
ATOM   258  N N     . GLN A 1 72  ? -7.478  1.088   7.118   1.00 38.18 ? 36  GLN A N     1 
ATOM   259  C CA    . GLN A 1 72  ? -8.687  0.705   6.376   1.00 36.16 ? 36  GLN A CA    1 
ATOM   260  C C     . GLN A 1 72  ? -9.240  -0.562  7.012   1.00 42.71 ? 36  GLN A C     1 
ATOM   261  O O     . GLN A 1 72  ? -8.543  -1.590  7.053   1.00 42.03 ? 36  GLN A O     1 
ATOM   262  C CB    . GLN A 1 72  ? -8.348  0.464   4.892   1.00 35.92 ? 36  GLN A CB    1 
ATOM   263  C CG    . GLN A 1 72  ? -9.535  0.116   3.989   1.00 37.65 ? 36  GLN A CG    1 
ATOM   264  C CD    . GLN A 1 72  ? -10.558 1.256   3.895   1.00 38.93 ? 36  GLN A CD    1 
ATOM   265  O OE1   . GLN A 1 72  ? -10.247 2.395   3.537   1.00 42.53 ? 36  GLN A OE1   1 
ATOM   266  N NE2   . GLN A 1 72  ? -11.759 0.954   4.247   1.00 35.38 ? 36  GLN A NE2   1 
ATOM   267  N N     . ARG A 1 73  ? -10.446 -0.475  7.575   1.00 43.33 ? 37  ARG A N     1 
ATOM   268  C CA    . ARG A 1 73  ? -11.157 -1.663  8.017   1.00 44.25 ? 37  ARG A CA    1 
ATOM   269  C C     . ARG A 1 73  ? -11.761 -2.367  6.799   1.00 47.12 ? 37  ARG A C     1 
ATOM   270  O O     . ARG A 1 73  ? -12.302 -1.731  5.883   1.00 45.65 ? 37  ARG A O     1 
ATOM   271  C CB    . ARG A 1 73  ? -12.244 -1.324  9.016   1.00 45.30 ? 37  ARG A CB    1 
ATOM   272  C CG    . ARG A 1 73  ? -12.703 -2.534  9.811   1.00 44.35 ? 37  ARG A CG    1 
ATOM   273  C CD    . ARG A 1 73  ? -13.731 -2.151  10.854  1.00 46.77 ? 37  ARG A CD    1 
ATOM   274  N NE    . ARG A 1 73  ? -13.184 -1.235  11.835  1.00 47.51 ? 37  ARG A NE    1 
ATOM   275  C CZ    . ARG A 1 73  ? -13.356 0.089   11.847  1.00 47.40 ? 37  ARG A CZ    1 
ATOM   276  N NH1   . ARG A 1 73  ? -14.084 0.690   10.918  1.00 46.77 ? 37  ARG A NH1   1 
ATOM   277  N NH2   . ARG A 1 73  ? -12.785 0.824   12.810  1.00 41.64 ? 37  ARG A NH2   1 
ATOM   278  N N     . ILE A 1 74  ? -11.613 -3.680  6.762   1.00 47.42 ? 38  ILE A N     1 
ATOM   279  C CA    . ILE A 1 74  ? -12.128 -4.486  5.677   1.00 47.18 ? 38  ILE A CA    1 
ATOM   280  C C     . ILE A 1 74  ? -12.892 -5.614  6.334   1.00 51.23 ? 38  ILE A C     1 
ATOM   281  O O     . ILE A 1 74  ? -12.319 -6.345  7.134   1.00 58.90 ? 38  ILE A O     1 
ATOM   282  C CB    . ILE A 1 74  ? -10.968 -5.020  4.819   1.00 50.92 ? 38  ILE A CB    1 
ATOM   283  C CG1   . ILE A 1 74  ? -10.194 -3.857  4.209   1.00 46.88 ? 38  ILE A CG1   1 
ATOM   284  C CG2   . ILE A 1 74  ? -11.484 -5.917  3.703   1.00 54.75 ? 38  ILE A CG2   1 
ATOM   285  C CD1   . ILE A 1 74  ? -9.286  -4.235  3.061   1.00 48.86 ? 38  ILE A CD1   1 
ATOM   286  N N     . HIS A 1 75  ? -14.184 -5.745  6.030   1.00 57.19 ? 39  HIS A N     1 
ATOM   287  C CA    . HIS A 1 75  ? -15.047 -6.781  6.658   1.00 53.87 ? 39  HIS A CA    1 
ATOM   288  C C     . HIS A 1 75  ? -14.955 -8.030  5.843   1.00 57.70 ? 39  HIS A C     1 
ATOM   289  O O     . HIS A 1 75  ? -15.862 -8.376  5.082   1.00 59.41 ? 39  HIS A O     1 
ATOM   290  C CB    . HIS A 1 75  ? -16.487 -6.301  6.774   1.00 55.74 ? 39  HIS A CB    1 
ATOM   291  C CG    . HIS A 1 75  ? -16.651 -5.259  7.816   1.00 56.70 ? 39  HIS A CG    1 
ATOM   292  N ND1   . HIS A 1 75  ? -16.684 -5.567  9.161   1.00 61.94 ? 39  HIS A ND1   1 
ATOM   293  C CD2   . HIS A 1 75  ? -16.690 -3.909  7.730   1.00 56.30 ? 39  HIS A CD2   1 
ATOM   294  C CE1   . HIS A 1 75  ? -16.774 -4.453  9.861   1.00 60.27 ? 39  HIS A CE1   1 
ATOM   295  N NE2   . HIS A 1 75  ? -16.777 -3.432  9.016   1.00 62.76 ? 39  HIS A NE2   1 
ATOM   296  N N     . ALA A 1 76  ? -13.804 -8.671  5.963   1.00 54.49 ? 40  ALA A N     1 
ATOM   297  C CA    . ALA A 1 76  ? -13.463 -9.794  5.142   1.00 58.53 ? 40  ALA A CA    1 
ATOM   298  C C     . ALA A 1 76  ? -12.356 -10.531 5.878   1.00 66.44 ? 40  ALA A C     1 
ATOM   299  O O     . ALA A 1 76  ? -11.854 -10.040 6.901   1.00 59.36 ? 40  ALA A O     1 
ATOM   300  C CB    . ALA A 1 76  ? -13.001 -9.351  3.767   1.00 59.22 ? 40  ALA A CB    1 
ATOM   301  N N     . PRO A 1 77  ? -12.007 -11.732 5.401   1.00 70.05 ? 41  PRO A N     1 
ATOM   302  C CA    . PRO A 1 77  ? -10.924 -12.422 6.080   1.00 65.35 ? 41  PRO A CA    1 
ATOM   303  C C     . PRO A 1 77  ? -9.538  -11.921 5.667   1.00 56.53 ? 41  PRO A C     1 
ATOM   304  O O     . PRO A 1 77  ? -9.291  -11.645 4.469   1.00 49.69 ? 41  PRO A O     1 
ATOM   305  C CB    . PRO A 1 77  ? -11.127 -13.891 5.670   1.00 68.80 ? 41  PRO A CB    1 
ATOM   306  C CG    . PRO A 1 77  ? -12.562 -13.974 5.253   1.00 71.52 ? 41  PRO A CG    1 
ATOM   307  C CD    . PRO A 1 77  ? -12.813 -12.658 4.587   1.00 74.19 ? 41  PRO A CD    1 
ATOM   308  N N     . PRO A 1 78  ? -8.625  -11.839 6.650   1.00 55.26 ? 42  PRO A N     1 
ATOM   309  C CA    . PRO A 1 78  ? -7.234  -11.406 6.491   1.00 55.18 ? 42  PRO A CA    1 
ATOM   310  C C     . PRO A 1 78  ? -6.532  -12.018 5.285   1.00 55.26 ? 42  PRO A C     1 
ATOM   311  O O     . PRO A 1 78  ? -5.963  -11.318 4.460   1.00 54.41 ? 42  PRO A O     1 
ATOM   312  C CB    . PRO A 1 78  ? -6.583  -11.916 7.778   1.00 60.21 ? 42  PRO A CB    1 
ATOM   313  C CG    . PRO A 1 78  ? -7.676  -11.888 8.789   1.00 55.01 ? 42  PRO A CG    1 
ATOM   314  C CD    . PRO A 1 78  ? -8.952  -12.128 8.064   1.00 54.14 ? 42  PRO A CD    1 
ATOM   315  N N     . GLU A 1 79  ? -6.597  -13.330 5.170   1.00 63.09 ? 43  GLU A N     1 
ATOM   316  C CA    . GLU A 1 79  ? -5.801  -14.047 4.161   1.00 66.07 ? 43  GLU A CA    1 
ATOM   317  C C     . GLU A 1 79  ? -6.303  -13.726 2.761   1.00 53.53 ? 43  GLU A C     1 
ATOM   318  O O     . GLU A 1 79  ? -5.541  -13.760 1.771   1.00 50.15 ? 43  GLU A O     1 
ATOM   319  C CB    . GLU A 1 79  ? -5.814  -15.557 4.418   1.00 67.78 ? 43  GLU A CB    1 
ATOM   320  C CG    . GLU A 1 79  ? -7.158  -16.090 4.916   1.00 77.11 ? 43  GLU A CG    1 
ATOM   321  C CD    . GLU A 1 79  ? -7.395  -15.827 6.400   1.00 79.44 ? 43  GLU A CD    1 
ATOM   322  O OE1   . GLU A 1 79  ? -8.233  -14.960 6.714   1.00 90.30 ? 43  GLU A OE1   1 
ATOM   323  O OE2   . GLU A 1 79  ? -6.730  -16.453 7.254   1.00 79.64 ? 43  GLU A OE2   1 
ATOM   324  N N     . LEU A 1 80  ? -7.592  -13.423 2.669   1.00 54.80 ? 44  LEU A N     1 
ATOM   325  C CA    . LEU A 1 80  ? -8.169  -12.990 1.391   1.00 51.94 ? 44  LEU A CA    1 
ATOM   326  C C     . LEU A 1 80  ? -7.578  -11.617 1.007   1.00 51.06 ? 44  LEU A C     1 
ATOM   327  O O     . LEU A 1 80  ? -7.110  -11.377 -0.124  1.00 50.27 ? 44  LEU A O     1 
ATOM   328  C CB    . LEU A 1 80  ? -9.680  -12.916 1.530   1.00 53.23 ? 44  LEU A CB    1 
ATOM   329  C CG    . LEU A 1 80  ? -10.414 -12.357 0.322   1.00 51.70 ? 44  LEU A CG    1 
ATOM   330  C CD1   . LEU A 1 80  ? -10.164 -13.200 -0.917  1.00 55.85 ? 44  LEU A CD1   1 
ATOM   331  C CD2   . LEU A 1 80  ? -11.874 -12.307 0.680   1.00 53.92 ? 44  LEU A CD2   1 
ATOM   332  N N     . VAL A 1 81  ? -7.610  -10.718 1.979   1.00 50.55 ? 45  VAL A N     1 
ATOM   333  C CA    . VAL A 1 81  ? -7.025  -9.412  1.816   1.00 47.20 ? 45  VAL A CA    1 
ATOM   334  C C     . VAL A 1 81  ? -5.566  -9.618  1.436   1.00 47.87 ? 45  VAL A C     1 
ATOM   335  O O     . VAL A 1 81  ? -5.076  -9.113  0.382   1.00 50.57 ? 45  VAL A O     1 
ATOM   336  C CB    . VAL A 1 81  ? -7.157  -8.624  3.126   1.00 43.82 ? 45  VAL A CB    1 
ATOM   337  C CG1   . VAL A 1 81  ? -6.319  -7.349  3.072   1.00 43.99 ? 45  VAL A CG1   1 
ATOM   338  C CG2   . VAL A 1 81  ? -8.633  -8.348  3.437   1.00 41.98 ? 45  VAL A CG2   1 
ATOM   339  N N     . TRP A 1 82  ? -4.868  -10.399 2.272   1.00 48.69 ? 46  TRP A N     1 
ATOM   340  C CA    . TRP A 1 82  ? -3.436  -10.617 2.081   1.00 45.31 ? 46  TRP A CA    1 
ATOM   341  C C     . TRP A 1 82  ? -3.078  -11.126 0.683   1.00 46.52 ? 46  TRP A C     1 
ATOM   342  O O     . TRP A 1 82  ? -2.041  -10.734 0.091   1.00 53.33 ? 46  TRP A O     1 
ATOM   343  C CB    . TRP A 1 82  ? -2.872  -11.542 3.151   1.00 49.74 ? 46  TRP A CB    1 
ATOM   344  C CG    . TRP A 1 82  ? -1.425  -11.860 2.873   1.00 46.32 ? 46  TRP A CG    1 
ATOM   345  C CD1   . TRP A 1 82  ? -0.885  -13.082 2.605   1.00 45.49 ? 46  TRP A CD1   1 
ATOM   346  C CD2   . TRP A 1 82  ? -0.361  -10.924 2.793   1.00 50.23 ? 46  TRP A CD2   1 
ATOM   347  N NE1   . TRP A 1 82  ? 0.468   -12.963 2.356   1.00 45.51 ? 46  TRP A NE1   1 
ATOM   348  C CE2   . TRP A 1 82  ? 0.810   -11.641 2.473   1.00 48.10 ? 46  TRP A CE2   1 
ATOM   349  C CE3   . TRP A 1 82  ? -0.275  -9.530  2.965   1.00 55.82 ? 46  TRP A CE3   1 
ATOM   350  C CZ2   . TRP A 1 82  ? 2.044   -11.015 2.328   1.00 52.42 ? 46  TRP A CZ2   1 
ATOM   351  C CZ3   . TRP A 1 82  ? 0.962   -8.899  2.812   1.00 48.39 ? 46  TRP A CZ3   1 
ATOM   352  C CH2   . TRP A 1 82  ? 2.099   -9.638  2.497   1.00 54.35 ? 46  TRP A CH2   1 
ATOM   353  N N     . SER A 1 83  ? -3.934  -11.988 0.146   1.00 45.52 ? 47  SER A N     1 
ATOM   354  C CA    . SER A 1 83  ? -3.694  -12.605 -1.181  1.00 48.43 ? 47  SER A CA    1 
ATOM   355  C C     . SER A 1 83  ? -3.645  -11.570 -2.283  1.00 46.32 ? 47  SER A C     1 
ATOM   356  O O     . SER A 1 83  ? -2.877  -11.720 -3.238  1.00 45.40 ? 47  SER A O     1 
ATOM   357  C CB    . SER A 1 83  ? -4.794  -13.625 -1.533  1.00 51.09 ? 47  SER A CB    1 
ATOM   358  O OG    . SER A 1 83  ? -6.112  -13.044 -1.439  1.00 54.16 ? 47  SER A OG    1 
ATOM   359  N N     . ILE A 1 84  ? -4.465  -10.515 -2.148  1.00 42.81 ? 48  ILE A N     1 
ATOM   360  C CA    . ILE A 1 84  ? -4.460  -9.413  -3.117  1.00 37.43 ? 48  ILE A CA    1 
ATOM   361  C C     . ILE A 1 84  ? -3.271  -8.488  -2.891  1.00 36.45 ? 48  ILE A C     1 
ATOM   362  O O     . ILE A 1 84  ? -2.593  -8.046  -3.844  1.00 32.58 ? 48  ILE A O     1 
ATOM   363  C CB    . ILE A 1 84  ? -5.760  -8.578  -3.012  1.00 44.32 ? 48  ILE A CB    1 
ATOM   364  C CG1   . ILE A 1 84  ? -6.991  -9.470  -3.158  1.00 40.63 ? 48  ILE A CG1   1 
ATOM   365  C CG2   . ILE A 1 84  ? -5.776  -7.461  -4.063  1.00 41.01 ? 48  ILE A CG2   1 
ATOM   366  C CD1   . ILE A 1 84  ? -8.271  -8.796  -2.734  1.00 45.97 ? 48  ILE A CD1   1 
ATOM   367  N N     . VAL A 1 85  ? -3.012  -8.178  -1.626  1.00 41.62 ? 49  VAL A N     1 
ATOM   368  C CA    . VAL A 1 85  ? -1.914  -7.234  -1.268  1.00 42.51 ? 49  VAL A CA    1 
ATOM   369  C C     . VAL A 1 85  ? -0.549  -7.734  -1.703  1.00 41.53 ? 49  VAL A C     1 
ATOM   370  O O     . VAL A 1 85  ? 0.310   -6.944  -2.099  1.00 39.09 ? 49  VAL A O     1 
ATOM   371  C CB    . VAL A 1 85  ? -1.904  -6.967  0.247   1.00 48.69 ? 49  VAL A CB    1 
ATOM   372  C CG1   . VAL A 1 85  ? -0.751  -6.064  0.666   1.00 49.29 ? 49  VAL A CG1   1 
ATOM   373  C CG2   . VAL A 1 85  ? -3.223  -6.345  0.675   1.00 46.78 ? 49  VAL A CG2   1 
ATOM   374  N N     . ARG A 1 86  ? -0.329  -9.050  -1.650  1.00 44.38 ? 50  ARG A N     1 
ATOM   375  C CA    . ARG A 1 86  ? 1.015   -9.589  -1.919  1.00 38.12 ? 50  ARG A CA    1 
ATOM   376  C C     . ARG A 1 86  ? 1.383   -9.589  -3.386  1.00 37.84 ? 50  ARG A C     1 
ATOM   377  O O     . ARG A 1 86  ? 2.574   -9.564  -3.753  1.00 34.30 ? 50  ARG A O     1 
ATOM   378  C CB    . ARG A 1 86  ? 1.137   -10.993 -1.345  1.00 44.89 ? 50  ARG A CB    1 
ATOM   379  C CG    . ARG A 1 86  ? 0.222   -12.039 -1.977  1.00 45.53 ? 50  ARG A CG    1 
ATOM   380  C CD    . ARG A 1 86  ? 0.282   -13.391 -1.236  1.00 51.23 ? 50  ARG A CD    1 
ATOM   381  N NE    . ARG A 1 86  ? 1.651   -13.914 -1.205  1.00 53.33 ? 50  ARG A NE    1 
ATOM   382  C CZ    . ARG A 1 86  ? 2.326   -14.389 -2.262  1.00 53.03 ? 50  ARG A CZ    1 
ATOM   383  N NH1   . ARG A 1 86  ? 3.575   -14.800 -2.110  1.00 45.91 ? 50  ARG A NH1   1 
ATOM   384  N NH2   . ARG A 1 86  ? 1.762   -14.470 -3.468  1.00 50.31 ? 50  ARG A NH2   1 
ATOM   385  N N     . ARG A 1 87  ? 0.356   -9.603  -4.227  1.00 43.98 ? 51  ARG A N     1 
ATOM   386  C CA    . ARG A 1 87  ? 0.482   -9.795  -5.680  1.00 47.88 ? 51  ARG A CA    1 
ATOM   387  C C     . ARG A 1 87  ? 1.080   -8.587  -6.377  1.00 47.66 ? 51  ARG A C     1 
ATOM   388  O O     . ARG A 1 87  ? 0.398   -7.861  -7.119  1.00 53.84 ? 51  ARG A O     1 
ATOM   389  C CB    . ARG A 1 87  ? -0.882  -10.129 -6.310  1.00 56.46 ? 51  ARG A CB    1 
ATOM   390  C CG    . ARG A 1 87  ? -1.423  -11.531 -6.031  1.00 65.33 ? 51  ARG A CG    1 
ATOM   391  C CD    . ARG A 1 87  ? -2.490  -11.947 -7.059  1.00 73.96 ? 51  ARG A CD    1 
ATOM   392  N NE    . ARG A 1 87  ? -2.094  -13.028 -7.989  1.00 79.62 ? 51  ARG A NE    1 
ATOM   393  C CZ    . ARG A 1 87  ? -1.010  -13.052 -8.780  1.00 81.48 ? 51  ARG A CZ    1 
ATOM   394  N NH1   . ARG A 1 87  ? -0.100  -12.079 -8.783  1.00 88.15 ? 51  ARG A NH1   1 
ATOM   395  N NH2   . ARG A 1 87  ? -0.818  -14.086 -9.583  1.00 76.20 ? 51  ARG A NH2   1 
ATOM   396  N N     . PHE A 1 88  ? 2.388   -8.450  -6.189  1.00 45.96 ? 52  PHE A N     1 
ATOM   397  C CA    . PHE A 1 88  ? 3.147   -7.304  -6.597  1.00 47.74 ? 52  PHE A CA    1 
ATOM   398  C C     . PHE A 1 88  ? 3.145   -7.124  -8.107  1.00 52.87 ? 52  PHE A C     1 
ATOM   399  O O     . PHE A 1 88  ? 3.463   -6.035  -8.602  1.00 53.52 ? 52  PHE A O     1 
ATOM   400  C CB    . PHE A 1 88  ? 4.578   -7.468  -6.092  1.00 44.96 ? 52  PHE A CB    1 
ATOM   401  C CG    . PHE A 1 88  ? 5.505   -6.376  -6.496  1.00 46.65 ? 52  PHE A CG    1 
ATOM   402  C CD1   . PHE A 1 88  ? 5.609   -5.210  -5.719  1.00 47.30 ? 52  PHE A CD1   1 
ATOM   403  C CD2   . PHE A 1 88  ? 6.304   -6.497  -7.640  1.00 43.38 ? 52  PHE A CD2   1 
ATOM   404  C CE1   . PHE A 1 88  ? 6.482   -4.195  -6.071  1.00 45.34 ? 52  PHE A CE1   1 
ATOM   405  C CE2   . PHE A 1 88  ? 7.169   -5.470  -8.009  1.00 47.15 ? 52  PHE A CE2   1 
ATOM   406  C CZ    . PHE A 1 88  ? 7.273   -4.320  -7.206  1.00 48.87 ? 52  PHE A CZ    1 
ATOM   407  N N     . ASP A 1 89  ? 2.828   -8.175  -8.857  1.00 53.08 ? 53  ASP A N     1 
ATOM   408  C CA    . ASP A 1 89  ? 2.733   -8.014  -10.310 1.00 53.49 ? 53  ASP A CA    1 
ATOM   409  C C     . ASP A 1 89  ? 1.332   -7.582  -10.757 1.00 44.51 ? 53  ASP A C     1 
ATOM   410  O O     . ASP A 1 89  ? 1.186   -7.141  -11.851 1.00 51.66 ? 53  ASP A O     1 
ATOM   411  C CB    . ASP A 1 89  ? 3.216   -9.272  -11.079 1.00 56.89 ? 53  ASP A CB    1 
ATOM   412  C CG    . ASP A 1 89  ? 2.401   -10.511 -10.746 1.00 55.22 ? 53  ASP A CG    1 
ATOM   413  O OD1   . ASP A 1 89  ? 2.032   -11.261 -11.688 1.00 55.90 ? 53  ASP A OD1   1 
ATOM   414  O OD2   . ASP A 1 89  ? 2.123   -10.717 -9.546  1.00 50.42 ? 53  ASP A OD2   1 
ATOM   415  N N     . LYS A 1 90  ? 0.324   -7.659  -9.914  0.50 40.51 ? 54  LYS A N     1 
ATOM   416  C CA    . LYS A 1 90  ? -1.004  -7.282  -10.350 0.50 38.30 ? 54  LYS A CA    1 
ATOM   417  C C     . LYS A 1 90  ? -1.590  -6.197  -9.437  1.00 39.81 ? 54  LYS A C     1 
ATOM   418  O O     . LYS A 1 90  ? -2.595  -6.390  -8.787  1.00 40.73 ? 54  LYS A O     1 
ATOM   419  C CB    . LYS A 1 90  ? -1.858  -8.545  -10.371 0.50 35.84 ? 54  LYS A CB    1 
ATOM   420  C CG    . LYS A 1 90  ? -1.473  -9.510  -11.495 0.50 36.40 ? 54  LYS A CG    1 
ATOM   421  C CD    . LYS A 1 90  ? -1.823  -8.909  -12.851 0.50 36.56 ? 54  LYS A CD    1 
ATOM   422  C CE    . LYS A 1 90  ? -1.509  -9.807  -14.034 0.50 34.56 ? 54  LYS A CE    1 
ATOM   423  N NZ    . LYS A 1 90  ? -1.962  -9.168  -15.303 0.50 33.11 ? 54  LYS A NZ    1 
ATOM   424  N N     . PRO A 1 91  ? -0.920  -5.048  -9.312  1.00 43.84 ? 55  PRO A N     1 
ATOM   425  C CA    . PRO A 1 91  ? -1.455  -4.092  -8.369  1.00 40.72 ? 55  PRO A CA    1 
ATOM   426  C C     . PRO A 1 91  ? -2.782  -3.473  -8.816  1.00 47.99 ? 55  PRO A C     1 
ATOM   427  O O     . PRO A 1 91  ? -3.553  -3.019  -7.959  1.00 45.82 ? 55  PRO A O     1 
ATOM   428  C CB    . PRO A 1 91  ? -0.385  -3.040  -8.323  1.00 43.36 ? 55  PRO A CB    1 
ATOM   429  C CG    . PRO A 1 91  ? 0.292   -3.125  -9.634  1.00 47.87 ? 55  PRO A CG    1 
ATOM   430  C CD    . PRO A 1 91  ? 0.386   -4.608  -9.830  1.00 49.12 ? 55  PRO A CD    1 
ATOM   431  N N     . GLN A 1 92  ? -3.032  -3.488  -10.138 1.00 51.16 ? 56  GLN A N     1 
ATOM   432  C CA    . GLN A 1 92  ? -4.328  -3.097  -10.753 1.00 53.47 ? 56  GLN A CA    1 
ATOM   433  C C     . GLN A 1 92  ? -5.507  -3.721  -10.096 1.00 44.71 ? 56  GLN A C     1 
ATOM   434  O O     . GLN A 1 92  ? -6.578  -3.171  -10.138 1.00 47.06 ? 56  GLN A O     1 
ATOM   435  C CB    . GLN A 1 92  ? -4.458  -3.536  -12.211 1.00 58.13 ? 56  GLN A CB    1 
ATOM   436  C CG    . GLN A 1 92  ? -3.232  -3.364  -13.047 1.00 59.54 ? 56  GLN A CG    1 
ATOM   437  C CD    . GLN A 1 92  ? -2.395  -4.607  -13.007 1.00 58.91 ? 56  GLN A CD    1 
ATOM   438  O OE1   . GLN A 1 92  ? -1.486  -4.716  -12.195 1.00 53.67 ? 56  GLN A OE1   1 
ATOM   439  N NE2   . GLN A 1 92  ? -2.720  -5.566  -13.854 1.00 65.05 ? 56  GLN A NE2   1 
ATOM   440  N N     . THR A 1 93  ? -5.347  -4.904  -9.537  1.00 45.62 ? 57  THR A N     1 
ATOM   441  C CA    . THR A 1 93  ? -6.484  -5.548  -8.849  1.00 51.86 ? 57  THR A CA    1 
ATOM   442  C C     . THR A 1 93  ? -7.207  -4.634  -7.869  1.00 48.38 ? 57  THR A C     1 
ATOM   443  O O     . THR A 1 93  ? -8.403  -4.714  -7.734  1.00 51.53 ? 57  THR A O     1 
ATOM   444  C CB    . THR A 1 93  ? -6.043  -6.839  -8.135  1.00 54.53 ? 57  THR A CB    1 
ATOM   445  O OG1   . THR A 1 93  ? -5.228  -7.594  -9.041  1.00 59.98 ? 57  THR A OG1   1 
ATOM   446  C CG2   . THR A 1 93  ? -7.225  -7.713  -7.765  1.00 50.99 ? 57  THR A CG2   1 
ATOM   447  N N     . TYR A 1 94  ? -6.478  -3.762  -7.182  1.00 52.00 ? 58  TYR A N     1 
ATOM   448  C CA    . TYR A 1 94  ? -7.108  -2.854  -6.224  1.00 46.96 ? 58  TYR A CA    1 
ATOM   449  C C     . TYR A 1 94  ? -6.632  -1.384  -6.285  1.00 43.93 ? 58  TYR A C     1 
ATOM   450  O O     . TYR A 1 94  ? -7.151  -0.519  -5.597  1.00 42.50 ? 58  TYR A O     1 
ATOM   451  C CB    . TYR A 1 94  ? -6.928  -3.427  -4.830  1.00 46.38 ? 58  TYR A CB    1 
ATOM   452  C CG    . TYR A 1 94  ? -5.573  -3.170  -4.236  1.00 47.64 ? 58  TYR A CG    1 
ATOM   453  C CD1   . TYR A 1 94  ? -5.378  -2.086  -3.416  1.00 47.23 ? 58  TYR A CD1   1 
ATOM   454  C CD2   . TYR A 1 94  ? -4.502  -4.019  -4.475  1.00 49.98 ? 58  TYR A CD2   1 
ATOM   455  C CE1   . TYR A 1 94  ? -4.163  -1.830  -2.863  1.00 52.36 ? 58  TYR A CE1   1 
ATOM   456  C CE2   . TYR A 1 94  ? -3.258  -3.772  -3.928  1.00 51.51 ? 58  TYR A CE2   1 
ATOM   457  C CZ    . TYR A 1 94  ? -3.115  -2.673  -3.106  1.00 50.94 ? 58  TYR A CZ    1 
ATOM   458  O OH    . TYR A 1 94  ? -1.947  -2.364  -2.511  1.00 47.23 ? 58  TYR A OH    1 
ATOM   459  N N     . LYS A 1 95  ? -5.649  -1.092  -7.109  1.00 42.14 ? 59  LYS A N     1 
ATOM   460  C CA    . LYS A 1 95  ? -5.253  0.263   -7.292  1.00 42.14 ? 59  LYS A CA    1 
ATOM   461  C C     . LYS A 1 95  ? -6.086  1.005   -8.372  1.00 47.19 ? 59  LYS A C     1 
ATOM   462  O O     . LYS A 1 95  ? -6.056  0.696   -9.571  1.00 46.01 ? 59  LYS A O     1 
ATOM   463  C CB    . LYS A 1 95  ? -3.772  0.308   -7.572  1.00 42.35 ? 59  LYS A CB    1 
ATOM   464  C CG    . LYS A 1 95  ? -2.964  -0.090  -6.334  1.00 41.25 ? 59  LYS A CG    1 
ATOM   465  C CD    . LYS A 1 95  ? -1.501  0.280   -6.524  1.00 37.69 ? 59  LYS A CD    1 
ATOM   466  C CE    . LYS A 1 95  ? -0.647  -0.139  -5.312  1.00 38.77 ? 59  LYS A CE    1 
ATOM   467  N NZ    . LYS A 1 95  ? 0.800   0.198   -5.558  1.00 36.16 ? 59  LYS A NZ    1 
ATOM   468  N N     . HIS A 1 96  ? -6.828  1.988   -7.885  1.00 51.16 ? 60  HIS A N     1 
ATOM   469  C CA    . HIS A 1 96  ? -7.754  2.789   -8.672  1.00 54.07 ? 60  HIS A CA    1 
ATOM   470  C C     . HIS A 1 96  ? -7.203  3.264   -9.982  1.00 44.91 ? 60  HIS A C     1 
ATOM   471  O O     . HIS A 1 96  ? -7.755  2.985   -11.014 1.00 49.47 ? 60  HIS A O     1 
ATOM   472  C CB    . HIS A 1 96  ? -8.153  4.043   -7.860  1.00 62.42 ? 60  HIS A CB    1 
ATOM   473  C CG    . HIS A 1 96  ? -9.472  3.924   -7.166  1.00 62.73 ? 60  HIS A CG    1 
ATOM   474  N ND1   . HIS A 1 96  ? -10.671 4.067   -7.825  1.00 61.69 ? 60  HIS A ND1   1 
ATOM   475  C CD2   . HIS A 1 96  ? -9.775  3.680   -5.870  1.00 68.96 ? 60  HIS A CD2   1 
ATOM   476  C CE1   . HIS A 1 96  ? -11.660 3.909   -6.962  1.00 69.66 ? 60  HIS A CE1   1 
ATOM   477  N NE2   . HIS A 1 96  ? -11.144 3.683   -5.765  1.00 68.05 ? 60  HIS A NE2   1 
ATOM   478  N N     . PHE A 1 97  ? -6.117  4.011   -9.910  1.00 42.85 ? 61  PHE A N     1 
ATOM   479  C CA    . PHE A 1 97  ? -5.612  4.713   -11.051 1.00 43.22 ? 61  PHE A CA    1 
ATOM   480  C C     . PHE A 1 97  ? -4.611  3.952   -11.899 1.00 45.42 ? 61  PHE A C     1 
ATOM   481  O O     . PHE A 1 97  ? -4.038  4.570   -12.791 1.00 38.66 ? 61  PHE A O     1 
ATOM   482  C CB    . PHE A 1 97  ? -4.958  6.024   -10.612 1.00 46.11 ? 61  PHE A CB    1 
ATOM   483  C CG    . PHE A 1 97  ? -5.880  6.967   -9.879  1.00 48.37 ? 61  PHE A CG    1 
ATOM   484  C CD1   . PHE A 1 97  ? -5.446  7.627   -8.742  1.00 51.24 ? 61  PHE A CD1   1 
ATOM   485  C CD2   . PHE A 1 97  ? -7.175  7.192   -10.320 1.00 53.21 ? 61  PHE A CD2   1 
ATOM   486  C CE1   . PHE A 1 97  ? -6.278  8.487   -8.053  1.00 55.21 ? 61  PHE A CE1   1 
ATOM   487  C CE2   . PHE A 1 97  ? -8.016  8.051   -9.632  1.00 52.92 ? 61  PHE A CE2   1 
ATOM   488  C CZ    . PHE A 1 97  ? -7.569  8.693   -8.505  1.00 56.60 ? 61  PHE A CZ    1 
ATOM   489  N N     . ILE A 1 98  ? -4.361  2.656   -11.652 1.00 46.68 ? 62  ILE A N     1 
ATOM   490  C CA    . ILE A 1 98  ? -3.433  1.917   -12.557 1.00 50.93 ? 62  ILE A CA    1 
ATOM   491  C C     . ILE A 1 98  ? -4.200  1.414   -13.781 1.00 49.51 ? 62  ILE A C     1 
ATOM   492  O O     . ILE A 1 98  ? -5.263  0.825   -13.623 1.00 52.53 ? 62  ILE A O     1 
ATOM   493  C CB    . ILE A 1 98  ? -2.750  0.679   -11.923 1.00 50.37 ? 62  ILE A CB    1 
ATOM   494  C CG1   . ILE A 1 98  ? -1.796  1.122   -10.830 1.00 49.07 ? 62  ILE A CG1   1 
ATOM   495  C CG2   . ILE A 1 98  ? -1.952  -0.070  -12.997 1.00 50.12 ? 62  ILE A CG2   1 
ATOM   496  C CD1   . ILE A 1 98  ? -1.166  -0.011  -10.074 1.00 51.89 ? 62  ILE A CD1   1 
ATOM   497  N N     . LYS A 1 99  ? -3.627  1.653   -14.965 1.00 52.89 ? 63  LYS A N     1 
ATOM   498  C CA    . LYS A 1 99  ? -4.131  1.188   -16.268 1.00 52.46 ? 63  LYS A CA    1 
ATOM   499  C C     . LYS A 1 99  ? -3.563  -0.211  -16.583 1.00 54.05 ? 63  LYS A C     1 
ATOM   500  O O     . LYS A 1 99  ? -4.322  -1.164  -16.818 1.00 55.33 ? 63  LYS A O     1 
ATOM   501  C CB    . LYS A 1 99  ? -3.695  2.188   -17.355 1.00 60.18 ? 63  LYS A CB    1 
ATOM   502  C CG    . LYS A 1 99  ? -4.145  1.911   -18.780 1.00 58.85 ? 63  LYS A CG    1 
ATOM   503  C CD    . LYS A 1 99  ? -5.563  2.375   -18.993 1.00 64.37 ? 63  LYS A CD    1 
ATOM   504  C CE    . LYS A 1 99  ? -5.981  2.223   -20.445 1.00 72.43 ? 63  LYS A CE    1 
ATOM   505  N NZ    . LYS A 1 99  ? -6.261  0.803   -20.710 1.00 74.16 ? 63  LYS A NZ    1 
ATOM   506  N N     . SER A 1 100 ? -2.235  -0.336  -16.580 1.00 51.71 ? 64  SER A N     1 
ATOM   507  C CA    . SER A 1 100 ? -1.583  -1.647  -16.770 1.00 49.79 ? 64  SER A CA    1 
ATOM   508  C C     . SER A 1 100 ? -0.310  -1.772  -15.982 1.00 48.80 ? 64  SER A C     1 
ATOM   509  O O     . SER A 1 100 ? 0.325   -0.789  -15.642 1.00 48.65 ? 64  SER A O     1 
ATOM   510  C CB    . SER A 1 100 ? -1.243  -1.881  -18.234 1.00 42.51 ? 64  SER A CB    1 
ATOM   511  O OG    . SER A 1 100 ? -0.164  -1.063  -18.609 1.00 41.30 ? 64  SER A OG    1 
ATOM   512  N N     . CYS A 1 101 ? 0.054   -3.009  -15.691 1.00 56.50 ? 65  CYS A N     1 
ATOM   513  C CA    . CYS A 1 101 ? 1.283   -3.302  -14.985 1.00 53.77 ? 65  CYS A CA    1 
ATOM   514  C C     . CYS A 1 101 ? 1.939   -4.508  -15.591 1.00 55.24 ? 65  CYS A C     1 
ATOM   515  O O     . CYS A 1 101 ? 1.395   -5.617  -15.456 1.00 50.12 ? 65  CYS A O     1 
ATOM   516  C CB    . CYS A 1 101 ? 1.029   -3.626  -13.526 1.00 55.09 ? 65  CYS A CB    1 
ATOM   517  S SG    . CYS A 1 101 ? 2.572   -4.027  -12.662 1.00 59.25 ? 65  CYS A SG    1 
ATOM   518  N N     . SER A 1 102 ? 3.112   -4.287  -16.194 1.00 49.93 ? 66  SER A N     1 
ATOM   519  C CA    . SER A 1 102 ? 3.960   -5.353  -16.710 1.00 55.04 ? 66  SER A CA    1 
ATOM   520  C C     . SER A 1 102 ? 5.201   -5.610  -15.828 1.00 53.91 ? 66  SER A C     1 
ATOM   521  O O     . SER A 1 102 ? 5.780   -4.675  -15.230 1.00 48.55 ? 66  SER A O     1 
ATOM   522  C CB    . SER A 1 102 ? 4.447   -5.007  -18.123 1.00 55.91 ? 66  SER A CB    1 
ATOM   523  O OG    . SER A 1 102 ? 5.721   -4.363  -18.099 1.00 52.49 ? 66  SER A OG    1 
ATOM   524  N N     . VAL A 1 103 ? 5.609   -6.881  -15.826 1.00 49.64 ? 67  VAL A N     1 
ATOM   525  C CA    . VAL A 1 103 ? 6.848   -7.387  -15.189 1.00 52.24 ? 67  VAL A CA    1 
ATOM   526  C C     . VAL A 1 103 ? 7.719   -8.126  -16.228 1.00 55.25 ? 67  VAL A C     1 
ATOM   527  O O     . VAL A 1 103 ? 7.223   -8.475  -17.301 1.00 57.63 ? 67  VAL A O     1 
ATOM   528  C CB    . VAL A 1 103 ? 6.468   -8.343  -14.039 1.00 53.05 ? 67  VAL A CB    1 
ATOM   529  C CG1   . VAL A 1 103 ? 5.889   -7.539  -12.879 1.00 56.00 ? 67  VAL A CG1   1 
ATOM   530  C CG2   . VAL A 1 103 ? 5.457   -9.412  -14.495 1.00 47.30 ? 67  VAL A CG2   1 
ATOM   531  N N     . GLU A 1 104 ? 8.993   -8.380  -15.932 1.00 61.63 ? 68  GLU A N     1 
ATOM   532  C CA    . GLU A 1 104 ? 9.920   -9.080  -16.885 1.00 59.14 ? 68  GLU A CA    1 
ATOM   533  C C     . GLU A 1 104 ? 9.526   -10.555 -17.232 1.00 65.64 ? 68  GLU A C     1 
ATOM   534  O O     . GLU A 1 104 ? 8.709   -11.220 -16.539 1.00 52.68 ? 68  GLU A O     1 
ATOM   535  C CB    . GLU A 1 104 ? 11.362  -9.087  -16.330 1.00 57.50 ? 68  GLU A CB    1 
ATOM   536  C CG    . GLU A 1 104 ? 11.507  -10.085 -15.170 1.00 66.47 ? 68  GLU A CG    1 
ATOM   537  C CD    . GLU A 1 104 ? 12.859  -10.069 -14.463 1.00 71.49 ? 68  GLU A CD    1 
ATOM   538  O OE1   . GLU A 1 104 ? 13.874  -9.690  -15.100 1.00 61.19 ? 68  GLU A OE1   1 
ATOM   539  O OE2   . GLU A 1 104 ? 12.901  -10.474 -13.267 1.00 73.36 ? 68  GLU A OE2   1 
ATOM   540  N N     . GLN A 1 105 ? 10.172  -11.078 -18.280 1.00 70.68 ? 69  GLN A N     1 
ATOM   541  C CA    . GLN A 1 105 ? 9.975   -12.476 -18.690 1.00 70.67 ? 69  GLN A CA    1 
ATOM   542  C C     . GLN A 1 105 ? 10.284  -13.453 -17.571 1.00 64.23 ? 69  GLN A C     1 
ATOM   543  O O     . GLN A 1 105 ? 11.282  -13.283 -16.836 1.00 50.19 ? 69  GLN A O     1 
ATOM   544  C CB    . GLN A 1 105 ? 10.882  -12.823 -19.858 1.00 78.68 ? 69  GLN A CB    1 
ATOM   545  C CG    . GLN A 1 105 ? 10.770  -11.879 -21.030 1.00 84.30 ? 69  GLN A CG    1 
ATOM   546  C CD    . GLN A 1 105 ? 11.475  -12.449 -22.233 1.00 92.29 ? 69  GLN A CD    1 
ATOM   547  O OE1   . GLN A 1 105 ? 12.608  -12.940 -22.128 1.00 90.24 ? 69  GLN A OE1   1 
ATOM   548  N NE2   . GLN A 1 105 ? 10.801  -12.423 -23.382 1.00 97.43 ? 69  GLN A NE2   1 
ATOM   549  N N     . ASN A 1 106 ? 9.438   -14.480 -17.455 1.00 63.91 ? 70  ASN A N     1 
ATOM   550  C CA    . ASN A 1 106 ? 9.622   -15.544 -16.461 1.00 68.78 ? 70  ASN A CA    1 
ATOM   551  C C     . ASN A 1 106 ? 9.705   -14.949 -15.068 1.00 67.06 ? 70  ASN A C     1 
ATOM   552  O O     . ASN A 1 106 ? 10.540  -15.345 -14.245 1.00 70.25 ? 70  ASN A O     1 
ATOM   553  C CB    . ASN A 1 106 ? 10.895  -16.380 -16.733 1.00 71.92 ? 70  ASN A CB    1 
ATOM   554  C CG    . ASN A 1 106 ? 10.722  -17.356 -17.872 1.00 78.24 ? 70  ASN A CG    1 
ATOM   555  O OD1   . ASN A 1 106 ? 10.654  -18.573 -17.646 1.00 86.56 ? 70  ASN A OD1   1 
ATOM   556  N ND2   . ASN A 1 106 ? 10.653  -16.841 -19.102 1.00 69.00 ? 70  ASN A ND2   1 
ATOM   557  N N     . PHE A 1 107 ? 8.826   -13.998 -14.812 1.00 62.93 ? 71  PHE A N     1 
ATOM   558  C CA    . PHE A 1 107 ? 8.895   -13.218 -13.601 1.00 59.30 ? 71  PHE A CA    1 
ATOM   559  C C     . PHE A 1 107 ? 8.615   -14.101 -12.378 1.00 52.53 ? 71  PHE A C     1 
ATOM   560  O O     . PHE A 1 107 ? 7.647   -14.848 -12.362 1.00 55.76 ? 71  PHE A O     1 
ATOM   561  C CB    . PHE A 1 107 ? 7.885   -12.042 -13.677 1.00 59.32 ? 71  PHE A CB    1 
ATOM   562  C CG    . PHE A 1 107 ? 7.539   -11.462 -12.342 1.00 55.92 ? 71  PHE A CG    1 
ATOM   563  C CD1   . PHE A 1 107 ? 6.485   -11.983 -11.586 1.00 51.46 ? 71  PHE A CD1   1 
ATOM   564  C CD2   . PHE A 1 107 ? 8.302   -10.428 -11.817 1.00 58.74 ? 71  PHE A CD2   1 
ATOM   565  C CE1   . PHE A 1 107 ? 6.192   -11.460 -10.332 1.00 57.22 ? 71  PHE A CE1   1 
ATOM   566  C CE2   . PHE A 1 107 ? 8.006   -9.897  -10.567 1.00 60.00 ? 71  PHE A CE2   1 
ATOM   567  C CZ    . PHE A 1 107 ? 6.957   -10.411 -9.823  1.00 49.48 ? 71  PHE A CZ    1 
ATOM   568  N N     . GLU A 1 108 ? 9.467   -13.992 -11.362 1.00 55.31 ? 72  GLU A N     1 
ATOM   569  C CA    . GLU A 1 108 ? 9.259   -14.647 -10.062 1.00 60.89 ? 72  GLU A CA    1 
ATOM   570  C C     . GLU A 1 108 ? 9.336   -13.552 -9.029  1.00 63.09 ? 72  GLU A C     1 
ATOM   571  O O     . GLU A 1 108 ? 10.238  -12.701 -9.083  1.00 62.00 ? 72  GLU A O     1 
ATOM   572  C CB    . GLU A 1 108 ? 10.352  -15.685 -9.736  1.00 63.28 ? 72  GLU A CB    1 
ATOM   573  C CG    . GLU A 1 108 ? 10.321  -17.000 -10.525 1.00 63.40 ? 72  GLU A CG    1 
ATOM   574  C CD    . GLU A 1 108 ? 11.724  -17.561 -10.749 0.50 63.35 ? 72  GLU A CD    1 
ATOM   575  O OE1   . GLU A 1 108 ? 11.994  -18.035 -11.882 0.50 59.89 ? 72  GLU A OE1   1 
ATOM   576  O OE2   . GLU A 1 108 ? 12.560  -17.497 -9.803  0.50 55.37 ? 72  GLU A OE2   1 
ATOM   577  N N     . MET A 1 109 ? 8.407   -13.581 -8.080  1.00 62.39 ? 73  MET A N     1 
ATOM   578  C CA    . MET A 1 109 ? 8.292   -12.512 -7.089  1.00 58.79 ? 73  MET A CA    1 
ATOM   579  C C     . MET A 1 109 ? 9.328   -12.631 -5.975  1.00 60.04 ? 73  MET A C     1 
ATOM   580  O O     . MET A 1 109 ? 9.159   -13.412 -5.025  1.00 53.46 ? 73  MET A O     1 
ATOM   581  C CB    . MET A 1 109 ? 6.890   -12.490 -6.495  1.00 59.00 ? 73  MET A CB    1 
ATOM   582  C CG    . MET A 1 109 ? 6.571   -11.258 -5.654  1.00 64.57 ? 73  MET A CG    1 
ATOM   583  S SD    . MET A 1 109 ? 4.969   -11.383 -4.826  1.00 67.05 ? 73  MET A SD    1 
ATOM   584  C CE    . MET A 1 109 ? 3.942   -11.482 -6.299  1.00 69.81 ? 73  MET A CE    1 
ATOM   585  N N     . ARG A 1 110 ? 10.396  -11.838 -6.088  1.00 57.76 ? 74  ARG A N     1 
ATOM   586  C CA    . ARG A 1 110 ? 11.408  -11.727 -5.020  1.00 61.96 ? 74  ARG A CA    1 
ATOM   587  C C     . ARG A 1 110 ? 11.779  -10.264 -4.679  1.00 57.85 ? 74  ARG A C     1 
ATOM   588  O O     . ARG A 1 110 ? 11.782  -9.346  -5.553  1.00 53.04 ? 74  ARG A O     1 
ATOM   589  C CB    . ARG A 1 110 ? 12.689  -12.497 -5.394  1.00 63.14 ? 74  ARG A CB    1 
ATOM   590  C CG    . ARG A 1 110 ? 12.488  -13.986 -5.661  1.00 61.91 ? 74  ARG A CG    1 
ATOM   591  C CD    . ARG A 1 110 ? 13.783  -14.700 -6.026  0.50 59.22 ? 74  ARG A CD    1 
ATOM   592  N NE    . ARG A 1 110 ? 13.546  -16.111 -6.328  0.50 60.43 ? 74  ARG A NE    1 
ATOM   593  C CZ    . ARG A 1 110 ? 13.329  -17.055 -5.414  0.50 64.73 ? 74  ARG A CZ    1 
ATOM   594  N NH1   . ARG A 1 110 ? 13.320  -16.769 -4.114  0.50 62.98 ? 74  ARG A NH1   1 
ATOM   595  N NH2   . ARG A 1 110 ? 13.113  -18.301 -5.796  0.50 68.62 ? 74  ARG A NH2   1 
ATOM   596  N N     . VAL A 1 111 ? 12.114  -10.066 -3.405  1.00 47.65 ? 75  VAL A N     1 
ATOM   597  C CA    . VAL A 1 111 ? 12.697  -8.818  -2.982  1.00 45.39 ? 75  VAL A CA    1 
ATOM   598  C C     . VAL A 1 111 ? 13.742  -8.431  -4.037  1.00 48.36 ? 75  VAL A C     1 
ATOM   599  O O     . VAL A 1 111 ? 14.559  -9.256  -4.436  1.00 60.26 ? 75  VAL A O     1 
ATOM   600  C CB    . VAL A 1 111 ? 13.298  -8.943  -1.578  1.00 41.97 ? 75  VAL A CB    1 
ATOM   601  C CG1   . VAL A 1 111 ? 14.126  -7.702  -1.226  1.00 43.74 ? 75  VAL A CG1   1 
ATOM   602  C CG2   . VAL A 1 111 ? 12.185  -9.156  -0.574  1.00 44.79 ? 75  VAL A CG2   1 
ATOM   603  N N     . GLY A 1 112 ? 13.665  -7.204  -4.538  1.00 51.44 ? 76  GLY A N     1 
ATOM   604  C CA    . GLY A 1 112 ? 14.586  -6.687  -5.544  1.00 45.46 ? 76  GLY A CA    1 
ATOM   605  C C     . GLY A 1 112 ? 14.011  -6.682  -6.935  1.00 40.03 ? 76  GLY A C     1 
ATOM   606  O O     . GLY A 1 112 ? 14.583  -6.054  -7.823  1.00 45.22 ? 76  GLY A O     1 
ATOM   607  N N     . CYS A 1 113 ? 12.896  -7.351  -7.144  0.50 36.10 ? 77  CYS A N     1 
ATOM   608  C CA    . CYS A 1 113 ? 12.269  -7.343  -8.452  0.50 35.25 ? 77  CYS A CA    1 
ATOM   609  C C     . CYS A 1 113 ? 11.455  -6.075  -8.697  0.50 37.63 ? 77  CYS A C     1 
ATOM   610  O O     . CYS A 1 113 ? 10.890  -5.500  -7.787  0.50 32.33 ? 77  CYS A O     1 
ATOM   611  C CB    . CYS A 1 113 ? 11.357  -8.539  -8.578  0.50 33.85 ? 77  CYS A CB    1 
ATOM   612  S SG    . CYS A 1 113 ? 9.946   -8.378  -7.509  0.50 33.32 ? 77  CYS A SG    1 
ATOM   613  N N     . THR A 1 114 ? 11.404  -5.660  -9.962  1.00 41.70 ? 78  THR A N     1 
ATOM   614  C CA    . THR A 1 114 ? 10.727  -4.457  -10.381 1.00 44.03 ? 78  THR A CA    1 
ATOM   615  C C     . THR A 1 114 ? 9.393   -4.667  -11.164 1.00 47.82 ? 78  THR A C     1 
ATOM   616  O O     . THR A 1 114 ? 8.978   -5.814  -11.421 1.00 41.64 ? 78  THR A O     1 
ATOM   617  C CB    . THR A 1 114 ? 11.675  -3.557  -11.163 1.00 46.32 ? 78  THR A CB    1 
ATOM   618  O OG1   . THR A 1 114 ? 12.083  -4.217  -12.365 1.00 53.24 ? 78  THR A OG1   1 
ATOM   619  C CG2   . THR A 1 114 ? 12.897  -3.175  -10.311 1.00 41.72 ? 78  THR A CG2   1 
ATOM   620  N N     . ARG A 1 115 ? 8.680   -3.548  -11.414 1.00 46.38 ? 79  ARG A N     1 
ATOM   621  C CA    . ARG A 1 115 ? 7.424   -3.527  -12.211 1.00 45.55 ? 79  ARG A CA    1 
ATOM   622  C C     . ARG A 1 115 ? 7.278   -2.161  -12.821 1.00 44.22 ? 79  ARG A C     1 
ATOM   623  O O     . ARG A 1 115 ? 7.685   -1.183  -12.238 1.00 50.86 ? 79  ARG A O     1 
ATOM   624  C CB    . ARG A 1 115 ? 6.173   -3.884  -11.405 1.00 44.30 ? 79  ARG A CB    1 
ATOM   625  C CG    . ARG A 1 115 ? 5.698   -2.797  -10.451 1.00 47.87 ? 79  ARG A CG    1 
ATOM   626  C CD    . ARG A 1 115 ? 4.677   -3.281  -9.437  1.00 45.01 ? 79  ARG A CD    1 
ATOM   627  N NE    . ARG A 1 115 ? 4.384   -2.274  -8.410  1.00 44.59 ? 79  ARG A NE    1 
ATOM   628  C CZ    . ARG A 1 115 ? 3.537   -2.453  -7.391  1.00 42.36 ? 79  ARG A CZ    1 
ATOM   629  N NH1   . ARG A 1 115 ? 3.362   -1.483  -6.503  1.00 45.63 ? 79  ARG A NH1   1 
ATOM   630  N NH2   . ARG A 1 115 ? 2.878   -3.593  -7.229  1.00 37.89 ? 79  ARG A NH2   1 
ATOM   631  N N     . ASP A 1 116 ? 6.728   -2.097  -14.023 1.00 53.29 ? 80  ASP A N     1 
ATOM   632  C CA    . ASP A 1 116 ? 6.486   -0.828  -14.660 1.00 54.08 ? 80  ASP A CA    1 
ATOM   633  C C     . ASP A 1 116 ? 5.018   -0.632  -14.725 1.00 50.87 ? 80  ASP A C     1 
ATOM   634  O O     . ASP A 1 116 ? 4.315   -1.436  -15.306 1.00 50.82 ? 80  ASP A O     1 
ATOM   635  C CB    . ASP A 1 116 ? 7.129   -0.796  -16.014 1.00 60.35 ? 80  ASP A CB    1 
ATOM   636  C CG    . ASP A 1 116 ? 8.620   -0.771  -15.894 1.00 62.48 ? 80  ASP A CG    1 
ATOM   637  O OD1   . ASP A 1 116 ? 9.120   0.226   -15.331 1.00 65.55 ? 80  ASP A OD1   1 
ATOM   638  O OD2   . ASP A 1 116 ? 9.269   -1.760  -16.291 1.00 62.86 ? 80  ASP A OD2   1 
ATOM   639  N N     . VAL A 1 117 ? 4.573   0.397   -14.016 1.00 45.75 ? 81  VAL A N     1 
ATOM   640  C CA    . VAL A 1 117 ? 3.163   0.713   -13.916 1.00 47.55 ? 81  VAL A CA    1 
ATOM   641  C C     . VAL A 1 117 ? 2.896   1.856   -14.847 1.00 41.96 ? 81  VAL A C     1 
ATOM   642  O O     . VAL A 1 117 ? 3.649   2.839   -14.902 1.00 41.39 ? 81  VAL A O     1 
ATOM   643  C CB    . VAL A 1 117 ? 2.752   1.166   -12.500 1.00 48.01 ? 81  VAL A CB    1 
ATOM   644  C CG1   . VAL A 1 117 ? 1.423   1.908   -12.546 1.00 50.84 ? 81  VAL A CG1   1 
ATOM   645  C CG2   . VAL A 1 117 ? 2.632   -0.037  -11.580 1.00 47.51 ? 81  VAL A CG2   1 
ATOM   646  N N     . ILE A 1 118 ? 1.806   1.719   -15.567 1.00 38.77 ? 82  ILE A N     1 
ATOM   647  C CA    . ILE A 1 118 ? 1.308   2.789   -16.390 1.00 39.65 ? 82  ILE A CA    1 
ATOM   648  C C     . ILE A 1 118 ? 0.036   3.276   -15.761 1.00 37.30 ? 82  ILE A C     1 
ATOM   649  O O     . ILE A 1 118 ? -0.892  2.470   -15.444 1.00 39.75 ? 82  ILE A O     1 
ATOM   650  C CB    . ILE A 1 118 ? 1.031   2.308   -17.821 1.00 42.38 ? 82  ILE A CB    1 
ATOM   651  C CG1   . ILE A 1 118 ? 2.328   1.733   -18.423 1.00 42.32 ? 82  ILE A CG1   1 
ATOM   652  C CG2   . ILE A 1 118 ? 0.403   3.447   -18.634 1.00 40.27 ? 82  ILE A CG2   1 
ATOM   653  C CD1   . ILE A 1 118 ? 2.164   1.127   -19.820 1.00 43.18 ? 82  ILE A CD1   1 
ATOM   654  N N     . VAL A 1 119 ? -0.055  4.588   -15.592 1.00 40.62 ? 83  VAL A N     1 
ATOM   655  C CA    . VAL A 1 119 ? -1.267  5.155   -14.944 1.00 43.24 ? 83  VAL A CA    1 
ATOM   656  C C     . VAL A 1 119 ? -2.265  5.538   -16.030 1.00 39.93 ? 83  VAL A C     1 
ATOM   657  O O     . VAL A 1 119 ? -1.890  5.661   -17.217 1.00 36.44 ? 83  VAL A O     1 
ATOM   658  C CB    . VAL A 1 119 ? -0.929  6.321   -13.980 1.00 45.00 ? 83  VAL A CB    1 
ATOM   659  C CG1   . VAL A 1 119 ? -0.920  7.674   -14.653 1.00 44.74 ? 83  VAL A CG1   1 
ATOM   660  C CG2   . VAL A 1 119 ? -1.942  6.373   -12.870 1.00 53.88 ? 83  VAL A CG2   1 
ATOM   661  N N     . ILE A 1 120 ? -3.525  5.719   -15.626 1.00 39.29 ? 84  ILE A N     1 
ATOM   662  C CA    . ILE A 1 120 ? -4.570  6.138   -16.533 1.00 41.05 ? 84  ILE A CA    1 
ATOM   663  C C     . ILE A 1 120 ? -4.405  7.577   -17.050 1.00 44.24 ? 84  ILE A C     1 
ATOM   664  O O     . ILE A 1 120 ? -3.636  8.398   -16.507 1.00 38.11 ? 84  ILE A O     1 
ATOM   665  C CB    . ILE A 1 120 ? -5.981  5.976   -15.923 1.00 45.57 ? 84  ILE A CB    1 
ATOM   666  C CG1   . ILE A 1 120 ? -6.230  6.923   -14.731 1.00 45.24 ? 84  ILE A CG1   1 
ATOM   667  C CG2   . ILE A 1 120 ? -6.225  4.534   -15.526 1.00 45.29 ? 84  ILE A CG2   1 
ATOM   668  C CD1   . ILE A 1 120 ? -7.691  6.869   -14.318 1.00 42.71 ? 84  ILE A CD1   1 
ATOM   669  N N     . SER A 1 121 ? -5.121  7.856   -18.135 1.00 38.89 ? 85  SER A N     1 
ATOM   670  C CA    . SER A 1 121 ? -5.150  9.202   -18.692 1.00 45.97 ? 85  SER A CA    1 
ATOM   671  C C     . SER A 1 121 ? -5.770  10.294  -17.797 1.00 39.93 ? 85  SER A C     1 
ATOM   672  O O     . SER A 1 121 ? -6.702  10.061  -17.048 1.00 41.02 ? 85  SER A O     1 
ATOM   673  C CB    . SER A 1 121 ? -5.866  9.173   -20.035 1.00 46.24 ? 85  SER A CB    1 
ATOM   674  O OG    . SER A 1 121 ? -5.033  8.483   -20.944 1.00 57.10 ? 85  SER A OG    1 
ATOM   675  N N     . GLY A 1 122 ? -5.210  11.494  -17.905 1.00 43.01 ? 86  GLY A N     1 
ATOM   676  C CA    . GLY A 1 122 ? -5.757  12.686  -17.273 1.00 43.16 ? 86  GLY A CA    1 
ATOM   677  C C     . GLY A 1 122 ? -5.206  12.946  -15.902 1.00 41.87 ? 86  GLY A C     1 
ATOM   678  O O     . GLY A 1 122 ? -5.726  13.819  -15.175 1.00 39.99 ? 86  GLY A O     1 
ATOM   679  N N     . LEU A 1 123 ? -4.189  12.168  -15.521 1.00 40.79 ? 87  LEU A N     1 
ATOM   680  C CA    . LEU A 1 123 ? -3.481  12.400  -14.257 1.00 38.50 ? 87  LEU A CA    1 
ATOM   681  C C     . LEU A 1 123 ? -2.191  13.087  -14.532 1.00 39.62 ? 87  LEU A C     1 
ATOM   682  O O     . LEU A 1 123 ? -1.704  13.110  -15.676 1.00 42.95 ? 87  LEU A O     1 
ATOM   683  C CB    . LEU A 1 123 ? -3.184  11.088  -13.556 1.00 37.81 ? 87  LEU A CB    1 
ATOM   684  C CG    . LEU A 1 123 ? -4.424  10.416  -13.007 1.00 37.90 ? 87  LEU A CG    1 
ATOM   685  C CD1   . LEU A 1 123 ? -4.012  9.036   -12.581 1.00 35.69 ? 87  LEU A CD1   1 
ATOM   686  C CD2   . LEU A 1 123 ? -5.082  11.149  -11.852 1.00 40.46 ? 87  LEU A CD2   1 
ATOM   687  N N     . PRO A 1 124 ? -1.578  13.624  -13.480 1.00 43.56 ? 88  PRO A N     1 
ATOM   688  C CA    . PRO A 1 124 ? -0.371  14.391  -13.700 1.00 47.62 ? 88  PRO A CA    1 
ATOM   689  C C     . PRO A 1 124 ? 0.874   13.472  -13.601 1.00 50.54 ? 88  PRO A C     1 
ATOM   690  O O     . PRO A 1 124 ? 2.016   13.929  -13.456 1.00 54.56 ? 88  PRO A O     1 
ATOM   691  C CB    . PRO A 1 124 ? -0.464  15.413  -12.598 1.00 43.91 ? 88  PRO A CB    1 
ATOM   692  C CG    . PRO A 1 124 ? -1.079  14.678  -11.480 1.00 43.93 ? 88  PRO A CG    1 
ATOM   693  C CD    . PRO A 1 124 ? -1.902  13.558  -12.052 1.00 44.25 ? 88  PRO A CD    1 
ATOM   694  N N     . ALA A 1 125 ? 0.636   12.175  -13.743 1.00 49.85 ? 89  ALA A N     1 
ATOM   695  C CA    . ALA A 1 125 ? 1.705   11.174  -13.867 1.00 47.82 ? 89  ALA A CA    1 
ATOM   696  C C     . ALA A 1 125 ? 1.360   10.289  -15.060 1.00 43.64 ? 89  ALA A C     1 
ATOM   697  O O     . ALA A 1 125 ? 0.179   10.201  -15.445 1.00 47.87 ? 89  ALA A O     1 
ATOM   698  C CB    . ALA A 1 125 ? 1.797   10.355  -12.595 1.00 44.77 ? 89  ALA A CB    1 
ATOM   699  N N     . ASN A 1 126 ? 2.384   9.704   -15.687 1.00 44.37 ? 90  ASN A N     1 
ATOM   700  C CA    . ASN A 1 126 ? 2.224   8.711   -16.763 1.00 42.52 ? 90  ASN A CA    1 
ATOM   701  C C     . ASN A 1 126 ? 2.609   7.287   -16.330 1.00 38.84 ? 90  ASN A C     1 
ATOM   702  O O     . ASN A 1 126 ? 1.886   6.299   -16.554 1.00 34.23 ? 90  ASN A O     1 
ATOM   703  C CB    . ASN A 1 126 ? 3.098   9.079   -17.970 1.00 46.59 ? 90  ASN A CB    1 
ATOM   704  C CG    . ASN A 1 126 ? 2.797   10.454  -18.522 1.00 48.49 ? 90  ASN A CG    1 
ATOM   705  O OD1   . ASN A 1 126 ? 3.696   11.144  -19.017 1.00 42.42 ? 90  ASN A OD1   1 
ATOM   706  N ND2   . ASN A 1 126 ? 1.538   10.872  -18.434 1.00 46.91 ? 90  ASN A ND2   1 
ATOM   707  N N     . THR A 1 127 ? 3.764   7.186   -15.710 1.00 36.21 ? 91  THR A N     1 
ATOM   708  C CA    . THR A 1 127 ? 4.311   5.881   -15.384 1.00 43.39 ? 91  THR A CA    1 
ATOM   709  C C     . THR A 1 127 ? 5.045   5.877   -14.038 1.00 43.50 ? 91  THR A C     1 
ATOM   710  O O     . THR A 1 127 ? 5.491   6.943   -13.523 1.00 41.23 ? 91  THR A O     1 
ATOM   711  C CB    . THR A 1 127 ? 5.282   5.428   -16.509 1.00 42.98 ? 91  THR A CB    1 
ATOM   712  O OG1   . THR A 1 127 ? 5.705   4.083   -16.275 1.00 60.96 ? 91  THR A OG1   1 
ATOM   713  C CG2   . THR A 1 127 ? 6.490   6.307   -16.553 1.00 42.86 ? 91  THR A CG2   1 
ATOM   714  N N     . SER A 1 128 ? 5.197   4.668   -13.492 1.00 45.84 ? 92  SER A N     1 
ATOM   715  C CA    . SER A 1 128 ? 6.039   4.468   -12.324 1.00 44.63 ? 92  SER A CA    1 
ATOM   716  C C     . SER A 1 128 ? 6.730   3.119   -12.345 1.00 40.20 ? 92  SER A C     1 
ATOM   717  O O     . SER A 1 128 ? 6.113   2.098   -12.647 1.00 36.79 ? 92  SER A O     1 
ATOM   718  C CB    . SER A 1 128 ? 5.215   4.532   -11.048 1.00 45.34 ? 92  SER A CB    1 
ATOM   719  O OG    . SER A 1 128 ? 6.084   4.696   -9.931  1.00 45.76 ? 92  SER A OG    1 
ATOM   720  N N     . THR A 1 129 ? 7.996   3.128   -11.968 1.00 38.30 ? 93  THR A N     1 
ATOM   721  C CA    . THR A 1 129 ? 8.765   1.888   -11.871 1.00 45.44 ? 93  THR A CA    1 
ATOM   722  C C     . THR A 1 129 ? 9.174   1.631   -10.403 1.00 39.79 ? 93  THR A C     1 
ATOM   723  O O     . THR A 1 129 ? 9.695   2.516   -9.712  1.00 41.55 ? 93  THR A O     1 
ATOM   724  C CB    . THR A 1 129 ? 9.923   1.826   -12.904 1.00 45.75 ? 93  THR A CB    1 
ATOM   725  O OG1   . THR A 1 129 ? 10.877  0.840   -12.490 1.00 52.84 ? 93  THR A OG1   1 
ATOM   726  C CG2   . THR A 1 129 ? 10.601  3.098   -13.055 1.00 44.96 ? 93  THR A CG2   1 
ATOM   727  N N     . GLU A 1 130 ? 8.896   0.413   -9.954  1.00 39.82 ? 94  GLU A N     1 
ATOM   728  C CA    . GLU A 1 130 ? 8.836   0.056   -8.540  1.00 41.28 ? 94  GLU A CA    1 
ATOM   729  C C     . GLU A 1 130 ? 9.549   -1.255  -8.194  1.00 47.85 ? 94  GLU A C     1 
ATOM   730  O O     . GLU A 1 130 ? 9.285   -2.312  -8.753  1.00 48.88 ? 94  GLU A O     1 
ATOM   731  C CB    . GLU A 1 130 ? 7.345   0.012   -8.112  1.00 38.44 ? 94  GLU A CB    1 
ATOM   732  C CG    . GLU A 1 130 ? 6.668   1.268   -8.651  1.00 36.55 ? 94  GLU A CG    1 
ATOM   733  C CD    . GLU A 1 130 ? 5.233   1.509   -8.312  1.00 35.34 ? 94  GLU A CD    1 
ATOM   734  O OE1   . GLU A 1 130 ? 4.458   0.563   -8.022  1.00 36.99 ? 94  GLU A OE1   1 
ATOM   735  O OE2   . GLU A 1 130 ? 4.875   2.696   -8.492  1.00 34.53 ? 94  GLU A OE2   1 
ATOM   736  N N     . ARG A 1 131 ? 10.454  -1.153  -7.223  1.00 53.52 ? 95  ARG A N     1 
ATOM   737  C CA    . ARG A 1 131 ? 11.160  -2.284  -6.650  1.00 45.70 ? 95  ARG A CA    1 
ATOM   738  C C     . ARG A 1 131 ? 10.465  -2.833  -5.359  1.00 41.81 ? 95  ARG A C     1 
ATOM   739  O O     . ARG A 1 131 ? 10.239  -2.094  -4.406  1.00 43.38 ? 95  ARG A O     1 
ATOM   740  C CB    . ARG A 1 131 ? 12.600  -1.829  -6.352  1.00 46.16 ? 95  ARG A CB    1 
ATOM   741  C CG    . ARG A 1 131 ? 13.497  -2.911  -5.751  1.00 48.79 ? 95  ARG A CG    1 
ATOM   742  C CD    . ARG A 1 131 ? 14.115  -2.441  -4.455  1.00 49.68 ? 95  ARG A CD    1 
ATOM   743  N NE    . ARG A 1 131 ? 14.944  -1.278  -4.711  1.00 53.31 ? 95  ARG A NE    1 
ATOM   744  C CZ    . ARG A 1 131 ? 15.138  -0.255  -3.881  1.00 55.60 ? 95  ARG A CZ    1 
ATOM   745  N NH1   . ARG A 1 131 ? 14.542  -0.194  -2.701  1.00 64.18 ? 95  ARG A NH1   1 
ATOM   746  N NH2   . ARG A 1 131 ? 15.932  0.738   -4.249  1.00 60.10 ? 95  ARG A NH2   1 
ATOM   747  N N     . LEU A 1 132 ? 10.122  -4.119  -5.319  1.00 41.15 ? 96  LEU A N     1 
ATOM   748  C CA    . LEU A 1 132 ? 9.578   -4.717  -4.103  1.00 45.06 ? 96  LEU A CA    1 
ATOM   749  C C     . LEU A 1 132 ? 10.679  -4.789  -3.079  1.00 50.25 ? 96  LEU A C     1 
ATOM   750  O O     . LEU A 1 132 ? 11.699  -5.455  -3.329  1.00 52.47 ? 96  LEU A O     1 
ATOM   751  C CB    . LEU A 1 132 ? 9.103   -6.117  -4.374  1.00 46.27 ? 96  LEU A CB    1 
ATOM   752  C CG    . LEU A 1 132 ? 8.569   -6.923  -3.212  1.00 47.46 ? 96  LEU A CG    1 
ATOM   753  C CD1   . LEU A 1 132 ? 7.198   -6.417  -2.831  1.00 52.16 ? 96  LEU A CD1   1 
ATOM   754  C CD2   . LEU A 1 132 ? 8.460   -8.382  -3.611  1.00 47.64 ? 96  LEU A CD2   1 
ATOM   755  N N     . ASP A 1 133 ? 10.485  -4.120  -1.938  1.00 42.85 ? 97  ASP A N     1 
ATOM   756  C CA    . ASP A 1 133 ? 11.487  -4.076  -0.880  1.00 43.45 ? 97  ASP A CA    1 
ATOM   757  C C     . ASP A 1 133 ? 11.252  -5.134  0.209   1.00 46.44 ? 97  ASP A C     1 
ATOM   758  O O     . ASP A 1 133 ? 12.161  -5.404  0.988   1.00 51.42 ? 97  ASP A O     1 
ATOM   759  C CB    . ASP A 1 133 ? 11.473  -2.722  -0.163  1.00 42.75 ? 97  ASP A CB    1 
ATOM   760  C CG    . ASP A 1 133 ? 11.769  -1.555  -1.063  1.00 42.77 ? 97  ASP A CG    1 
ATOM   761  O OD1   . ASP A 1 133 ? 12.705  -1.658  -1.854  1.00 37.12 ? 97  ASP A OD1   1 
ATOM   762  O OD2   . ASP A 1 133 ? 11.103  -0.486  -0.910  1.00 39.10 ? 97  ASP A OD2   1 
ATOM   763  N N     . ILE A 1 134 ? 10.033  -5.670  0.322   1.00 44.66 ? 98  ILE A N     1 
ATOM   764  C CA    . ILE A 1 134 ? 9.696   -6.609  1.414   1.00 42.95 ? 98  ILE A CA    1 
ATOM   765  C C     . ILE A 1 134 ? 8.568   -7.511  0.984   1.00 46.52 ? 98  ILE A C     1 
ATOM   766  O O     . ILE A 1 134 ? 7.635   -7.044  0.364   1.00 45.31 ? 98  ILE A O     1 
ATOM   767  C CB    . ILE A 1 134 ? 9.161   -5.912  2.690   1.00 45.82 ? 98  ILE A CB    1 
ATOM   768  C CG1   . ILE A 1 134 ? 10.023  -4.709  3.114   1.00 50.40 ? 98  ILE A CG1   1 
ATOM   769  C CG2   . ILE A 1 134 ? 9.027   -6.912  3.835   1.00 40.97 ? 98  ILE A CG2   1 
ATOM   770  C CD1   . ILE A 1 134 ? 9.397   -3.824  4.189   1.00 46.97 ? 98  ILE A CD1   1 
ATOM   771  N N     . LEU A 1 135 ? 8.659   -8.796  1.329   1.00 50.60 ? 99  LEU A N     1 
ATOM   772  C CA    . LEU A 1 135 ? 7.510   -9.686  1.308   1.00 53.97 ? 99  LEU A CA    1 
ATOM   773  C C     . LEU A 1 135 ? 7.633   -10.790 2.360   1.00 53.88 ? 99  LEU A C     1 
ATOM   774  O O     . LEU A 1 135 ? 8.373   -11.732 2.177   1.00 54.22 ? 99  LEU A O     1 
ATOM   775  C CB    . LEU A 1 135 ? 7.320   -10.309 -0.081  1.00 56.23 ? 99  LEU A CB    1 
ATOM   776  C CG    . LEU A 1 135 ? 6.124   -11.262 -0.137  1.00 53.18 ? 99  LEU A CG    1 
ATOM   777  C CD1   . LEU A 1 135 ? 4.855   -10.485 0.126   1.00 57.76 ? 99  LEU A CD1   1 
ATOM   778  C CD2   . LEU A 1 135 ? 6.026   -11.956 -1.461  1.00 52.67 ? 99  LEU A CD2   1 
ATOM   779  N N     . ASP A 1 136 ? 6.907   -10.650 3.458   1.00 53.57 ? 100 ASP A N     1 
ATOM   780  C CA    . ASP A 1 136 ? 6.873   -11.628 4.533   1.00 49.42 ? 100 ASP A CA    1 
ATOM   781  C C     . ASP A 1 136 ? 5.484   -12.238 4.552   1.00 48.17 ? 100 ASP A C     1 
ATOM   782  O O     . ASP A 1 136 ? 4.543   -11.646 5.067   1.00 46.61 ? 100 ASP A O     1 
ATOM   783  C CB    . ASP A 1 136 ? 7.203   -10.947 5.856   1.00 47.15 ? 100 ASP A CB    1 
ATOM   784  C CG    . ASP A 1 136 ? 7.278   -11.917 7.046   1.00 56.38 ? 100 ASP A CG    1 
ATOM   785  O OD1   . ASP A 1 136 ? 6.518   -12.892 7.129   1.00 50.50 ? 100 ASP A OD1   1 
ATOM   786  O OD2   . ASP A 1 136 ? 8.060   -11.656 7.973   1.00 65.32 ? 100 ASP A OD2   1 
ATOM   787  N N     . ASP A 1 137 ? 5.349   -13.434 3.976   1.00 53.96 ? 101 ASP A N     1 
ATOM   788  C CA    . ASP A 1 137 ? 4.050   -14.162 3.973   1.00 55.74 ? 101 ASP A CA    1 
ATOM   789  C C     . ASP A 1 137 ? 3.650   -14.623 5.359   1.00 56.09 ? 101 ASP A C     1 
ATOM   790  O O     . ASP A 1 137 ? 2.457   -14.783 5.657   1.00 60.80 ? 101 ASP A O     1 
ATOM   791  C CB    . ASP A 1 137 ? 4.068   -15.354 3.016   1.00 52.18 ? 101 ASP A CB    1 
ATOM   792  C CG    . ASP A 1 137 ? 3.980   -14.931 1.578   1.00 56.12 ? 101 ASP A CG    1 
ATOM   793  O OD1   . ASP A 1 137 ? 2.988   -14.270 1.250   1.00 60.14 ? 101 ASP A OD1   1 
ATOM   794  O OD2   . ASP A 1 137 ? 4.887   -15.238 0.775   1.00 56.53 ? 101 ASP A OD2   1 
ATOM   795  N N     . GLU A 1 138 ? 4.640   -14.823 6.212   1.00 53.51 ? 102 GLU A N     1 
ATOM   796  C CA    . GLU A 1 138 ? 4.367   -15.199 7.596   1.00 57.17 ? 102 GLU A CA    1 
ATOM   797  C C     . GLU A 1 138 ? 3.647   -14.078 8.342   1.00 54.59 ? 102 GLU A C     1 
ATOM   798  O O     . GLU A 1 138 ? 2.680   -14.321 9.047   1.00 60.23 ? 102 GLU A O     1 
ATOM   799  C CB    . GLU A 1 138 ? 5.655   -15.633 8.347   1.00 56.00 ? 102 GLU A CB    1 
ATOM   800  C CG    . GLU A 1 138 ? 6.046   -17.082 8.095   1.00 58.38 ? 102 GLU A CG    1 
ATOM   801  C CD    . GLU A 1 138 ? 4.922   -18.034 8.441   1.00 59.08 ? 102 GLU A CD    1 
ATOM   802  O OE1   . GLU A 1 138 ? 4.380   -17.950 9.575   1.00 56.44 ? 102 GLU A OE1   1 
ATOM   803  O OE2   . GLU A 1 138 ? 4.565   -18.852 7.567   1.00 61.51 ? 102 GLU A OE2   1 
ATOM   804  N N     . ARG A 1 139 ? 4.129   -12.853 8.188   1.00 57.77 ? 103 ARG A N     1 
ATOM   805  C CA    . ARG A 1 139 ? 3.632   -11.740 8.994   1.00 55.70 ? 103 ARG A CA    1 
ATOM   806  C C     . ARG A 1 139 ? 2.766   -10.789 8.196   1.00 47.01 ? 103 ARG A C     1 
ATOM   807  O O     . ARG A 1 139 ? 2.218   -9.863  8.749   1.00 46.98 ? 103 ARG A O     1 
ATOM   808  C CB    . ARG A 1 139 ? 4.828   -11.010 9.613   1.00 61.55 ? 103 ARG A CB    1 
ATOM   809  C CG    . ARG A 1 139 ? 5.664   -11.968 10.466  1.00 65.46 ? 103 ARG A CG    1 
ATOM   810  C CD    . ARG A 1 139 ? 6.602   -11.238 11.388  1.00 62.78 ? 103 ARG A CD    1 
ATOM   811  N NE    . ARG A 1 139 ? 5.913   -10.548 12.481  1.00 64.42 ? 103 ARG A NE    1 
ATOM   812  C CZ    . ARG A 1 139 ? 6.509   -9.649  13.267  1.00 63.65 ? 103 ARG A CZ    1 
ATOM   813  N NH1   . ARG A 1 139 ? 7.794   -9.350  13.075  1.00 55.66 ? 103 ARG A NH1   1 
ATOM   814  N NH2   . ARG A 1 139 ? 5.827   -9.047  14.235  1.00 62.62 ? 103 ARG A NH2   1 
ATOM   815  N N     . ARG A 1 140 ? 2.692   -11.026 6.891   1.00 48.79 ? 104 ARG A N     1 
ATOM   816  C CA    . ARG A 1 140 ? 1.847   -10.288 5.962   1.00 45.68 ? 104 ARG A CA    1 
ATOM   817  C C     . ARG A 1 140 ? 2.306   -8.867  5.920   1.00 39.50 ? 104 ARG A C     1 
ATOM   818  O O     . ARG A 1 140 ? 1.626   -7.960  6.392   1.00 38.28 ? 104 ARG A O     1 
ATOM   819  C CB    . ARG A 1 140 ? 0.401   -10.399 6.373   1.00 46.00 ? 104 ARG A CB    1 
ATOM   820  C CG    . ARG A 1 140 ? -0.093  -11.822 6.261   1.00 48.46 ? 104 ARG A CG    1 
ATOM   821  C CD    . ARG A 1 140 ? -1.354  -12.006 7.063   1.00 47.56 ? 104 ARG A CD    1 
ATOM   822  N NE    . ARG A 1 140 ? -2.014  -13.246 6.687   1.00 51.61 ? 104 ARG A NE    1 
ATOM   823  C CZ    . ARG A 1 140 ? -2.962  -13.844 7.407   1.00 55.77 ? 104 ARG A CZ    1 
ATOM   824  N NH1   . ARG A 1 140 ? -3.390  -13.322 8.585   1.00 58.17 ? 104 ARG A NH1   1 
ATOM   825  N NH2   . ARG A 1 140 ? -3.486  -14.969 6.944   1.00 55.06 ? 104 ARG A NH2   1 
ATOM   826  N N     . VAL A 1 141 ? 3.499   -8.696  5.400   1.00 38.07 ? 105 VAL A N     1 
ATOM   827  C CA    . VAL A 1 141 ? 4.053   -7.386  5.233   1.00 39.94 ? 105 VAL A CA    1 
ATOM   828  C C     . VAL A 1 141 ? 4.688   -7.297  3.848   1.00 41.35 ? 105 VAL A C     1 
ATOM   829  O O     . VAL A 1 141 ? 5.505   -8.138  3.508   1.00 46.16 ? 105 VAL A O     1 
ATOM   830  C CB    . VAL A 1 141 ? 5.105   -7.146  6.290   1.00 43.54 ? 105 VAL A CB    1 
ATOM   831  C CG1   . VAL A 1 141 ? 5.528   -5.685  6.273   1.00 52.51 ? 105 VAL A CG1   1 
ATOM   832  C CG2   . VAL A 1 141 ? 4.584   -7.539  7.652   1.00 46.82 ? 105 VAL A CG2   1 
ATOM   833  N N     . THR A 1 142 ? 4.286   -6.304  3.049   1.00 37.40 ? 106 THR A N     1 
ATOM   834  C CA    . THR A 1 142 ? 4.994   -5.917  1.819   1.00 37.94 ? 106 THR A CA    1 
ATOM   835  C C     . THR A 1 142 ? 5.411   -4.463  1.907   1.00 34.87 ? 106 THR A C     1 
ATOM   836  O O     . THR A 1 142 ? 4.953   -3.736  2.741   1.00 32.21 ? 106 THR A O     1 
ATOM   837  C CB    . THR A 1 142 ? 4.131   -5.900  0.518   1.00 36.94 ? 106 THR A CB    1 
ATOM   838  O OG1   . THR A 1 142 ? 2.726   -5.981  0.821   1.00 48.85 ? 106 THR A OG1   1 
ATOM   839  C CG2   . THR A 1 142 ? 4.518   -6.917  -0.375  1.00 35.75 ? 106 THR A CG2   1 
ATOM   840  N N     . GLY A 1 143 ? 6.208   -4.047  0.950   1.00 39.77 ? 107 GLY A N     1 
ATOM   841  C CA    . GLY A 1 143 ? 6.549   -2.656  0.794   1.00 40.02 ? 107 GLY A CA    1 
ATOM   842  C C     . GLY A 1 143 ? 7.322   -2.555  -0.489  1.00 41.91 ? 107 GLY A C     1 
ATOM   843  O O     . GLY A 1 143 ? 7.916   -3.548  -0.962  1.00 36.30 ? 107 GLY A O     1 
ATOM   844  N N     . PHE A 1 144 ? 7.334   -1.358  -1.040  1.00 36.88 ? 108 PHE A N     1 
ATOM   845  C CA    . PHE A 1 144 ? 7.992   -1.123  -2.282  1.00 37.81 ? 108 PHE A CA    1 
ATOM   846  C C     . PHE A 1 144 ? 8.527   0.324   -2.322  1.00 38.55 ? 108 PHE A C     1 
ATOM   847  O O     . PHE A 1 144 ? 8.157   1.170   -1.512  1.00 36.89 ? 108 PHE A O     1 
ATOM   848  C CB    . PHE A 1 144 ? 7.005   -1.409  -3.429  1.00 43.06 ? 108 PHE A CB    1 
ATOM   849  C CG    . PHE A 1 144 ? 5.918   -0.370  -3.585  1.00 36.45 ? 108 PHE A CG    1 
ATOM   850  C CD1   . PHE A 1 144 ? 6.093   0.683   -4.437  1.00 39.58 ? 108 PHE A CD1   1 
ATOM   851  C CD2   . PHE A 1 144 ? 4.729   -0.472  -2.892  1.00 36.10 ? 108 PHE A CD2   1 
ATOM   852  C CE1   . PHE A 1 144 ? 5.108   1.649   -4.590  1.00 40.36 ? 108 PHE A CE1   1 
ATOM   853  C CE2   . PHE A 1 144 ? 3.715   0.490   -3.029  1.00 34.82 ? 108 PHE A CE2   1 
ATOM   854  C CZ    . PHE A 1 144 ? 3.902   1.536   -3.901  1.00 37.06 ? 108 PHE A CZ    1 
ATOM   855  N N     . SER A 1 145 ? 9.450   0.581   -3.230  1.00 38.77 ? 109 SER A N     1 
ATOM   856  C CA    . SER A 1 145 ? 9.975   1.913   -3.410  1.00 38.20 ? 109 SER A CA    1 
ATOM   857  C C     . SER A 1 145 ? 9.782   2.292   -4.848  1.00 37.10 ? 109 SER A C     1 
ATOM   858  O O     . SER A 1 145 ? 9.980   1.504   -5.718  1.00 40.08 ? 109 SER A O     1 
ATOM   859  C CB    . SER A 1 145 ? 11.450  1.988   -3.041  1.00 39.15 ? 109 SER A CB    1 
ATOM   860  O OG    . SER A 1 145 ? 11.679  1.456   -1.754  1.00 43.22 ? 109 SER A OG    1 
ATOM   861  N N     . ILE A 1 146 ? 9.404   3.535   -5.087  1.00 44.79 ? 110 ILE A N     1 
ATOM   862  C CA    . ILE A 1 146 ? 9.331   4.058   -6.426  1.00 40.60 ? 110 ILE A CA    1 
ATOM   863  C C     . ILE A 1 146 ? 10.704  4.589   -6.789  1.00 43.60 ? 110 ILE A C     1 
ATOM   864  O O     . ILE A 1 146 ? 11.096  5.648   -6.300  1.00 41.06 ? 110 ILE A O     1 
ATOM   865  C CB    . ILE A 1 146 ? 8.303   5.187   -6.524  1.00 37.89 ? 110 ILE A CB    1 
ATOM   866  C CG1   . ILE A 1 146 ? 6.926   4.700   -6.044  1.00 34.42 ? 110 ILE A CG1   1 
ATOM   867  C CG2   . ILE A 1 146 ? 8.265   5.729   -7.953  1.00 39.62 ? 110 ILE A CG2   1 
ATOM   868  C CD1   . ILE A 1 146 ? 5.838   5.752   -6.150  1.00 35.76 ? 110 ILE A CD1   1 
ATOM   869  N N     . ILE A 1 147 ? 11.381  3.896   -7.714  1.00 49.17 ? 111 ILE A N     1 
ATOM   870  C CA    . ILE A 1 147 ? 12.754  4.246   -8.130  1.00 49.46 ? 111 ILE A CA    1 
ATOM   871  C C     . ILE A 1 147 ? 12.901  4.944   -9.478  1.00 48.64 ? 111 ILE A C     1 
ATOM   872  O O     . ILE A 1 147 ? 14.028  5.237   -9.907  1.00 49.08 ? 111 ILE A O     1 
ATOM   873  C CB    . ILE A 1 147 ? 13.672  3.006   -8.143  1.00 51.70 ? 111 ILE A CB    1 
ATOM   874  C CG1   . ILE A 1 147 ? 13.543  2.192   -9.458  1.00 51.72 ? 111 ILE A CG1   1 
ATOM   875  C CG2   . ILE A 1 147 ? 13.446  2.189   -6.868  1.00 50.81 ? 111 ILE A CG2   1 
ATOM   876  C CD1   . ILE A 1 147 ? 12.598  0.998   -9.397  1.00 51.51 ? 111 ILE A CD1   1 
ATOM   877  N N     . GLY A 1 148 ? 11.786  5.153   -10.176 1.00 50.13 ? 112 GLY A N     1 
ATOM   878  C CA    . GLY A 1 148 ? 11.776  6.003   -11.384 1.00 44.26 ? 112 GLY A CA    1 
ATOM   879  C C     . GLY A 1 148 ? 10.422  6.084   -12.053 1.00 43.18 ? 112 GLY A C     1 
ATOM   880  O O     . GLY A 1 148 ? 9.489   5.444   -11.652 1.00 37.79 ? 112 GLY A O     1 
ATOM   881  N N     . GLY A 1 149 ? 10.326  6.828   -13.128 1.00 40.62 ? 113 GLY A N     1 
ATOM   882  C CA    . GLY A 1 149 ? 9.070   6.934   -13.831 1.00 41.91 ? 113 GLY A CA    1 
ATOM   883  C C     . GLY A 1 149 ? 8.800   8.383   -14.154 1.00 42.70 ? 113 GLY A C     1 
ATOM   884  O O     . GLY A 1 149 ? 9.571   9.250   -13.767 1.00 45.60 ? 113 GLY A O     1 
ATOM   885  N N     . GLU A 1 150 ? 7.710   8.639   -14.873 1.00 45.49 ? 114 GLU A N     1 
ATOM   886  C CA    . GLU A 1 150 ? 7.275   10.005  -15.219 1.00 45.63 ? 114 GLU A CA    1 
ATOM   887  C C     . GLU A 1 150 ? 6.209   10.446  -14.201 1.00 43.07 ? 114 GLU A C     1 
ATOM   888  O O     . GLU A 1 150 ? 4.988   10.294  -14.392 1.00 40.97 ? 114 GLU A O     1 
ATOM   889  C CB    . GLU A 1 150 ? 6.733   10.088  -16.648 1.00 45.22 ? 114 GLU A CB    1 
ATOM   890  C CG    . GLU A 1 150 ? 7.788   9.789   -17.722 1.00 54.65 ? 114 GLU A CG    1 
ATOM   891  C CD    . GLU A 1 150 ? 7.219   9.760   -19.154 1.00 59.98 ? 114 GLU A CD    1 
ATOM   892  O OE1   . GLU A 1 150 ? 6.162   10.390  -19.402 1.00 61.60 ? 114 GLU A OE1   1 
ATOM   893  O OE2   . GLU A 1 150 ? 7.831   9.096   -20.038 1.00 65.52 ? 114 GLU A OE2   1 
ATOM   894  N N     . HIS A 1 151 ? 6.728   10.974  -13.108 1.00 44.13 ? 115 HIS A N     1 
ATOM   895  C CA    . HIS A 1 151 ? 5.956   11.552  -12.003 1.00 46.53 ? 115 HIS A CA    1 
ATOM   896  C C     . HIS A 1 151 ? 6.957   12.399  -11.182 1.00 44.68 ? 115 HIS A C     1 
ATOM   897  O O     . HIS A 1 151 ? 8.120   12.565  -11.581 1.00 38.00 ? 115 HIS A O     1 
ATOM   898  C CB    . HIS A 1 151 ? 5.362   10.446  -11.136 1.00 46.39 ? 115 HIS A CB    1 
ATOM   899  C CG    . HIS A 1 151 ? 6.406   9.606   -10.478 1.00 49.47 ? 115 HIS A CG    1 
ATOM   900  N ND1   . HIS A 1 151 ? 6.941   8.475   -11.062 1.00 52.09 ? 115 HIS A ND1   1 
ATOM   901  C CD2   . HIS A 1 151 ? 7.051   9.760   -9.308  1.00 49.69 ? 115 HIS A CD2   1 
ATOM   902  C CE1   . HIS A 1 151 ? 7.862   7.968   -10.274 1.00 45.34 ? 115 HIS A CE1   1 
ATOM   903  N NE2   . HIS A 1 151 ? 7.938   8.722   -9.194  1.00 48.79 ? 115 HIS A NE2   1 
ATOM   904  N N     . ARG A 1 152 ? 6.518   12.903  -10.040 1.00 46.32 ? 116 ARG A N     1 
ATOM   905  C CA    . ARG A 1 152 ? 7.336   13.815  -9.247  1.00 53.27 ? 116 ARG A CA    1 
ATOM   906  C C     . ARG A 1 152 ? 7.508   13.360  -7.794  1.00 45.84 ? 116 ARG A C     1 
ATOM   907  O O     . ARG A 1 152 ? 7.907   14.144  -6.971  1.00 47.78 ? 116 ARG A O     1 
ATOM   908  C CB    . ARG A 1 152 ? 6.707   15.221  -9.272  1.00 60.98 ? 116 ARG A CB    1 
ATOM   909  C CG    . ARG A 1 152 ? 6.618   15.889  -10.653 1.00 70.63 ? 116 ARG A CG    1 
ATOM   910  C CD    . ARG A 1 152 ? 5.274   16.607  -10.812 1.00 78.96 ? 116 ARG A CD    1 
ATOM   911  N NE    . ARG A 1 152 ? 5.311   17.744  -11.740 1.00 88.31 ? 116 ARG A NE    1 
ATOM   912  C CZ    . ARG A 1 152 ? 4.391   18.713  -11.794 1.00 89.41 ? 116 ARG A CZ    1 
ATOM   913  N NH1   . ARG A 1 152 ? 3.345   18.704  -10.949 1.00 79.17 ? 116 ARG A NH1   1 
ATOM   914  N NH2   . ARG A 1 152 ? 4.525   19.703  -12.685 1.00 82.20 ? 116 ARG A NH2   1 
ATOM   915  N N     . LEU A 1 153 ? 7.151   12.129  -7.465  1.00 43.54 ? 117 LEU A N     1 
ATOM   916  C CA    . LEU A 1 153 ? 7.417   11.608  -6.123  1.00 44.25 ? 117 LEU A CA    1 
ATOM   917  C C     . LEU A 1 153 ? 8.892   11.434  -6.124  1.00 43.95 ? 117 LEU A C     1 
ATOM   918  O O     . LEU A 1 153 ? 9.468   10.963  -7.112  1.00 48.86 ? 117 LEU A O     1 
ATOM   919  C CB    . LEU A 1 153 ? 6.689   10.302  -5.808  1.00 42.48 ? 117 LEU A CB    1 
ATOM   920  C CG    . LEU A 1 153 ? 5.220   10.522  -5.403  1.00 45.90 ? 117 LEU A CG    1 
ATOM   921  C CD1   . LEU A 1 153 ? 4.477   11.373  -6.424  1.00 46.85 ? 117 LEU A CD1   1 
ATOM   922  C CD2   . LEU A 1 153 ? 4.431   9.230   -5.163  1.00 41.38 ? 117 LEU A CD2   1 
ATOM   923  N N     . THR A 1 154 ? 9.519   11.901  -5.058  1.00 40.52 ? 118 THR A N     1 
ATOM   924  C CA    . THR A 1 154 ? 10.949  11.718  -4.908  1.00 45.02 ? 118 THR A CA    1 
ATOM   925  C C     . THR A 1 154 ? 11.203  10.860  -3.682  1.00 38.67 ? 118 THR A C     1 
ATOM   926  O O     . THR A 1 154 ? 10.814  11.223  -2.577  1.00 39.77 ? 118 THR A O     1 
ATOM   927  C CB    . THR A 1 154 ? 11.651  13.094  -4.857  1.00 49.29 ? 118 THR A CB    1 
ATOM   928  O OG1   . THR A 1 154 ? 11.250  13.860  -6.009  1.00 51.21 ? 118 THR A OG1   1 
ATOM   929  C CG2   . THR A 1 154 ? 13.170  12.947  -4.818  1.00 45.02 ? 118 THR A CG2   1 
ATOM   930  N N     . ASN A 1 155 ? 11.798  9.686   -3.900  1.00 40.89 ? 119 ASN A N     1 
ATOM   931  C CA    . ASN A 1 155 ? 12.215  8.779   -2.825  1.00 39.18 ? 119 ASN A CA    1 
ATOM   932  C C     . ASN A 1 155 ? 11.009  8.226   -2.094  1.00 40.36 ? 119 ASN A C     1 
ATOM   933  O O     . ASN A 1 155 ? 11.014  8.108   -0.886  1.00 40.59 ? 119 ASN A O     1 
ATOM   934  C CB    . ASN A 1 155 ? 13.204  9.496   -1.840  1.00 43.25 ? 119 ASN A CB    1 
ATOM   935  C CG    . ASN A 1 155 ? 14.618  9.680   -2.424  1.00 45.84 ? 119 ASN A CG    1 
ATOM   936  O OD1   . ASN A 1 155 ? 15.243  8.729   -2.850  1.00 50.39 ? 119 ASN A OD1   1 
ATOM   937  N ND2   . ASN A 1 155 ? 15.117  10.900  -2.411  1.00 49.43 ? 119 ASN A ND2   1 
ATOM   938  N N     . TYR A 1 156 ? 9.941   7.905   -2.829  1.00 41.63 ? 120 TYR A N     1 
ATOM   939  C CA    . TYR A 1 156 ? 8.746   7.350   -2.195  1.00 38.69 ? 120 TYR A CA    1 
ATOM   940  C C     . TYR A 1 156 ? 9.021   5.900   -1.827  1.00 41.49 ? 120 TYR A C     1 
ATOM   941  O O     . TYR A 1 156 ? 9.528   5.126   -2.659  1.00 44.26 ? 120 TYR A O     1 
ATOM   942  C CB    . TYR A 1 156 ? 7.534   7.466   -3.113  1.00 33.17 ? 120 TYR A CB    1 
ATOM   943  C CG    . TYR A 1 156 ? 6.244   6.939   -2.563  1.00 29.40 ? 120 TYR A CG    1 
ATOM   944  C CD1   . TYR A 1 156 ? 5.935   5.593   -2.636  1.00 29.03 ? 120 TYR A CD1   1 
ATOM   945  C CD2   . TYR A 1 156 ? 5.316   7.777   -1.986  1.00 30.39 ? 120 TYR A CD2   1 
ATOM   946  C CE1   . TYR A 1 156 ? 4.771   5.092   -2.110  1.00 28.98 ? 120 TYR A CE1   1 
ATOM   947  C CE2   . TYR A 1 156 ? 4.112   7.281   -1.462  1.00 30.45 ? 120 TYR A CE2   1 
ATOM   948  C CZ    . TYR A 1 156 ? 3.850   5.947   -1.551  1.00 28.75 ? 120 TYR A CZ    1 
ATOM   949  O OH    . TYR A 1 156 ? 2.701   5.455   -1.058  1.00 23.31 ? 120 TYR A OH    1 
ATOM   950  N N     . LYS A 1 157 ? 8.668   5.539   -0.590  1.00 36.06 ? 121 LYS A N     1 
ATOM   951  C CA    . LYS A 1 157 ? 8.711   4.150   -0.140  1.00 36.34 ? 121 LYS A CA    1 
ATOM   952  C C     . LYS A 1 157 ? 7.508   3.968   0.781   1.00 32.22 ? 121 LYS A C     1 
ATOM   953  O O     . LYS A 1 157 ? 7.280   4.811   1.647   1.00 34.99 ? 121 LYS A O     1 
ATOM   954  C CB    . LYS A 1 157 ? 10.044  3.952   0.606   1.00 42.13 ? 121 LYS A CB    1 
ATOM   955  C CG    . LYS A 1 157 ? 10.356  2.603   1.227   1.00 47.28 ? 121 LYS A CG    1 
ATOM   956  C CD    . LYS A 1 157 ? 11.656  2.690   2.051   1.00 53.19 ? 121 LYS A CD    1 
ATOM   957  C CE    . LYS A 1 157 ? 12.103  1.321   2.587   1.00 62.89 ? 121 LYS A CE    1 
ATOM   958  N NZ    . LYS A 1 157 ? 11.079  0.409   3.226   1.00 59.93 ? 121 LYS A NZ    1 
ATOM   959  N N     . SER A 1 158 ? 6.713   2.915   0.570   1.00 28.57 ? 122 SER A N     1 
ATOM   960  C CA    . SER A 1 158 ? 5.664   2.531   1.468   1.00 27.50 ? 122 SER A CA    1 
ATOM   961  C C     . SER A 1 158 ? 5.751   1.087   1.987   1.00 27.57 ? 122 SER A C     1 
ATOM   962  O O     . SER A 1 158 ? 6.332   0.205   1.359   1.00 29.11 ? 122 SER A O     1 
ATOM   963  C CB    . SER A 1 158 ? 4.343   2.680   0.753   1.00 29.53 ? 122 SER A CB    1 
ATOM   964  O OG    . SER A 1 158 ? 4.148   1.695   -0.242  1.00 28.98 ? 122 SER A OG    1 
ATOM   965  N N     . VAL A 1 159 ? 5.057   0.849   3.085   1.00 26.71 ? 123 VAL A N     1 
ATOM   966  C CA    . VAL A 1 159 ? 4.968   -0.448  3.718   1.00 28.03 ? 123 VAL A CA    1 
ATOM   967  C C     . VAL A 1 159 ? 3.472   -0.718  3.956   1.00 27.64 ? 123 VAL A C     1 
ATOM   968  O O     . VAL A 1 159 ? 2.716   0.195   4.374   1.00 29.49 ? 123 VAL A O     1 
ATOM   969  C CB    . VAL A 1 159 ? 5.727   -0.439  5.056   1.00 28.22 ? 123 VAL A CB    1 
ATOM   970  C CG1   . VAL A 1 159 ? 5.487   -1.693  5.888   1.00 32.00 ? 123 VAL A CG1   1 
ATOM   971  C CG2   . VAL A 1 159 ? 7.184   -0.329  4.791   1.00 31.15 ? 123 VAL A CG2   1 
ATOM   972  N N     . THR A 1 160 ? 3.033   -1.946  3.706   1.00 29.33 ? 124 THR A N     1 
ATOM   973  C CA    . THR A 1 160 ? 1.600   -2.312  3.848   1.00 32.61 ? 124 THR A CA    1 
ATOM   974  C C     . THR A 1 160 ? 1.544   -3.580  4.634   1.00 36.53 ? 124 THR A C     1 
ATOM   975  O O     . THR A 1 160 ? 2.276   -4.527  4.292   1.00 38.61 ? 124 THR A O     1 
ATOM   976  C CB    . THR A 1 160 ? 0.968   -2.582  2.464   1.00 35.72 ? 124 THR A CB    1 
ATOM   977  O OG1   . THR A 1 160 ? 1.216   -1.470  1.582   1.00 37.00 ? 124 THR A OG1   1 
ATOM   978  C CG2   . THR A 1 160 ? -0.517  -2.937  2.567   1.00 34.24 ? 124 THR A CG2   1 
ATOM   979  N N     . THR A 1 161 ? 0.694   -3.596  5.667   1.00 37.57 ? 125 THR A N     1 
ATOM   980  C CA    . THR A 1 161 ? 0.541   -4.749  6.558   1.00 35.66 ? 125 THR A CA    1 
ATOM   981  C C     . THR A 1 161 ? -0.912  -5.040  6.827   1.00 36.50 ? 125 THR A C     1 
ATOM   982  O O     . THR A 1 161 ? -1.735  -4.106  7.032   1.00 36.77 ? 125 THR A O     1 
ATOM   983  C CB    . THR A 1 161 ? 1.212   -4.557  7.959   1.00 35.21 ? 125 THR A CB    1 
ATOM   984  O OG1   . THR A 1 161 ? 0.677   -3.412  8.632   1.00 32.46 ? 125 THR A OG1   1 
ATOM   985  C CG2   . THR A 1 161 ? 2.642   -4.417  7.773   1.00 38.98 ? 125 THR A CG2   1 
ATOM   986  N N     . VAL A 1 162 ? -1.207  -6.337  6.884   1.00 39.20 ? 126 VAL A N     1 
ATOM   987  C CA    . VAL A 1 162 ? -2.580  -6.861  7.064   1.00 38.81 ? 126 VAL A CA    1 
ATOM   988  C C     . VAL A 1 162 ? -2.684  -7.550  8.383   1.00 39.52 ? 126 VAL A C     1 
ATOM   989  O O     . VAL A 1 162 ? -1.777  -8.313  8.785   1.00 39.63 ? 126 VAL A O     1 
ATOM   990  C CB    . VAL A 1 162 ? -2.925  -7.872  5.986   1.00 39.02 ? 126 VAL A CB    1 
ATOM   991  C CG1   . VAL A 1 162 ? -4.367  -8.351  6.099   1.00 39.95 ? 126 VAL A CG1   1 
ATOM   992  C CG2   . VAL A 1 162 ? -2.637  -7.274  4.632   1.00 41.49 ? 126 VAL A CG2   1 
ATOM   993  N N     . HIS A 1 163 ? -3.799  -7.279  9.054   1.00 42.21 ? 127 HIS A N     1 
ATOM   994  C CA    . HIS A 1 163 ? -3.970  -7.591  10.470  1.00 45.28 ? 127 HIS A CA    1 
ATOM   995  C C     . HIS A 1 163 ? -5.363  -8.179  10.775  1.00 48.06 ? 127 HIS A C     1 
ATOM   996  O O     . HIS A 1 163 ? -6.388  -7.554  10.479  1.00 58.99 ? 127 HIS A O     1 
ATOM   997  C CB    . HIS A 1 163 ? -3.796  -6.334  11.318  1.00 41.26 ? 127 HIS A CB    1 
ATOM   998  C CG    . HIS A 1 163 ? -2.567  -5.543  11.006  1.00 48.68 ? 127 HIS A CG    1 
ATOM   999  N ND1   . HIS A 1 163 ? -1.326  -5.849  11.532  1.00 48.46 ? 127 HIS A ND1   1 
ATOM   1000 C CD2   . HIS A 1 163 ? -2.391  -4.425  10.256  1.00 49.13 ? 127 HIS A CD2   1 
ATOM   1001 C CE1   . HIS A 1 163 ? -0.434  -4.982  11.090  1.00 46.99 ? 127 HIS A CE1   1 
ATOM   1002 N NE2   . HIS A 1 163 ? -1.053  -4.107  10.316  1.00 55.50 ? 127 HIS A NE2   1 
ATOM   1003 N N     . ARG A 1 164 ? -5.389  -9.351  11.413  1.00 54.63 ? 128 ARG A N     1 
ATOM   1004 C CA    . ARG A 1 164 ? -6.644  -10.090 11.750  1.00 57.83 ? 128 ARG A CA    1 
ATOM   1005 C C     . ARG A 1 164 ? -7.297  -9.599  13.028  1.00 56.90 ? 128 ARG A C     1 
ATOM   1006 O O     . ARG A 1 164 ? -6.613  -9.369  14.015  1.00 61.38 ? 128 ARG A O     1 
ATOM   1007 C CB    . ARG A 1 164 ? -6.334  -11.588 11.917  1.00 60.17 ? 128 ARG A CB    1 
ATOM   1008 C CG    . ARG A 1 164 ? -7.493  -12.474 12.375  1.00 63.18 ? 128 ARG A CG    1 
ATOM   1009 C CD    . ARG A 1 164 ? -7.168  -13.960 12.184  1.00 68.20 ? 128 ARG A CD    1 
ATOM   1010 N NE    . ARG A 1 164 ? -8.357  -14.827 12.168  1.00 74.13 ? 128 ARG A NE    1 
ATOM   1011 C CZ    . ARG A 1 164 ? -9.140  -15.063 13.222  1.00 73.45 ? 128 ARG A CZ    1 
ATOM   1012 N NH1   . ARG A 1 164 ? -8.903  -14.485 14.398  1.00 77.93 ? 128 ARG A NH1   1 
ATOM   1013 N NH2   . ARG A 1 164 ? -10.183 -15.870 13.100  1.00 73.78 ? 128 ARG A NH2   1 
ATOM   1014 N N     . PHE A 1 165 ? -8.619  -9.460  13.024  1.00 55.35 ? 129 PHE A N     1 
ATOM   1015 C CA    . PHE A 1 165 ? -9.365  -9.117  14.243  1.00 60.77 ? 129 PHE A CA    1 
ATOM   1016 C C     . PHE A 1 165 ? -10.493 -10.134 14.464  1.00 61.46 ? 129 PHE A C     1 
ATOM   1017 O O     . PHE A 1 165 ? -10.919 -10.800 13.517  1.00 63.60 ? 129 PHE A O     1 
ATOM   1018 C CB    . PHE A 1 165 ? -9.940  -7.685  14.175  1.00 60.99 ? 129 PHE A CB    1 
ATOM   1019 C CG    . PHE A 1 165 ? -8.962  -6.599  14.593  1.00 58.88 ? 129 PHE A CG    1 
ATOM   1020 C CD1   . PHE A 1 165 ? -8.954  -6.129  15.895  1.00 53.39 ? 129 PHE A CD1   1 
ATOM   1021 C CD2   . PHE A 1 165 ? -8.062  -6.044  13.675  1.00 55.19 ? 129 PHE A CD2   1 
ATOM   1022 C CE1   . PHE A 1 165 ? -8.076  -5.143  16.286  1.00 52.42 ? 129 PHE A CE1   1 
ATOM   1023 C CE2   . PHE A 1 165 ? -7.178  -5.053  14.067  1.00 53.93 ? 129 PHE A CE2   1 
ATOM   1024 C CZ    . PHE A 1 165 ? -7.179  -4.603  15.367  1.00 54.99 ? 129 PHE A CZ    1 
ATOM   1025 N N     . GLU A 1 166 ? -10.956 -10.246 15.712  1.00 57.87 ? 130 GLU A N     1 
ATOM   1026 C CA    . GLU A 1 166 ? -12.031 -11.187 16.079  1.00 61.20 ? 130 GLU A CA    1 
ATOM   1027 C C     . GLU A 1 166 ? -12.711 -10.808 17.391  1.00 59.13 ? 130 GLU A C     1 
ATOM   1028 O O     . GLU A 1 166 ? -12.053 -10.608 18.414  1.00 59.39 ? 130 GLU A O     1 
ATOM   1029 C CB    . GLU A 1 166 ? -11.483 -12.608 16.182  1.00 59.99 ? 130 GLU A CB    1 
ATOM   1030 C CG    . GLU A 1 166 ? -12.512 -13.644 16.610  1.00 63.48 ? 130 GLU A CG    1 
ATOM   1031 C CD    . GLU A 1 166 ? -11.934 -15.048 16.643  0.50 64.37 ? 130 GLU A CD    1 
ATOM   1032 O OE1   . GLU A 1 166 ? -10.826 -15.230 17.200  0.50 59.20 ? 130 GLU A OE1   1 
ATOM   1033 O OE2   . GLU A 1 166 ? -12.604 -15.968 16.121  0.50 70.44 ? 130 GLU A OE2   1 
ATOM   1034 N N     . LYS A 1 167 ? -14.028 -10.685 17.360  1.00 58.15 ? 131 LYS A N     1 
ATOM   1035 C CA    . LYS A 1 167 ? -14.772 -10.490 18.587  0.50 57.51 ? 131 LYS A CA    1 
ATOM   1036 C C     . LYS A 1 167 ? -16.064 -11.231 18.429  0.50 63.25 ? 131 LYS A C     1 
ATOM   1037 O O     . LYS A 1 167 ? -16.919 -10.833 17.630  0.50 53.61 ? 131 LYS A O     1 
ATOM   1038 C CB    . LYS A 1 167 ? -15.044 -9.031  18.867  0.50 55.83 ? 131 LYS A CB    1 
ATOM   1039 C CG    . LYS A 1 167 ? -15.775 -8.825  20.175  0.50 53.31 ? 131 LYS A CG    1 
ATOM   1040 C CD    . LYS A 1 167 ? -15.111 -9.616  21.293  0.50 53.54 ? 131 LYS A CD    1 
ATOM   1041 C CE    . LYS A 1 167 ? -15.889 -9.478  22.591  0.50 50.35 ? 131 LYS A CE    1 
ATOM   1042 N NZ    . LYS A 1 167 ? -15.391 -10.396 23.634  0.50 48.03 ? 131 LYS A NZ    1 
ATOM   1043 N N     . GLU A 1 168 ? -16.163 -12.323 19.191  1.00 76.48 ? 132 GLU A N     1 
ATOM   1044 C CA    . GLU A 1 168 ? -17.277 -13.279 19.136  1.00 83.98 ? 132 GLU A CA    1 
ATOM   1045 C C     . GLU A 1 168 ? -18.007 -13.521 17.792  1.00 81.71 ? 132 GLU A C     1 
ATOM   1046 O O     . GLU A 1 168 ? -19.080 -12.963 17.509  1.00 76.64 ? 132 GLU A O     1 
ATOM   1047 C CB    . GLU A 1 168 ? -18.297 -13.065 20.284  1.00 84.28 ? 132 GLU A CB    1 
ATOM   1048 C CG    . GLU A 1 168 ? -18.143 -11.797 21.106  1.00 86.27 ? 132 GLU A CG    1 
ATOM   1049 C CD    . GLU A 1 168 ? -19.056 -10.691 20.637  1.00 87.21 ? 132 GLU A CD    1 
ATOM   1050 O OE1   . GLU A 1 168 ? -19.076 -10.442 19.413  1.00 88.81 ? 132 GLU A OE1   1 
ATOM   1051 O OE2   . GLU A 1 168 ? -19.737 -10.074 21.495  1.00 88.64 ? 132 GLU A OE2   1 
ATOM   1052 N N     . ASN A 1 169 ? -17.358 -14.291 16.938  1.00 84.07 ? 133 ASN A N     1 
ATOM   1053 C CA    . ASN A 1 169 ? -17.904 -14.804 15.669  1.00 81.92 ? 133 ASN A CA    1 
ATOM   1054 C C     . ASN A 1 169 ? -17.780 -13.830 14.498  1.00 73.27 ? 133 ASN A C     1 
ATOM   1055 O O     . ASN A 1 169 ? -18.053 -14.224 13.361  1.00 60.07 ? 133 ASN A O     1 
ATOM   1056 C CB    . ASN A 1 169 ? -19.373 -15.304 15.786  1.00 89.09 ? 133 ASN A CB    1 
ATOM   1057 C CG    . ASN A 1 169 ? -19.472 -16.798 16.052  1.00 83.39 ? 133 ASN A CG    1 
ATOM   1058 O OD1   . ASN A 1 169 ? -20.351 -17.255 16.792  1.00 91.16 ? 133 ASN A OD1   1 
ATOM   1059 N ND2   . ASN A 1 169 ? -18.573 -17.564 15.458  1.00 76.33 ? 133 ASN A ND2   1 
ATOM   1060 N N     . ARG A 1 170 ? -17.373 -12.585 14.768  1.00 74.18 ? 134 ARG A N     1 
ATOM   1061 C CA    . ARG A 1 170 ? -17.094 -11.622 13.707  1.00 70.26 ? 134 ARG A CA    1 
ATOM   1062 C C     . ARG A 1 170 ? -15.591 -11.437 13.532  1.00 68.27 ? 134 ARG A C     1 
ATOM   1063 O O     . ARG A 1 170 ? -14.887 -10.978 14.444  1.00 70.18 ? 134 ARG A O     1 
ATOM   1064 C CB    . ARG A 1 170 ? -17.778 -10.278 13.935  0.50 68.64 ? 134 ARG A CB    1 
ATOM   1065 C CG    . ARG A 1 170 ? -19.084 -10.114 13.174  0.50 66.44 ? 134 ARG A CG    1 
ATOM   1066 C CD    . ARG A 1 170 ? -19.078 -10.573 11.724  0.50 64.96 ? 134 ARG A CD    1 
ATOM   1067 N NE    . ARG A 1 170 ? -18.783 -9.495  10.794  0.50 68.00 ? 134 ARG A NE    1 
ATOM   1068 C CZ    . ARG A 1 170 ? -19.548 -8.420  10.637  0.50 72.08 ? 134 ARG A CZ    1 
ATOM   1069 N NH1   . ARG A 1 170 ? -20.637 -8.286  11.372  0.50 74.89 ? 134 ARG A NH1   1 
ATOM   1070 N NH2   . ARG A 1 170 ? -19.222 -7.473  9.763   0.50 69.47 ? 134 ARG A NH2   1 
ATOM   1071 N N     . ILE A 1 171 ? -15.146 -11.850 12.347  1.00 55.04 ? 135 ILE A N     1 
ATOM   1072 C CA    . ILE A 1 171 ? -13.792 -11.734 11.876  1.00 58.61 ? 135 ILE A CA    1 
ATOM   1073 C C     . ILE A 1 171 ? -13.755 -10.568 10.894  1.00 62.90 ? 135 ILE A C     1 
ATOM   1074 O O     . ILE A 1 171 ? -14.620 -10.466 10.003  1.00 59.03 ? 135 ILE A O     1 
ATOM   1075 C CB    . ILE A 1 171 ? -13.336 -12.978 11.100  1.00 53.94 ? 135 ILE A CB    1 
ATOM   1076 C CG1   . ILE A 1 171 ? -13.730 -14.272 11.831  1.00 61.67 ? 135 ILE A CG1   1 
ATOM   1077 C CG2   . ILE A 1 171 ? -11.835 -12.930 10.856  1.00 55.58 ? 135 ILE A CG2   1 
ATOM   1078 C CD1   . ILE A 1 171 ? -13.332 -14.349 13.291  1.00 62.27 ? 135 ILE A CD1   1 
ATOM   1079 N N     . TRP A 1 172 ? -12.765 -9.694  11.059  1.00 63.25 ? 136 TRP A N     1 
ATOM   1080 C CA    . TRP A 1 172 ? -12.550 -8.608  10.107  1.00 63.37 ? 136 TRP A CA    1 
ATOM   1081 C C     . TRP A 1 172 ? -11.087 -8.229  10.054  1.00 62.17 ? 136 TRP A C     1 
ATOM   1082 O O     . TRP A 1 172 ? -10.311 -8.619  10.924  1.00 63.56 ? 136 TRP A O     1 
ATOM   1083 C CB    . TRP A 1 172 ? -13.411 -7.401  10.472  1.00 60.48 ? 136 TRP A CB    1 
ATOM   1084 C CG    . TRP A 1 172 ? -12.948 -6.604  11.664  1.00 58.06 ? 136 TRP A CG    1 
ATOM   1085 C CD1   . TRP A 1 172 ? -12.176 -5.481  11.634  1.00 57.82 ? 136 TRP A CD1   1 
ATOM   1086 C CD2   . TRP A 1 172 ? -13.289 -6.823  13.037  1.00 59.14 ? 136 TRP A CD2   1 
ATOM   1087 N NE1   . TRP A 1 172 ? -11.993 -5.001  12.901  1.00 57.75 ? 136 TRP A NE1   1 
ATOM   1088 C CE2   . TRP A 1 172 ? -12.670 -5.804  13.782  1.00 56.32 ? 136 TRP A CE2   1 
ATOM   1089 C CE3   . TRP A 1 172 ? -14.079 -7.780  13.713  1.00 60.77 ? 136 TRP A CE3   1 
ATOM   1090 C CZ2   . TRP A 1 172 ? -12.787 -5.722  15.179  1.00 58.83 ? 136 TRP A CZ2   1 
ATOM   1091 C CZ3   . TRP A 1 172 ? -14.203 -7.697  15.089  1.00 56.36 ? 136 TRP A CZ3   1 
ATOM   1092 C CH2   . TRP A 1 172 ? -13.551 -6.677  15.814  1.00 58.74 ? 136 TRP A CH2   1 
ATOM   1093 N N     . THR A 1 173 ? -10.736 -7.452  9.036   1.00 58.77 ? 137 THR A N     1 
ATOM   1094 C CA    . THR A 1 173 ? -9.357  -7.075  8.759   1.00 54.57 ? 137 THR A CA    1 
ATOM   1095 C C     . THR A 1 173 ? -9.118  -5.558  8.887   1.00 55.04 ? 137 THR A C     1 
ATOM   1096 O O     . THR A 1 173 ? -9.980  -4.739  8.556   1.00 48.83 ? 137 THR A O     1 
ATOM   1097 C CB    . THR A 1 173 ? -8.978  -7.544  7.368   1.00 53.67 ? 137 THR A CB    1 
ATOM   1098 O OG1   . THR A 1 173 ? -9.010  -8.971  7.351   1.00 56.36 ? 137 THR A OG1   1 
ATOM   1099 C CG2   . THR A 1 173 ? -7.563  -7.069  6.960   1.00 56.44 ? 137 THR A CG2   1 
ATOM   1100 N N     . VAL A 1 174 ? -7.952  -5.194  9.422   1.00 49.23 ? 138 VAL A N     1 
ATOM   1101 C CA    . VAL A 1 174 ? -7.465  -3.819  9.323   1.00 46.39 ? 138 VAL A CA    1 
ATOM   1102 C C     . VAL A 1 174 ? -6.159  -3.843  8.561   1.00 40.87 ? 138 VAL A C     1 
ATOM   1103 O O     . VAL A 1 174 ? -5.317  -4.687  8.821   1.00 41.91 ? 138 VAL A O     1 
ATOM   1104 C CB    . VAL A 1 174 ? -7.250  -3.170  10.688  1.00 45.47 ? 138 VAL A CB    1 
ATOM   1105 C CG1   . VAL A 1 174 ? -6.541  -1.837  10.511  1.00 50.48 ? 138 VAL A CG1   1 
ATOM   1106 C CG2   . VAL A 1 174 ? -8.586  -2.983  11.387  1.00 45.17 ? 138 VAL A CG2   1 
ATOM   1107 N N     . VAL A 1 175 ? -6.031  -2.948  7.595   1.00 40.03 ? 139 VAL A N     1 
ATOM   1108 C CA    . VAL A 1 175 ? -4.823  -2.795  6.815   1.00 34.34 ? 139 VAL A CA    1 
ATOM   1109 C C     . VAL A 1 175 ? -4.254  -1.457  7.206   1.00 37.31 ? 139 VAL A C     1 
ATOM   1110 O O     . VAL A 1 175 ? -5.007  -0.470  7.344   1.00 44.51 ? 139 VAL A O     1 
ATOM   1111 C CB    . VAL A 1 175 ? -5.098  -2.786  5.308   1.00 33.91 ? 139 VAL A CB    1 
ATOM   1112 C CG1   . VAL A 1 175 ? -3.833  -2.597  4.472   1.00 32.20 ? 139 VAL A CG1   1 
ATOM   1113 C CG2   . VAL A 1 175 ? -5.795  -4.086  4.887   1.00 37.01 ? 139 VAL A CG2   1 
ATOM   1114 N N     . LEU A 1 176 ? -2.940  -1.446  7.404   1.00 32.67 ? 140 LEU A N     1 
ATOM   1115 C CA    . LEU A 1 176 ? -2.169  -0.240  7.647   1.00 31.65 ? 140 LEU A CA    1 
ATOM   1116 C C     . LEU A 1 176 ? -1.253  -0.053  6.479   1.00 30.03 ? 140 LEU A C     1 
ATOM   1117 O O     . LEU A 1 176 ? -0.705  -1.016  5.969   1.00 30.02 ? 140 LEU A O     1 
ATOM   1118 C CB    . LEU A 1 176 ? -1.340  -0.368  8.902   1.00 30.05 ? 140 LEU A CB    1 
ATOM   1119 C CG    . LEU A 1 176 ? -2.146  -0.511  10.155  1.00 28.82 ? 140 LEU A CG    1 
ATOM   1120 C CD1   . LEU A 1 176 ? -1.221  -0.742  11.323  1.00 29.79 ? 140 LEU A CD1   1 
ATOM   1121 C CD2   . LEU A 1 176 ? -3.000  0.722   10.400  1.00 35.15 ? 140 LEU A CD2   1 
ATOM   1122 N N     . GLU A 1 177 ? -1.156  1.189   6.010   1.00 29.01 ? 141 GLU A N     1 
ATOM   1123 C CA    . GLU A 1 177 ? -0.183  1.544   4.984   1.00 30.27 ? 141 GLU A CA    1 
ATOM   1124 C C     . GLU A 1 177 ? 0.462   2.877   5.279   1.00 28.76 ? 141 GLU A C     1 
ATOM   1125 O O     . GLU A 1 177 ? -0.237  3.897   5.445   1.00 28.05 ? 141 GLU A O     1 
ATOM   1126 C CB    . GLU A 1 177 ? -0.793  1.542   3.575   1.00 33.68 ? 141 GLU A CB    1 
ATOM   1127 C CG    . GLU A 1 177 ? 0.183   1.988   2.471   1.00 36.03 ? 141 GLU A CG    1 
ATOM   1128 C CD    . GLU A 1 177 ? -0.299  1.720   1.017   1.00 41.59 ? 141 GLU A CD    1 
ATOM   1129 O OE1   . GLU A 1 177 ? 0.285   2.305   0.074   1.00 40.45 ? 141 GLU A OE1   1 
ATOM   1130 O OE2   . GLU A 1 177 ? -1.239  0.937   0.798   1.00 45.47 ? 141 GLU A OE2   1 
ATOM   1131 N N     . SER A 1 178 ? 1.801   2.886   5.297   1.00 29.84 ? 142 SER A N     1 
ATOM   1132 C CA    . SER A 1 178 ? 2.523   4.107   5.564   1.00 29.54 ? 142 SER A CA    1 
ATOM   1133 C C     . SER A 1 178 ? 3.503   4.371   4.436   1.00 31.43 ? 142 SER A C     1 
ATOM   1134 O O     . SER A 1 178 ? 3.818   3.480   3.689   1.00 33.45 ? 142 SER A O     1 
ATOM   1135 C CB    . SER A 1 178 ? 3.231   4.035   6.926   1.00 30.95 ? 142 SER A CB    1 
ATOM   1136 O OG    . SER A 1 178 ? 4.177   2.987   6.929   1.00 28.58 ? 142 SER A OG    1 
ATOM   1137 N N     . TYR A 1 179 ? 3.974   5.607   4.315   1.00 29.63 ? 143 TYR A N     1 
ATOM   1138 C CA    . TYR A 1 179 ? 5.013   5.895   3.371   1.00 31.19 ? 143 TYR A CA    1 
ATOM   1139 C C     . TYR A 1 179 ? 5.899   6.982   3.865   1.00 33.04 ? 143 TYR A C     1 
ATOM   1140 O O     . TYR A 1 179 ? 5.548   7.672   4.796   1.00 34.24 ? 143 TYR A O     1 
ATOM   1141 C CB    . TYR A 1 179 ? 4.440   6.314   2.061   1.00 30.85 ? 143 TYR A CB    1 
ATOM   1142 C CG    . TYR A 1 179 ? 3.724   7.636   2.082   1.00 30.28 ? 143 TYR A CG    1 
ATOM   1143 C CD1   . TYR A 1 179 ? 4.413   8.832   2.001   1.00 31.14 ? 143 TYR A CD1   1 
ATOM   1144 C CD2   . TYR A 1 179 ? 2.354   7.677   2.111   1.00 32.44 ? 143 TYR A CD2   1 
ATOM   1145 C CE1   . TYR A 1 179 ? 3.745   10.026  2.008   1.00 32.01 ? 143 TYR A CE1   1 
ATOM   1146 C CE2   . TYR A 1 179 ? 1.672   8.857   2.143   1.00 32.38 ? 143 TYR A CE2   1 
ATOM   1147 C CZ    . TYR A 1 179 ? 2.364   10.037  2.068   1.00 34.31 ? 143 TYR A CZ    1 
ATOM   1148 O OH    . TYR A 1 179 ? 1.625   11.216  2.061   1.00 34.15 ? 143 TYR A OH    1 
ATOM   1149 N N     . VAL A 1 180 ? 7.035   7.121   3.201   1.00 37.01 ? 144 VAL A N     1 
ATOM   1150 C CA    . VAL A 1 180 ? 7.965   8.232   3.388   1.00 36.90 ? 144 VAL A CA    1 
ATOM   1151 C C     . VAL A 1 180 ? 8.177   8.781   1.974   1.00 34.83 ? 144 VAL A C     1 
ATOM   1152 O O     . VAL A 1 180 ? 8.215   8.012   1.048   1.00 37.03 ? 144 VAL A O     1 
ATOM   1153 C CB    . VAL A 1 180 ? 9.303   7.775   4.029   1.00 40.86 ? 144 VAL A CB    1 
ATOM   1154 C CG1   . VAL A 1 180 ? 10.226  8.951   4.213   1.00 47.21 ? 144 VAL A CG1   1 
ATOM   1155 C CG2   . VAL A 1 180 ? 9.078   7.229   5.418   1.00 45.80 ? 144 VAL A CG2   1 
ATOM   1156 N N     . VAL A 1 181 ? 8.214   10.100  1.820   1.00 34.76 ? 145 VAL A N     1 
ATOM   1157 C CA    . VAL A 1 181 ? 8.619   10.774  0.596   1.00 36.67 ? 145 VAL A CA    1 
ATOM   1158 C C     . VAL A 1 181 ? 9.375   12.074  0.875   1.00 35.61 ? 145 VAL A C     1 
ATOM   1159 O O     . VAL A 1 181 ? 9.245   12.631  1.954   1.00 34.19 ? 145 VAL A O     1 
ATOM   1160 C CB    . VAL A 1 181 ? 7.454   11.236  -0.318  1.00 39.98 ? 145 VAL A CB    1 
ATOM   1161 C CG1   . VAL A 1 181 ? 7.084   10.158  -1.272  1.00 48.48 ? 145 VAL A CG1   1 
ATOM   1162 C CG2   . VAL A 1 181 ? 6.250   11.726  0.468   1.00 36.01 ? 145 VAL A CG2   1 
ATOM   1163 N N     . ASP A 1 182 ? 10.082  12.585  -0.134  1.00 34.40 ? 146 ASP A N     1 
ATOM   1164 C CA    . ASP A 1 182 ? 10.719  13.893  0.002   1.00 43.08 ? 146 ASP A CA    1 
ATOM   1165 C C     . ASP A 1 182 ? 9.651   14.966  -0.038  1.00 44.43 ? 146 ASP A C     1 
ATOM   1166 O O     . ASP A 1 182 ? 8.639   14.818  -0.717  1.00 43.47 ? 146 ASP A O     1 
ATOM   1167 C CB    . ASP A 1 182 ? 11.748  14.107  -1.100  1.00 46.26 ? 146 ASP A CB    1 
ATOM   1168 C CG    . ASP A 1 182 ? 12.962  13.298  -0.895  1.00 44.33 ? 146 ASP A CG    1 
ATOM   1169 O OD1   . ASP A 1 182 ? 13.008  12.555  0.102   1.00 47.18 ? 146 ASP A OD1   1 
ATOM   1170 O OD2   . ASP A 1 182 ? 13.894  13.434  -1.704  1.00 54.05 ? 146 ASP A OD2   1 
ATOM   1171 N N     . MET A 1 183 ? 9.839   16.010  0.755   1.00 50.30 ? 147 MET A N     1 
ATOM   1172 C CA    . MET A 1 183 ? 8.950   17.158  0.688   1.00 50.34 ? 147 MET A CA    1 
ATOM   1173 C C     . MET A 1 183 ? 9.325   17.923  -0.568  1.00 55.59 ? 147 MET A C     1 
ATOM   1174 O O     . MET A 1 183 ? 10.529  17.999  -0.897  1.00 52.99 ? 147 MET A O     1 
ATOM   1175 C CB    . MET A 1 183 ? 9.102   18.047  1.891   1.00 49.88 ? 147 MET A CB    1 
ATOM   1176 C CG    . MET A 1 183 ? 8.556   17.378  3.136   1.00 59.28 ? 147 MET A CG    1 
ATOM   1177 S SD    . MET A 1 183 ? 8.522   18.379  4.626   1.00 54.31 ? 147 MET A SD    1 
ATOM   1178 C CE    . MET A 1 183 ? 10.280  18.589  5.016   1.00 50.01 ? 147 MET A CE    1 
ATOM   1179 N N     . PRO A 1 184 ? 8.302   18.470  -1.269  1.00 55.01 ? 148 PRO A N     1 
ATOM   1180 C CA    . PRO A 1 184 ? 8.415   19.206  -2.541  1.00 62.17 ? 148 PRO A CA    1 
ATOM   1181 C C     . PRO A 1 184 ? 8.914   20.646  -2.375  1.00 62.42 ? 148 PRO A C     1 
ATOM   1182 O O     . PRO A 1 184 ? 9.630   20.939  -1.433  1.00 56.00 ? 148 PRO A O     1 
ATOM   1183 C CB    . PRO A 1 184 ? 6.961   19.180  -3.098  1.00 56.75 ? 148 PRO A CB    1 
ATOM   1184 C CG    . PRO A 1 184 ? 6.083   19.082  -1.888  1.00 55.47 ? 148 PRO A CG    1 
ATOM   1185 C CD    . PRO A 1 184 ? 6.888   18.324  -0.850  1.00 54.64 ? 148 PRO A CD    1 
ATOM   1186 N N     . SER A 1 188 ? 6.573   26.078  -4.945  1.00 62.78 ? 152 SER A N     1 
ATOM   1187 C CA    . SER A 1 188 ? 6.737   26.683  -6.294  1.00 57.74 ? 152 SER A CA    1 
ATOM   1188 C C     . SER A 1 188 ? 5.797   25.994  -7.299  1.00 65.29 ? 152 SER A C     1 
ATOM   1189 O O     . SER A 1 188 ? 5.047   26.621  -8.081  1.00 65.66 ? 152 SER A O     1 
ATOM   1190 C CB    . SER A 1 188 ? 8.202   26.514  -6.712  0.50 56.28 ? 152 SER A CB    1 
ATOM   1191 O OG    . SER A 1 188 ? 8.843   25.646  -5.780  0.50 47.68 ? 152 SER A OG    1 
ATOM   1192 N N     . GLU A 1 189 ? 6.015   24.686  -7.340  1.00 68.63 ? 153 GLU A N     1 
ATOM   1193 C CA    . GLU A 1 189 ? 5.027   23.659  -7.554  1.00 61.41 ? 153 GLU A CA    1 
ATOM   1194 C C     . GLU A 1 189 ? 5.577   22.430  -6.823  1.00 67.82 ? 153 GLU A C     1 
ATOM   1195 O O     . GLU A 1 189 ? 6.511   22.470  -5.986  1.00 73.32 ? 153 GLU A O     1 
ATOM   1196 C CB    . GLU A 1 189 ? 4.836   23.240  -9.005  1.00 54.95 ? 153 GLU A CB    1 
ATOM   1197 C CG    . GLU A 1 189 ? 4.058   24.134  -9.922  0.50 51.85 ? 153 GLU A CG    1 
ATOM   1198 C CD    . GLU A 1 189 ? 4.021   23.554  -11.334 0.50 49.75 ? 153 GLU A CD    1 
ATOM   1199 O OE1   . GLU A 1 189 ? 4.660   22.483  -11.595 0.50 44.85 ? 153 GLU A OE1   1 
ATOM   1200 O OE2   . GLU A 1 189 ? 3.350   24.191  -12.181 0.50 42.76 ? 153 GLU A OE2   1 
ATOM   1201 N N     . ASP A 1 190 ? 5.094   21.310  -7.307  1.00 65.23 ? 154 ASP A N     1 
ATOM   1202 C CA    . ASP A 1 190 ? 3.988   20.789  -6.590  1.00 67.45 ? 154 ASP A CA    1 
ATOM   1203 C C     . ASP A 1 190 ? 3.948   19.475  -5.798  1.00 61.24 ? 154 ASP A C     1 
ATOM   1204 O O     . ASP A 1 190 ? 4.980   18.845  -5.507  1.00 66.21 ? 154 ASP A O     1 
ATOM   1205 C CB    . ASP A 1 190 ? 2.816   20.893  -7.562  1.00 73.29 ? 154 ASP A CB    1 
ATOM   1206 C CG    . ASP A 1 190 ? 1.833   21.942  -7.156  1.00 82.51 ? 154 ASP A CG    1 
ATOM   1207 O OD1   . ASP A 1 190 ? 0.633   21.683  -7.418  0.50 83.23 ? 154 ASP A OD1   1 
ATOM   1208 O OD2   . ASP A 1 190 ? 2.210   22.980  -6.541  0.50 76.14 ? 154 ASP A OD2   1 
ATOM   1209 N N     . ASP A 1 191 ? 2.685   19.084  -5.557  1.00 53.84 ? 155 ASP A N     1 
ATOM   1210 C CA    . ASP A 1 191 ? 2.101   18.868  -4.213  1.00 53.65 ? 155 ASP A CA    1 
ATOM   1211 C C     . ASP A 1 191 ? 2.026   17.379  -3.882  1.00 47.98 ? 155 ASP A C     1 
ATOM   1212 O O     . ASP A 1 191 ? 0.980   16.804  -3.622  1.00 38.12 ? 155 ASP A O     1 
ATOM   1213 C CB    . ASP A 1 191 ? 0.688   19.493  -4.145  1.00 60.07 ? 155 ASP A CB    1 
ATOM   1214 C CG    . ASP A 1 191 ? 0.650   20.838  -3.430  0.50 66.32 ? 155 ASP A CG    1 
ATOM   1215 O OD1   . ASP A 1 191 ? 0.341   20.859  -2.207  0.50 65.96 ? 155 ASP A OD1   1 
ATOM   1216 O OD2   . ASP A 1 191 ? 0.885   21.874  -4.104  0.50 72.07 ? 155 ASP A OD2   1 
ATOM   1217 N N     . THR A 1 192 ? 3.192   16.785  -3.880  1.00 44.52 ? 156 THR A N     1 
ATOM   1218 C CA    . THR A 1 192 ? 3.335   15.344  -3.817  1.00 48.07 ? 156 THR A CA    1 
ATOM   1219 C C     . THR A 1 192 ? 2.656   14.642  -2.606  1.00 44.37 ? 156 THR A C     1 
ATOM   1220 O O     . THR A 1 192 ? 2.175   13.502  -2.722  1.00 42.95 ? 156 THR A O     1 
ATOM   1221 C CB    . THR A 1 192 ? 4.850   15.000  -3.961  1.00 46.58 ? 156 THR A CB    1 
ATOM   1222 O OG1   . THR A 1 192 ? 5.016   13.581  -4.010  1.00 69.66 ? 156 THR A OG1   1 
ATOM   1223 C CG2   . THR A 1 192 ? 5.668   15.559  -2.833  1.00 44.11 ? 156 THR A CG2   1 
ATOM   1224 N N     . ARG A 1 193 ? 2.587   15.306  -1.458  1.00 45.03 ? 157 ARG A N     1 
ATOM   1225 C CA    . ARG A 1 193 ? 1.948   14.726  -0.274  1.00 45.64 ? 157 ARG A CA    1 
ATOM   1226 C C     . ARG A 1 193 ? 0.472   14.576  -0.508  1.00 47.58 ? 157 ARG A C     1 
ATOM   1227 O O     . ARG A 1 193 ? -0.104  13.538  -0.246  1.00 44.43 ? 157 ARG A O     1 
ATOM   1228 C CB    . ARG A 1 193 ? 2.090   15.653  0.922   1.00 56.29 ? 157 ARG A CB    1 
ATOM   1229 C CG    . ARG A 1 193 ? 2.411   14.957  2.225   1.00 63.05 ? 157 ARG A CG    1 
ATOM   1230 C CD    . ARG A 1 193 ? 2.809   15.930  3.349   0.50 65.01 ? 157 ARG A CD    1 
ATOM   1231 N NE    . ARG A 1 193 ? 3.492   17.166  2.933   0.50 63.19 ? 157 ARG A NE    1 
ATOM   1232 C CZ    . ARG A 1 193 ? 4.415   17.280  1.981   0.50 59.08 ? 157 ARG A CZ    1 
ATOM   1233 N NH1   . ARG A 1 193 ? 4.846   16.244  1.267   0.50 58.46 ? 157 ARG A NH1   1 
ATOM   1234 N NH2   . ARG A 1 193 ? 4.912   18.476  1.739   0.50 58.94 ? 157 ARG A NH2   1 
ATOM   1235 N N     . MET A 1 194 ? -0.157  15.653  -0.952  1.00 45.71 ? 158 MET A N     1 
ATOM   1236 C CA    . MET A 1 194 ? -1.565  15.593  -1.205  1.00 43.10 ? 158 MET A CA    1 
ATOM   1237 C C     . MET A 1 194 ? -1.807  14.440  -2.206  1.00 39.89 ? 158 MET A C     1 
ATOM   1238 O O     . MET A 1 194 ? -2.727  13.658  -2.020  1.00 35.37 ? 158 MET A O     1 
ATOM   1239 C CB    . MET A 1 194 ? -2.067  16.943  -1.741  1.00 42.36 ? 158 MET A CB    1 
ATOM   1240 C CG    . MET A 1 194 ? -3.573  16.984  -1.991  1.00 46.64 ? 158 MET A CG    1 
ATOM   1241 S SD    . MET A 1 194 ? -4.145  16.165  -3.523  1.00 53.36 ? 158 MET A SD    1 
ATOM   1242 C CE    . MET A 1 194 ? -3.928  17.527  -4.707  1.00 53.37 ? 158 MET A CE    1 
ATOM   1243 N N     . PHE A 1 195 ? -1.004  14.366  -3.282  1.00 36.52 ? 159 PHE A N     1 
ATOM   1244 C CA    . PHE A 1 195 ? -1.182  13.307  -4.266  1.00 36.81 ? 159 PHE A CA    1 
ATOM   1245 C C     . PHE A 1 195 ? -1.100  11.938  -3.579  1.00 36.58 ? 159 PHE A C     1 
ATOM   1246 O O     . PHE A 1 195 ? -1.983  11.131  -3.743  1.00 34.80 ? 159 PHE A O     1 
ATOM   1247 C CB    . PHE A 1 195 ? -0.116  13.335  -5.351  1.00 38.59 ? 159 PHE A CB    1 
ATOM   1248 C CG    . PHE A 1 195 ? -0.253  14.448  -6.341  1.00 38.29 ? 159 PHE A CG    1 
ATOM   1249 C CD1   . PHE A 1 195 ? 0.725   14.607  -7.309  1.00 37.36 ? 159 PHE A CD1   1 
ATOM   1250 C CD2   . PHE A 1 195 ? -1.306  15.360  -6.291  1.00 38.05 ? 159 PHE A CD2   1 
ATOM   1251 C CE1   . PHE A 1 195 ? 0.642   15.632  -8.243  1.00 39.62 ? 159 PHE A CE1   1 
ATOM   1252 C CE2   . PHE A 1 195 ? -1.373  16.407  -7.192  1.00 41.18 ? 159 PHE A CE2   1 
ATOM   1253 C CZ    . PHE A 1 195 ? -0.398  16.545  -8.179  1.00 39.29 ? 159 PHE A CZ    1 
ATOM   1254 N N     . ALA A 1 196 ? -0.054  11.727  -2.782  1.00 35.51 ? 160 ALA A N     1 
ATOM   1255 C CA    . ALA A 1 196 ? 0.197   10.447  -2.119  1.00 34.67 ? 160 ALA A CA    1 
ATOM   1256 C C     . ALA A 1 196 ? -0.952  10.076  -1.175  1.00 35.48 ? 160 ALA A C     1 
ATOM   1257 O O     . ALA A 1 196 ? -1.469  8.954   -1.204  1.00 36.49 ? 160 ALA A O     1 
ATOM   1258 C CB    . ALA A 1 196 ? 1.512   10.524  -1.365  1.00 36.53 ? 160 ALA A CB    1 
ATOM   1259 N N     . ASP A 1 197 ? -1.398  11.030  -0.375  1.00 38.90 ? 161 ASP A N     1 
ATOM   1260 C CA    . ASP A 1 197 ? -2.517  10.762  0.554   1.00 38.89 ? 161 ASP A CA    1 
ATOM   1261 C C     . ASP A 1 197 ? -3.803  10.418  -0.156  1.00 35.20 ? 161 ASP A C     1 
ATOM   1262 O O     . ASP A 1 197 ? -4.526  9.511   0.227   1.00 33.75 ? 161 ASP A O     1 
ATOM   1263 C CB    . ASP A 1 197 ? -2.736  11.913  1.519   1.00 34.57 ? 161 ASP A CB    1 
ATOM   1264 C CG    . ASP A 1 197 ? -1.690  11.970  2.583   1.00 38.26 ? 161 ASP A CG    1 
ATOM   1265 O OD1   . ASP A 1 197 ? -0.953  10.950  2.823   1.00 41.53 ? 161 ASP A OD1   1 
ATOM   1266 O OD2   . ASP A 1 197 ? -1.548  13.072  3.144   1.00 43.25 ? 161 ASP A OD2   1 
ATOM   1267 N N     . THR A 1 198 ? -4.071  11.107  -1.237  1.00 36.08 ? 162 THR A N     1 
ATOM   1268 C CA    . THR A 1 198 ? -5.320  10.878  -1.918  1.00 36.19 ? 162 THR A CA    1 
ATOM   1269 C C     . THR A 1 198 ? -5.252  9.522   -2.574  1.00 35.24 ? 162 THR A C     1 
ATOM   1270 O O     . THR A 1 198 ? -6.175  8.706   -2.492  1.00 35.86 ? 162 THR A O     1 
ATOM   1271 C CB    . THR A 1 198 ? -5.561  12.008  -2.944  1.00 38.76 ? 162 THR A CB    1 
ATOM   1272 O OG1   . THR A 1 198 ? -5.420  13.278  -2.292  1.00 36.98 ? 162 THR A OG1   1 
ATOM   1273 C CG2   . THR A 1 198 ? -6.920  11.906  -3.524  1.00 36.03 ? 162 THR A CG2   1 
ATOM   1274 N N     . VAL A 1 199 ? -4.132  9.232   -3.212  1.00 36.66 ? 163 VAL A N     1 
ATOM   1275 C CA    . VAL A 1 199 ? -4.015  7.926   -3.882  1.00 35.84 ? 163 VAL A CA    1 
ATOM   1276 C C     . VAL A 1 199 ? -4.073  6.714   -2.956  1.00 32.85 ? 163 VAL A C     1 
ATOM   1277 O O     . VAL A 1 199 ? -4.871  5.829   -3.168  1.00 36.13 ? 163 VAL A O     1 
ATOM   1278 C CB    . VAL A 1 199 ? -2.787  7.894   -4.799  1.00 34.42 ? 163 VAL A CB    1 
ATOM   1279 C CG1   . VAL A 1 199 ? -2.492  6.468   -5.287  1.00 36.85 ? 163 VAL A CG1   1 
ATOM   1280 C CG2   . VAL A 1 199 ? -3.049  8.822   -5.955  1.00 35.92 ? 163 VAL A CG2   1 
ATOM   1281 N N     . VAL A 1 200 ? -3.268  6.686   -1.914  1.00 35.26 ? 164 VAL A N     1 
ATOM   1282 C CA    . VAL A 1 200 ? -3.347  5.582   -0.902  1.00 31.68 ? 164 VAL A CA    1 
ATOM   1283 C C     . VAL A 1 200 ? -4.729  5.441   -0.280  1.00 32.72 ? 164 VAL A C     1 
ATOM   1284 O O     . VAL A 1 200 ? -5.250  4.296   -0.084  1.00 29.68 ? 164 VAL A O     1 
ATOM   1285 C CB    . VAL A 1 200 ? -2.370  5.862   0.244   1.00 28.82 ? 164 VAL A CB    1 
ATOM   1286 C CG1   . VAL A 1 200 ? -2.535  4.879   1.373   1.00 27.76 ? 164 VAL A CG1   1 
ATOM   1287 C CG2   . VAL A 1 200 ? -0.941  5.869   -0.273  1.00 30.75 ? 164 VAL A CG2   1 
ATOM   1288 N N     . LYS A 1 201 ? -5.354  6.569   0.060   1.00 33.07 ? 165 LYS A N     1 
ATOM   1289 C CA    . LYS A 1 201 ? -6.718  6.468   0.664   1.00 38.56 ? 165 LYS A CA    1 
ATOM   1290 C C     . LYS A 1 201 ? -7.722  5.771   -0.252  1.00 36.88 ? 165 LYS A C     1 
ATOM   1291 O O     . LYS A 1 201 ? -8.474  4.873   0.163   1.00 38.68 ? 165 LYS A O     1 
ATOM   1292 C CB    . LYS A 1 201 ? -7.283  7.833   1.061   1.00 45.25 ? 165 LYS A CB    1 
ATOM   1293 C CG    . LYS A 1 201 ? -6.938  8.257   2.478   1.00 53.40 ? 165 LYS A CG    1 
ATOM   1294 C CD    . LYS A 1 201 ? -7.317  9.713   2.787   1.00 61.26 ? 165 LYS A CD    1 
ATOM   1295 C CE    . LYS A 1 201 ? -6.675  10.151  4.114   1.00 71.98 ? 165 LYS A CE    1 
ATOM   1296 N NZ    . LYS A 1 201 ? -7.045  11.492  4.666   1.00 77.95 ? 165 LYS A NZ    1 
ATOM   1297 N N     . LEU A 1 202 ? -7.731  6.172   -1.516  1.00 39.63 ? 166 LEU A N     1 
ATOM   1298 C CA    . LEU A 1 202 ? -8.608  5.533   -2.501  1.00 37.63 ? 166 LEU A CA    1 
ATOM   1299 C C     . LEU A 1 202 ? -8.287  4.053   -2.693  1.00 41.64 ? 166 LEU A C     1 
ATOM   1300 O O     . LEU A 1 202 ? -9.187  3.224   -2.718  1.00 40.95 ? 166 LEU A O     1 
ATOM   1301 C CB    . LEU A 1 202 ? -8.515  6.257   -3.830  1.00 37.87 ? 166 LEU A CB    1 
ATOM   1302 C CG    . LEU A 1 202 ? -8.985  7.719   -3.838  1.00 41.15 ? 166 LEU A CG    1 
ATOM   1303 C CD1   . LEU A 1 202 ? -8.965  8.293   -5.243  1.00 39.66 ? 166 LEU A CD1   1 
ATOM   1304 C CD2   . LEU A 1 202 ? -10.362 7.836   -3.205  1.00 39.97 ? 166 LEU A CD2   1 
ATOM   1305 N N     . ASN A 1 203 ? -6.999  3.734   -2.833  1.00 40.11 ? 167 ASN A N     1 
ATOM   1306 C CA    . ASN A 1 203 ? -6.546  2.341   -2.977  1.00 38.61 ? 167 ASN A CA    1 
ATOM   1307 C C     . ASN A 1 203 ? -6.972  1.513   -1.819  1.00 38.56 ? 167 ASN A C     1 
ATOM   1308 O O     . ASN A 1 203 ? -7.369  0.369   -1.970  1.00 43.63 ? 167 ASN A O     1 
ATOM   1309 C CB    . ASN A 1 203 ? -5.032  2.278   -3.059  1.00 38.05 ? 167 ASN A CB    1 
ATOM   1310 C CG    . ASN A 1 203 ? -4.518  2.842   -4.330  1.00 37.47 ? 167 ASN A CG    1 
ATOM   1311 O OD1   . ASN A 1 203 ? -5.298  3.003   -5.257  1.00 39.67 ? 167 ASN A OD1   1 
ATOM   1312 N ND2   . ASN A 1 203 ? -3.193  3.109   -4.413  1.00 40.69 ? 167 ASN A ND2   1 
ATOM   1313 N N     . LEU A 1 204 ? -6.879  2.077   -0.630  1.00 39.50 ? 168 LEU A N     1 
ATOM   1314 C CA    . LEU A 1 204 ? -7.367  1.346   0.508   1.00 38.09 ? 168 LEU A CA    1 
ATOM   1315 C C     . LEU A 1 204 ? -8.897  1.150   0.457   1.00 39.10 ? 168 LEU A C     1 
ATOM   1316 O O     . LEU A 1 204 ? -9.396  0.104   0.900   1.00 38.59 ? 168 LEU A O     1 
ATOM   1317 C CB    . LEU A 1 204 ? -6.895  1.997   1.830   1.00 37.43 ? 168 LEU A CB    1 
ATOM   1318 C CG    . LEU A 1 204 ? -5.398  1.791   2.126   1.00 38.36 ? 168 LEU A CG    1 
ATOM   1319 C CD1   . LEU A 1 204 ? -5.049  2.363   3.483   1.00 34.17 ? 168 LEU A CD1   1 
ATOM   1320 C CD2   . LEU A 1 204 ? -5.042  0.310   2.025   1.00 35.44 ? 168 LEU A CD2   1 
ATOM   1321 N N     . GLN A 1 205 ? -9.642  2.124   -0.059  1.00 40.30 ? 169 GLN A N     1 
ATOM   1322 C CA    . GLN A 1 205 ? -11.111 1.951   -0.143  1.00 46.84 ? 169 GLN A CA    1 
ATOM   1323 C C     . GLN A 1 205 ? -11.474 0.916   -1.200  1.00 44.15 ? 169 GLN A C     1 
ATOM   1324 O O     . GLN A 1 205 ? -12.363 0.058   -0.987  1.00 48.15 ? 169 GLN A O     1 
ATOM   1325 C CB    . GLN A 1 205 ? -11.875 3.276   -0.396  1.00 52.48 ? 169 GLN A CB    1 
ATOM   1326 C CG    . GLN A 1 205 ? -13.399 3.122   -0.569  1.00 57.37 ? 169 GLN A CG    1 
ATOM   1327 C CD    . GLN A 1 205 ? -14.058 2.264   0.526   1.00 63.02 ? 169 GLN A CD    1 
ATOM   1328 O OE1   . GLN A 1 205 ? -14.062 2.627   1.701   1.00 69.29 ? 169 GLN A OE1   1 
ATOM   1329 N NE2   . GLN A 1 205 ? -14.600 1.113   0.139   1.00 66.58 ? 169 GLN A NE2   1 
ATOM   1330 N N     . LYS A 1 206 ? -10.800 0.982   -2.336  1.00 37.88 ? 170 LYS A N     1 
ATOM   1331 C CA    . LYS A 1 206 ? -11.009 -0.031  -3.346  1.00 37.61 ? 170 LYS A CA    1 
ATOM   1332 C C     . LYS A 1 206 ? -10.560 -1.413  -2.904  1.00 43.09 ? 170 LYS A C     1 
ATOM   1333 O O     . LYS A 1 206 ? -11.229 -2.380  -3.235  1.00 42.98 ? 170 LYS A O     1 
ATOM   1334 C CB    . LYS A 1 206 ? -10.353 0.322   -4.650  1.00 38.84 ? 170 LYS A CB    1 
ATOM   1335 C CG    . LYS A 1 206 ? -10.924 -0.492  -5.788  1.00 42.54 ? 170 LYS A CG    1 
ATOM   1336 C CD    . LYS A 1 206 ? -10.008 -0.534  -7.016  1.00 54.84 ? 170 LYS A CD    1 
ATOM   1337 C CE    . LYS A 1 206 ? -10.606 -1.314  -8.200  1.00 54.37 ? 170 LYS A CE    1 
ATOM   1338 N NZ    . LYS A 1 206 ? -9.531  -1.621  -9.195  1.00 55.60 ? 170 LYS A NZ    1 
ATOM   1339 N N     . LEU A 1 207 ? -9.459  -1.523  -2.152  1.00 44.27 ? 171 LEU A N     1 
ATOM   1340 C CA    . LEU A 1 207 ? -9.040  -2.840  -1.607  1.00 41.44 ? 171 LEU A CA    1 
ATOM   1341 C C     . LEU A 1 207 ? -10.153 -3.485  -0.840  1.00 41.62 ? 171 LEU A C     1 
ATOM   1342 O O     . LEU A 1 207 ? -10.429 -4.673  -1.004  1.00 39.01 ? 171 LEU A O     1 
ATOM   1343 C CB    . LEU A 1 207 ? -7.906  -2.705  -0.630  1.00 40.50 ? 171 LEU A CB    1 
ATOM   1344 C CG    . LEU A 1 207 ? -6.822  -3.764  -0.640  1.00 40.96 ? 171 LEU A CG    1 
ATOM   1345 C CD1   . LEU A 1 207 ? -6.006  -3.638  0.638   1.00 37.81 ? 171 LEU A CD1   1 
ATOM   1346 C CD2   . LEU A 1 207 ? -7.324  -5.167  -0.820  1.00 41.40 ? 171 LEU A CD2   1 
ATOM   1347 N N     . ALA A 1 208 ? -10.757 -2.689  0.034   1.00 43.12 ? 172 ALA A N     1 
ATOM   1348 C CA    . ALA A 1 208 ? -11.861 -3.147  0.878   1.00 46.09 ? 172 ALA A CA    1 
ATOM   1349 C C     . ALA A 1 208 ? -13.054 -3.589  0.041   1.00 49.44 ? 172 ALA A C     1 
ATOM   1350 O O     . ALA A 1 208 ? -13.674 -4.631  0.285   1.00 53.67 ? 172 ALA A O     1 
ATOM   1351 C CB    . ALA A 1 208 ? -12.286 -2.038  1.801   1.00 43.87 ? 172 ALA A CB    1 
ATOM   1352 N N     . THR A 1 209 ? -13.372 -2.781  -0.950  1.00 54.37 ? 173 THR A N     1 
ATOM   1353 C CA    . THR A 1 209 ? -14.540 -3.051  -1.786  1.00 57.42 ? 173 THR A CA    1 
ATOM   1354 C C     . THR A 1 209 ? -14.316 -4.383  -2.514  1.00 52.47 ? 173 THR A C     1 
ATOM   1355 O O     . THR A 1 209 ? -15.124 -5.303  -2.403  1.00 56.55 ? 173 THR A O     1 
ATOM   1356 C CB    . THR A 1 209 ? -14.753 -1.862  -2.736  1.00 59.09 ? 173 THR A CB    1 
ATOM   1357 O OG1   . THR A 1 209 ? -15.268 -0.759  -1.970  1.00 58.51 ? 173 THR A OG1   1 
ATOM   1358 C CG2   . THR A 1 209 ? -15.704 -2.199  -3.906  1.00 61.74 ? 173 THR A CG2   1 
ATOM   1359 N N     . VAL A 1 210 ? -13.169 -4.486  -3.181  1.00 52.04 ? 174 VAL A N     1 
ATOM   1360 C CA    . VAL A 1 210 ? -12.800 -5.655  -3.957  1.00 52.43 ? 174 VAL A CA    1 
ATOM   1361 C C     . VAL A 1 210 ? -12.796 -6.922  -3.095  1.00 60.55 ? 174 VAL A C     1 
ATOM   1362 O O     . VAL A 1 210 ? -13.454 -7.905  -3.460  1.00 65.95 ? 174 VAL A O     1 
ATOM   1363 C CB    . VAL A 1 210 ? -11.451 -5.451  -4.669  1.00 54.16 ? 174 VAL A CB    1 
ATOM   1364 C CG1   . VAL A 1 210 ? -10.993 -6.717  -5.359  1.00 53.95 ? 174 VAL A CG1   1 
ATOM   1365 C CG2   . VAL A 1 210 ? -11.551 -4.329  -5.695  1.00 53.54 ? 174 VAL A CG2   1 
ATOM   1366 N N     . ALA A 1 211 ? -12.110 -6.898  -1.947  1.00 55.13 ? 175 ALA A N     1 
ATOM   1367 C CA    . ALA A 1 211 ? -12.069 -8.079  -1.043  1.00 54.43 ? 175 ALA A CA    1 
ATOM   1368 C C     . ALA A 1 211 ? -13.393 -8.487  -0.345  1.00 54.68 ? 175 ALA A C     1 
ATOM   1369 O O     . ALA A 1 211 ? -13.619 -9.675  -0.074  1.00 47.27 ? 175 ALA A O     1 
ATOM   1370 C CB    . ALA A 1 211 ? -10.974 -7.914  0.002   1.00 52.54 ? 175 ALA A CB    1 
ATOM   1371 N N     . GLU A 1 212 ? -14.226 -7.512  -0.008  1.00 59.46 ? 176 GLU A N     1 
ATOM   1372 C CA    . GLU A 1 212 ? -15.560 -7.794  0.527   1.00 62.90 ? 176 GLU A CA    1 
ATOM   1373 C C     . GLU A 1 212 ? -16.505 -8.477  -0.499  1.00 67.48 ? 176 GLU A C     1 
ATOM   1374 O O     . GLU A 1 212 ? -17.413 -9.226  -0.111  1.00 64.69 ? 176 GLU A O     1 
ATOM   1375 C CB    . GLU A 1 212 ? -16.174 -6.523  1.119   1.00 58.38 ? 176 GLU A CB    1 
ATOM   1376 C CG    . GLU A 1 212 ? -15.505 -6.189  2.441   1.00 61.40 ? 176 GLU A CG    1 
ATOM   1377 C CD    . GLU A 1 212 ? -16.042 -4.941  3.112   1.00 63.61 ? 176 GLU A CD    1 
ATOM   1378 O OE1   . GLU A 1 212 ? -17.262 -4.745  3.207   1.00 64.25 ? 176 GLU A OE1   1 
ATOM   1379 O OE2   . GLU A 1 212 ? -15.226 -4.155  3.595   1.00 64.40 ? 176 GLU A OE2   1 
ATOM   1380 N N     . ALA A 1 213 ? -16.274 -8.238  -1.793  1.00 65.28 ? 177 ALA A N     1 
ATOM   1381 C CA    . ALA A 1 213 ? -17.016 -8.933  -2.840  1.00 63.38 ? 177 ALA A CA    1 
ATOM   1382 C C     . ALA A 1 213 ? -16.582 -10.380 -2.882  1.00 65.78 ? 177 ALA A C     1 
ATOM   1383 O O     . ALA A 1 213 ? -17.429 -11.279 -2.824  1.00 71.26 ? 177 ALA A O     1 
ATOM   1384 C CB    . ALA A 1 213 ? -16.803 -8.271  -4.189  1.00 58.92 ? 177 ALA A CB    1 
ATOM   1385 N N     . MET A 1 214 ? -15.265 -10.607 -2.944  1.00 68.44 ? 178 MET A N     1 
ATOM   1386 C CA    . MET A 1 214 ? -14.707 -11.976 -2.973  1.00 67.39 ? 178 MET A CA    1 
ATOM   1387 C C     . MET A 1 214 ? -15.033 -12.790 -1.708  1.00 68.17 ? 178 MET A C     1 
ATOM   1388 O O     . MET A 1 214 ? -14.855 -14.007 -1.683  1.00 70.01 ? 178 MET A O     1 
ATOM   1389 C CB    . MET A 1 214 ? -13.198 -11.950 -3.132  1.00 69.24 ? 178 MET A CB    1 
ATOM   1390 C CG    . MET A 1 214 ? -12.661 -11.174 -4.321  1.00 69.49 ? 178 MET A CG    1 
ATOM   1391 S SD    . MET A 1 214 ? -10.882 -10.977 -4.053  1.00 74.79 ? 178 MET A SD    1 
ATOM   1392 C CE    . MET A 1 214 ? -10.130 -12.179 -5.155  1.00 76.87 ? 178 MET A CE    1 
ATOM   1393 N N     . ALA A 1 215 ? -15.493 -12.111 -0.662  1.00 67.41 ? 179 ALA A N     1 
ATOM   1394 C CA    . ALA A 1 215 ? -16.068 -12.756 0.511   1.00 69.40 ? 179 ALA A CA    1 
ATOM   1395 C C     . ALA A 1 215 ? -17.524 -13.222 0.248   1.00 71.12 ? 179 ALA A C     1 
ATOM   1396 O O     . ALA A 1 215 ? -18.265 -13.513 1.186   1.00 74.78 ? 179 ALA A O     1 
ATOM   1397 C CB    . ALA A 1 215 ? -16.028 -11.785 1.679   1.00 66.23 ? 179 ALA A CB    1 
ATOM   1398 N N     . ARG A 1 216 ? -17.894 -13.326 -1.028  0.50 68.41 ? 180 ARG A N     1 
ATOM   1399 C CA    . ARG A 1 216 ? -19.270 -13.522 -1.487  0.50 65.72 ? 180 ARG A CA    1 
ATOM   1400 C C     . ARG A 1 216 ? -19.984 -14.700 -0.839  0.50 65.24 ? 180 ARG A C     1 
ATOM   1401 O O     . ARG A 1 216 ? -19.665 -15.852 -1.118  0.50 67.48 ? 180 ARG A O     1 
ATOM   1402 C CB    . ARG A 1 216 ? -19.196 -13.766 -2.980  0.50 66.47 ? 180 ARG A CB    1 
ATOM   1403 C CG    . ARG A 1 216 ? -17.839 -14.336 -3.349  0.50 67.21 ? 180 ARG A CG    1 
ATOM   1404 C CD    . ARG A 1 216 ? -17.939 -15.323 -4.476  0.50 70.60 ? 180 ARG A CD    1 
ATOM   1405 N NE    . ARG A 1 216 ? -18.118 -14.639 -5.742  0.50 72.91 ? 180 ARG A NE    1 
ATOM   1406 C CZ    . ARG A 1 216 ? -18.902 -15.084 -6.716  0.50 77.07 ? 180 ARG A CZ    1 
ATOM   1407 N NH1   . ARG A 1 216 ? -19.588 -16.207 -6.547  0.50 74.15 ? 180 ARG A NH1   1 
ATOM   1408 N NH2   . ARG A 1 216 ? -19.010 -14.397 -7.848  0.50 78.96 ? 180 ARG A NH2   1 
HETATM 1409 O O11   . 6AS B 2 .   ? 0.437   2.615   -3.607  1.00 42.73 ? 201 6AS A O11   1 
HETATM 1410 C C1    . 6AS B 2 .   ? 0.535   3.561   -4.440  1.00 39.43 ? 201 6AS A C1    1 
HETATM 1411 O O12   . 6AS B 2 .   ? 0.303   3.391   -5.640  1.00 39.36 ? 201 6AS A O12   1 
HETATM 1412 C C2    . 6AS B 2 .   ? 0.833   4.921   -3.942  1.00 36.31 ? 201 6AS A C2    1 
HETATM 1413 C C3    . 6AS B 2 .   ? 1.022   6.060   -4.849  1.00 37.63 ? 201 6AS A C3    1 
HETATM 1414 C C6    . 6AS B 2 .   ? 1.393   7.390   -4.236  1.00 37.83 ? 201 6AS A C6    1 
HETATM 1415 C C4    . 6AS B 2 .   ? 0.772   5.935   -6.327  1.00 37.95 ? 201 6AS A C4    1 
HETATM 1416 C C5    . 6AS B 2 .   ? 0.981   7.139   -7.174  1.00 38.73 ? 201 6AS A C5    1 
HETATM 1417 C "C1'" . 6AS B 2 .   ? 0.865   7.038   -8.564  1.00 40.94 ? 201 6AS A "C1'" 1 
HETATM 1418 C "C2'" . 6AS B 2 .   ? -0.228  7.832   -9.009  1.00 41.29 ? 201 6AS A "C2'" 1 
HETATM 1419 C "C7'" . 6AS B 2 .   ? -1.541  7.232   -9.175  1.00 37.38 ? 201 6AS A "C7'" 1 
HETATM 1420 O "O1'" . 6AS B 2 .   ? 0.674   5.679   -8.911  1.00 37.62 ? 201 6AS A "O1'" 1 
HETATM 1421 C "C6'" . 6AS B 2 .   ? 2.185   7.487   -9.133  1.00 41.84 ? 201 6AS A "C6'" 1 
HETATM 1422 C "C8'" . 6AS B 2 .   ? 2.163   7.353   -10.680 1.00 44.66 ? 201 6AS A "C8'" 1 
HETATM 1423 C "C9'" . 6AS B 2 .   ? 3.380   6.626   -8.576  1.00 41.27 ? 201 6AS A "C9'" 1 
HETATM 1424 C "C5'" . 6AS B 2 .   ? 2.443   8.959   -8.683  1.00 44.61 ? 201 6AS A "C5'" 1 
HETATM 1425 C "C4'" . 6AS B 2 .   ? 1.299   9.756   -9.048  1.00 45.08 ? 201 6AS A "C4'" 1 
HETATM 1426 O "O4'" . 6AS B 2 .   ? 1.462   10.965  -9.298  1.00 44.67 ? 201 6AS A "O4'" 1 
HETATM 1427 C "C3'" . 6AS B 2 .   ? 0.030   9.181   -9.251  1.00 42.10 ? 201 6AS A "C3'" 1 
HETATM 1428 S S     . 6AS B 2 .   ? -1.316  10.241  -9.835  1.00 50.00 ? 201 6AS A S     1 
HETATM 1429 C CA1   . 6AS B 2 .   ? -1.854  10.870  -8.198  1.00 51.76 ? 201 6AS A CA1   1 
HETATM 1430 C CA2   . 6AS B 2 .   ? -2.520  12.224  -8.268  1.00 49.22 ? 201 6AS A CA2   1 
HETATM 1431 C CA3   . 6AS B 2 .   ? -3.971  11.879  -8.436  1.00 46.14 ? 201 6AS A CA3   1 
HETATM 1432 C CA4   . 6AS B 2 .   ? -4.832  12.438  -7.307  1.00 47.09 ? 201 6AS A CA4   1 
HETATM 1433 C CA5   . 6AS B 2 .   ? -5.580  13.615  -7.897  1.00 46.94 ? 201 6AS A CA5   1 
HETATM 1434 C CA6   . 6AS B 2 .   ? -4.653  14.847  -7.819  1.00 48.79 ? 201 6AS A CA6   1 
HETATM 1435 O O     . HOH C 3 .   ? -12.075 1.181   22.060  1.00 52.77 ? 301 HOH A O     1 
HETATM 1436 O O     . HOH C 3 .   ? 9.249   -0.387  1.388   1.00 33.26 ? 302 HOH A O     1 
HETATM 1437 O O     . HOH C 3 .   ? -16.688 -16.667 -1.386  1.00 64.21 ? 303 HOH A O     1 
HETATM 1438 O O     . HOH C 3 .   ? 0.948   18.482  -1.213  1.00 47.39 ? 304 HOH A O     1 
HETATM 1439 O O     . HOH C 3 .   ? -8.446  9.888   -1.296  1.00 43.02 ? 305 HOH A O     1 
HETATM 1440 O O     . HOH C 3 .   ? 10.440  13.947  -12.740 1.00 47.99 ? 306 HOH A O     1 
HETATM 1441 O O     . HOH C 3 .   ? 11.915  10.105  12.283  1.00 43.14 ? 307 HOH A O     1 
HETATM 1442 O O     . HOH C 3 .   ? 3.949   13.407  -9.471  1.00 45.32 ? 308 HOH A O     1 
HETATM 1443 O O     . HOH C 3 .   ? 13.624  -1.222  3.165   1.00 47.35 ? 309 HOH A O     1 
HETATM 1444 O O     . HOH C 3 .   ? 7.865   3.389   3.842   1.00 52.67 ? 310 HOH A O     1 
HETATM 1445 O O     . HOH C 3 .   ? -1.677  2.057   -1.970  1.00 37.11 ? 311 HOH A O     1 
HETATM 1446 O O     . HOH C 3 .   ? -11.941 2.161   7.866   1.00 37.56 ? 312 HOH A O     1 
HETATM 1447 O O     . HOH C 3 .   ? -4.493  3.665   -7.670  1.00 39.87 ? 313 HOH A O     1 
HETATM 1448 O O     . HOH C 3 .   ? 9.007   0.664   11.356  1.00 44.27 ? 314 HOH A O     1 
HETATM 1449 O O     . HOH C 3 .   ? -14.431 5.098   13.733  1.00 53.14 ? 315 HOH A O     1 
HETATM 1450 O O     . HOH C 3 .   ? 2.195   3.150   -1.334  1.00 35.42 ? 316 HOH A O     1 
HETATM 1451 O O     . HOH C 3 .   ? -2.011  15.670  2.459   1.00 46.50 ? 317 HOH A O     1 
HETATM 1452 O O     . HOH C 3 .   ? 10.464  -4.001  10.385  1.00 41.59 ? 318 HOH A O     1 
HETATM 1453 O O     . HOH C 3 .   ? 1.141   -4.526  -5.313  1.00 39.36 ? 319 HOH A O     1 
HETATM 1454 O O     . HOH C 3 .   ? 0.182   18.612  1.506   0.50 46.92 ? 320 HOH A O     1 
HETATM 1455 O O     . HOH C 3 .   ? 0.006   -3.727  20.176  1.00 44.43 ? 321 HOH A O     1 
HETATM 1456 O O     . HOH C 3 .   ? 9.851   8.241   -5.431  1.00 46.51 ? 322 HOH A O     1 
HETATM 1457 O O     . HOH C 3 .   ? -3.751  16.001  -14.791 0.50 43.84 ? 323 HOH A O     1 
HETATM 1458 O O     . HOH C 3 .   ? 5.452   -1.676  21.154  1.00 49.73 ? 324 HOH A O     1 
HETATM 1459 O O     . HOH C 3 .   ? -6.539  5.780   -19.029 1.00 43.43 ? 325 HOH A O     1 
HETATM 1460 O O     . HOH C 3 .   ? 0.695   12.972  -17.087 1.00 55.16 ? 326 HOH A O     1 
HETATM 1461 O O     . HOH C 3 .   ? 1.597   0.302   -7.784  1.00 38.91 ? 327 HOH A O     1 
HETATM 1462 O O     . HOH C 3 .   ? -1.774  10.047  -17.288 1.00 45.29 ? 328 HOH A O     1 
HETATM 1463 O O     . HOH C 3 .   ? 9.102   9.118   12.789  1.00 52.12 ? 329 HOH A O     1 
HETATM 1464 O O     . HOH C 3 .   ? 0.955   -7.554  9.686   1.00 47.93 ? 330 HOH A O     1 
HETATM 1465 O O     . HOH C 3 .   ? 12.426  -20.287 -15.929 1.00 60.30 ? 331 HOH A O     1 
HETATM 1466 O O     . HOH C 3 .   ? -13.991 -15.927 -0.685  1.00 45.49 ? 332 HOH A O     1 
HETATM 1467 O O     . HOH C 3 .   ? 7.569   -14.227 2.951   1.00 62.18 ? 333 HOH A O     1 
# 
loop_
_pdbx_poly_seq_scheme.asym_id 
_pdbx_poly_seq_scheme.entity_id 
_pdbx_poly_seq_scheme.seq_id 
_pdbx_poly_seq_scheme.mon_id 
_pdbx_poly_seq_scheme.ndb_seq_num 
_pdbx_poly_seq_scheme.pdb_seq_num 
_pdbx_poly_seq_scheme.auth_seq_num 
_pdbx_poly_seq_scheme.pdb_mon_id 
_pdbx_poly_seq_scheme.auth_mon_id 
_pdbx_poly_seq_scheme.pdb_strand_id 
_pdbx_poly_seq_scheme.pdb_ins_code 
_pdbx_poly_seq_scheme.hetero 
A 1 1   MET 1   -35 ?   ?   ?   A . n 
A 1 2   GLY 2   -34 ?   ?   ?   A . n 
A 1 3   SER 3   -33 ?   ?   ?   A . n 
A 1 4   SER 4   -32 ?   ?   ?   A . n 
A 1 5   HIS 5   -31 ?   ?   ?   A . n 
A 1 6   HIS 6   -30 ?   ?   ?   A . n 
A 1 7   HIS 7   -29 ?   ?   ?   A . n 
A 1 8   HIS 8   -28 ?   ?   ?   A . n 
A 1 9   HIS 9   -27 ?   ?   ?   A . n 
A 1 10  HIS 10  -26 ?   ?   ?   A . n 
A 1 11  SER 11  -25 ?   ?   ?   A . n 
A 1 12  SER 12  -24 ?   ?   ?   A . n 
A 1 13  GLY 13  -23 ?   ?   ?   A . n 
A 1 14  LEU 14  -22 ?   ?   ?   A . n 
A 1 15  VAL 15  -21 ?   ?   ?   A . n 
A 1 16  PRO 16  -20 ?   ?   ?   A . n 
A 1 17  ARG 17  -19 ?   ?   ?   A . n 
A 1 18  GLY 18  -18 ?   ?   ?   A . n 
A 1 19  SER 19  -17 ?   ?   ?   A . n 
A 1 20  HIS 20  -16 ?   ?   ?   A . n 
A 1 21  MET 21  -15 ?   ?   ?   A . n 
A 1 22  ALA 22  -14 ?   ?   ?   A . n 
A 1 23  SER 23  -13 ?   ?   ?   A . n 
A 1 24  MET 24  -12 ?   ?   ?   A . n 
A 1 25  THR 25  -11 ?   ?   ?   A . n 
A 1 26  GLY 26  -10 ?   ?   ?   A . n 
A 1 27  GLY 27  -9  ?   ?   ?   A . n 
A 1 28  GLN 28  -8  ?   ?   ?   A . n 
A 1 29  GLN 29  -7  ?   ?   ?   A . n 
A 1 30  MET 30  -6  ?   ?   ?   A . n 
A 1 31  GLY 31  -5  ?   ?   ?   A . n 
A 1 32  ARG 32  -4  ?   ?   ?   A . n 
A 1 33  GLY 33  -3  ?   ?   ?   A . n 
A 1 34  SER 34  -2  ?   ?   ?   A . n 
A 1 35  GLU 35  -1  ?   ?   ?   A . n 
A 1 36  PHE 36  0   ?   ?   ?   A . n 
A 1 37  MET 37  1   ?   ?   ?   A . n 
A 1 38  PRO 38  2   ?   ?   ?   A . n 
A 1 39  SER 39  3   3   SER SER A . n 
A 1 40  GLU 40  4   4   GLU GLU A . n 
A 1 41  LEU 41  5   5   LEU LEU A . n 
A 1 42  THR 42  6   6   THR THR A . n 
A 1 43  PRO 43  7   7   PRO PRO A . n 
A 1 44  GLU 44  8   8   GLU GLU A . n 
A 1 45  GLU 45  9   9   GLU GLU A . n 
A 1 46  ARG 46  10  10  ARG ARG A . n 
A 1 47  SER 47  11  11  SER SER A . n 
A 1 48  GLU 48  12  12  GLU GLU A . n 
A 1 49  LEU 49  13  13  LEU LEU A . n 
A 1 50  LYS 50  14  14  LYS LYS A . n 
A 1 51  ASN 51  15  15  ASN ASN A . n 
A 1 52  SER 52  16  16  SER SER A . n 
A 1 53  ILE 53  17  17  ILE ILE A . n 
A 1 54  ALA 54  18  18  ALA ALA A . n 
A 1 55  GLU 55  19  19  GLU GLU A . n 
A 1 56  PHE 56  20  20  PHE PHE A . n 
A 1 57  HIS 57  21  21  HIS HIS A . n 
A 1 58  THR 58  22  22  THR THR A . n 
A 1 59  TYR 59  23  23  TYR TYR A . n 
A 1 60  GLN 60  24  24  GLN GLN A . n 
A 1 61  LEU 61  25  25  LEU LEU A . n 
A 1 62  ASP 62  26  26  ASP ASP A . n 
A 1 63  PRO 63  27  27  PRO PRO A . n 
A 1 64  GLY 64  28  28  GLY GLY A . n 
A 1 65  SER 65  29  29  SER SER A . n 
A 1 66  CYS 66  30  30  CYS CYS A . n 
A 1 67  SER 67  31  31  SER SER A . n 
A 1 68  SER 68  32  32  SER SER A . n 
A 1 69  LEU 69  33  33  LEU LEU A . n 
A 1 70  HIS 70  34  34  HIS HIS A . n 
A 1 71  ALA 71  35  35  ALA ALA A . n 
A 1 72  GLN 72  36  36  GLN GLN A . n 
A 1 73  ARG 73  37  37  ARG ARG A . n 
A 1 74  ILE 74  38  38  ILE ILE A . n 
A 1 75  HIS 75  39  39  HIS HIS A . n 
A 1 76  ALA 76  40  40  ALA ALA A . n 
A 1 77  PRO 77  41  41  PRO PRO A . n 
A 1 78  PRO 78  42  42  PRO PRO A . n 
A 1 79  GLU 79  43  43  GLU GLU A . n 
A 1 80  LEU 80  44  44  LEU LEU A . n 
A 1 81  VAL 81  45  45  VAL VAL A . n 
A 1 82  TRP 82  46  46  TRP TRP A . n 
A 1 83  SER 83  47  47  SER SER A . n 
A 1 84  ILE 84  48  48  ILE ILE A . n 
A 1 85  VAL 85  49  49  VAL VAL A . n 
A 1 86  ARG 86  50  50  ARG ARG A . n 
A 1 87  ARG 87  51  51  ARG ARG A . n 
A 1 88  PHE 88  52  52  PHE PHE A . n 
A 1 89  ASP 89  53  53  ASP ASP A . n 
A 1 90  LYS 90  54  54  LYS LYS A . n 
A 1 91  PRO 91  55  55  PRO PRO A . n 
A 1 92  GLN 92  56  56  GLN GLN A . n 
A 1 93  THR 93  57  57  THR THR A . n 
A 1 94  TYR 94  58  58  TYR TYR A . n 
A 1 95  LYS 95  59  59  LYS LYS A . n 
A 1 96  HIS 96  60  60  HIS HIS A . n 
A 1 97  PHE 97  61  61  PHE PHE A . n 
A 1 98  ILE 98  62  62  ILE ILE A . n 
A 1 99  LYS 99  63  63  LYS LYS A . n 
A 1 100 SER 100 64  64  SER SER A . n 
A 1 101 CYS 101 65  65  CYS CYS A . n 
A 1 102 SER 102 66  66  SER SER A . n 
A 1 103 VAL 103 67  67  VAL VAL A . n 
A 1 104 GLU 104 68  68  GLU GLU A . n 
A 1 105 GLN 105 69  69  GLN GLN A . n 
A 1 106 ASN 106 70  70  ASN ASN A . n 
A 1 107 PHE 107 71  71  PHE PHE A . n 
A 1 108 GLU 108 72  72  GLU GLU A . n 
A 1 109 MET 109 73  73  MET MET A . n 
A 1 110 ARG 110 74  74  ARG ARG A . n 
A 1 111 VAL 111 75  75  VAL VAL A . n 
A 1 112 GLY 112 76  76  GLY GLY A . n 
A 1 113 CYS 113 77  77  CYS CYS A . n 
A 1 114 THR 114 78  78  THR THR A . n 
A 1 115 ARG 115 79  79  ARG ARG A . n 
A 1 116 ASP 116 80  80  ASP ASP A . n 
A 1 117 VAL 117 81  81  VAL VAL A . n 
A 1 118 ILE 118 82  82  ILE ILE A . n 
A 1 119 VAL 119 83  83  VAL VAL A . n 
A 1 120 ILE 120 84  84  ILE ILE A . n 
A 1 121 SER 121 85  85  SER SER A . n 
A 1 122 GLY 122 86  86  GLY GLY A . n 
A 1 123 LEU 123 87  87  LEU LEU A . n 
A 1 124 PRO 124 88  88  PRO PRO A . n 
A 1 125 ALA 125 89  89  ALA ALA A . n 
A 1 126 ASN 126 90  90  ASN ASN A . n 
A 1 127 THR 127 91  91  THR THR A . n 
A 1 128 SER 128 92  92  SER SER A . n 
A 1 129 THR 129 93  93  THR THR A . n 
A 1 130 GLU 130 94  94  GLU GLU A . n 
A 1 131 ARG 131 95  95  ARG ARG A . n 
A 1 132 LEU 132 96  96  LEU LEU A . n 
A 1 133 ASP 133 97  97  ASP ASP A . n 
A 1 134 ILE 134 98  98  ILE ILE A . n 
A 1 135 LEU 135 99  99  LEU LEU A . n 
A 1 136 ASP 136 100 100 ASP ASP A . n 
A 1 137 ASP 137 101 101 ASP ASP A . n 
A 1 138 GLU 138 102 102 GLU GLU A . n 
A 1 139 ARG 139 103 103 ARG ARG A . n 
A 1 140 ARG 140 104 104 ARG ARG A . n 
A 1 141 VAL 141 105 105 VAL VAL A . n 
A 1 142 THR 142 106 106 THR THR A . n 
A 1 143 GLY 143 107 107 GLY GLY A . n 
A 1 144 PHE 144 108 108 PHE PHE A . n 
A 1 145 SER 145 109 109 SER SER A . n 
A 1 146 ILE 146 110 110 ILE ILE A . n 
A 1 147 ILE 147 111 111 ILE ILE A . n 
A 1 148 GLY 148 112 112 GLY GLY A . n 
A 1 149 GLY 149 113 113 GLY GLY A . n 
A 1 150 GLU 150 114 114 GLU GLU A . n 
A 1 151 HIS 151 115 115 HIS HIS A . n 
A 1 152 ARG 152 116 116 ARG ARG A . n 
A 1 153 LEU 153 117 117 LEU LEU A . n 
A 1 154 THR 154 118 118 THR THR A . n 
A 1 155 ASN 155 119 119 ASN ASN A . n 
A 1 156 TYR 156 120 120 TYR TYR A . n 
A 1 157 LYS 157 121 121 LYS LYS A . n 
A 1 158 SER 158 122 122 SER SER A . n 
A 1 159 VAL 159 123 123 VAL VAL A . n 
A 1 160 THR 160 124 124 THR THR A . n 
A 1 161 THR 161 125 125 THR THR A . n 
A 1 162 VAL 162 126 126 VAL VAL A . n 
A 1 163 HIS 163 127 127 HIS HIS A . n 
A 1 164 ARG 164 128 128 ARG ARG A . n 
A 1 165 PHE 165 129 129 PHE PHE A . n 
A 1 166 GLU 166 130 130 GLU GLU A . n 
A 1 167 LYS 167 131 131 LYS LYS A . n 
A 1 168 GLU 168 132 132 GLU GLU A . n 
A 1 169 ASN 169 133 133 ASN ASN A . n 
A 1 170 ARG 170 134 134 ARG ARG A . n 
A 1 171 ILE 171 135 135 ILE ILE A . n 
A 1 172 TRP 172 136 136 TRP TRP A . n 
A 1 173 THR 173 137 137 THR THR A . n 
A 1 174 VAL 174 138 138 VAL VAL A . n 
A 1 175 VAL 175 139 139 VAL VAL A . n 
A 1 176 LEU 176 140 140 LEU LEU A . n 
A 1 177 GLU 177 141 141 GLU GLU A . n 
A 1 178 SER 178 142 142 SER SER A . n 
A 1 179 TYR 179 143 143 TYR TYR A . n 
A 1 180 VAL 180 144 144 VAL VAL A . n 
A 1 181 VAL 181 145 145 VAL VAL A . n 
A 1 182 ASP 182 146 146 ASP ASP A . n 
A 1 183 MET 183 147 147 MET MET A . n 
A 1 184 PRO 184 148 148 PRO PRO A . n 
A 1 185 GLU 185 149 ?   ?   ?   A . n 
A 1 186 GLY 186 150 ?   ?   ?   A . n 
A 1 187 ASN 187 151 ?   ?   ?   A . n 
A 1 188 SER 188 152 152 SER SER A . n 
A 1 189 GLU 189 153 153 GLU GLU A . n 
A 1 190 ASP 190 154 154 ASP ASP A . n 
A 1 191 ASP 191 155 155 ASP ASP A . n 
A 1 192 THR 192 156 156 THR THR A . n 
A 1 193 ARG 193 157 157 ARG ARG A . n 
A 1 194 MET 194 158 158 MET MET A . n 
A 1 195 PHE 195 159 159 PHE PHE A . n 
A 1 196 ALA 196 160 160 ALA ALA A . n 
A 1 197 ASP 197 161 161 ASP ASP A . n 
A 1 198 THR 198 162 162 THR THR A . n 
A 1 199 VAL 199 163 163 VAL VAL A . n 
A 1 200 VAL 200 164 164 VAL VAL A . n 
A 1 201 LYS 201 165 165 LYS LYS A . n 
A 1 202 LEU 202 166 166 LEU LEU A . n 
A 1 203 ASN 203 167 167 ASN ASN A . n 
A 1 204 LEU 204 168 168 LEU LEU A . n 
A 1 205 GLN 205 169 169 GLN GLN A . n 
A 1 206 LYS 206 170 170 LYS LYS A . n 
A 1 207 LEU 207 171 171 LEU LEU A . n 
A 1 208 ALA 208 172 172 ALA ALA A . n 
A 1 209 THR 209 173 173 THR THR A . n 
A 1 210 VAL 210 174 174 VAL VAL A . n 
A 1 211 ALA 211 175 175 ALA ALA A . n 
A 1 212 GLU 212 176 176 GLU GLU A . n 
A 1 213 ALA 213 177 177 ALA ALA A . n 
A 1 214 MET 214 178 178 MET MET A . n 
A 1 215 ALA 215 179 179 ALA ALA A . n 
A 1 216 ARG 216 180 180 ARG ARG A . n 
A 1 217 ASN 217 181 ?   ?   ?   A . n 
A 1 218 SER 218 182 ?   ?   ?   A . n 
A 1 219 GLY 219 183 ?   ?   ?   A . n 
A 1 220 ASP 220 184 ?   ?   ?   A . n 
A 1 221 GLY 221 185 ?   ?   ?   A . n 
A 1 222 SER 222 186 ?   ?   ?   A . n 
A 1 223 GLY 223 187 ?   ?   ?   A . n 
A 1 224 SER 224 188 ?   ?   ?   A . n 
A 1 225 GLN 225 189 ?   ?   ?   A . n 
A 1 226 VAL 226 190 ?   ?   ?   A . n 
A 1 227 THR 227 191 ?   ?   ?   A . n 
# 
loop_
_pdbx_nonpoly_scheme.asym_id 
_pdbx_nonpoly_scheme.entity_id 
_pdbx_nonpoly_scheme.mon_id 
_pdbx_nonpoly_scheme.ndb_seq_num 
_pdbx_nonpoly_scheme.pdb_seq_num 
_pdbx_nonpoly_scheme.auth_seq_num 
_pdbx_nonpoly_scheme.pdb_mon_id 
_pdbx_nonpoly_scheme.auth_mon_id 
_pdbx_nonpoly_scheme.pdb_strand_id 
_pdbx_nonpoly_scheme.pdb_ins_code 
B 2 6AS 1  201 1  6AS AS6 A . 
C 3 HOH 1  301 1  HOH HOH A . 
C 3 HOH 2  302 2  HOH HOH A . 
C 3 HOH 3  303 3  HOH HOH A . 
C 3 HOH 4  304 4  HOH HOH A . 
C 3 HOH 5  305 5  HOH HOH A . 
C 3 HOH 6  306 6  HOH HOH A . 
C 3 HOH 7  307 7  HOH HOH A . 
C 3 HOH 8  308 8  HOH HOH A . 
C 3 HOH 9  309 9  HOH HOH A . 
C 3 HOH 10 310 11 HOH HOH A . 
C 3 HOH 11 311 12 HOH HOH A . 
C 3 HOH 12 312 14 HOH HOH A . 
C 3 HOH 13 313 15 HOH HOH A . 
C 3 HOH 14 314 16 HOH HOH A . 
C 3 HOH 15 315 18 HOH HOH A . 
C 3 HOH 16 316 19 HOH HOH A . 
C 3 HOH 17 317 20 HOH HOH A . 
C 3 HOH 18 318 21 HOH HOH A . 
C 3 HOH 19 319 22 HOH HOH A . 
C 3 HOH 20 320 23 HOH HOH A . 
C 3 HOH 21 321 24 HOH HOH A . 
C 3 HOH 22 322 25 HOH HOH A . 
C 3 HOH 23 323 26 HOH HOH A . 
C 3 HOH 24 324 27 HOH HOH A . 
C 3 HOH 25 325 28 HOH HOH A . 
C 3 HOH 26 326 29 HOH HOH A . 
C 3 HOH 27 327 32 HOH HOH A . 
C 3 HOH 28 328 33 HOH HOH A . 
C 3 HOH 29 329 34 HOH HOH A . 
C 3 HOH 30 330 37 HOH HOH A . 
C 3 HOH 31 331 38 HOH HOH A . 
C 3 HOH 32 332 39 HOH HOH A . 
C 3 HOH 33 333 41 HOH HOH A . 
# 
loop_
_pdbx_struct_assembly.id 
_pdbx_struct_assembly.details 
_pdbx_struct_assembly.method_details 
_pdbx_struct_assembly.oligomeric_details 
_pdbx_struct_assembly.oligomeric_count 
1 author_defined_assembly   ?    monomeric 1 
2 software_defined_assembly PISA dimeric   2 
# 
loop_
_pdbx_struct_assembly_gen.assembly_id 
_pdbx_struct_assembly_gen.oper_expression 
_pdbx_struct_assembly_gen.asym_id_list 
1 1   A,B,C 
2 1,2 A,B,C 
# 
loop_
_pdbx_struct_assembly_prop.biol_id 
_pdbx_struct_assembly_prop.type 
_pdbx_struct_assembly_prop.value 
_pdbx_struct_assembly_prop.details 
2 'ABSA (A^2)' 1920  ? 
2 MORE         -9    ? 
2 'SSA (A^2)'  18230 ? 
# 
loop_
_pdbx_struct_oper_list.id 
_pdbx_struct_oper_list.type 
_pdbx_struct_oper_list.name 
_pdbx_struct_oper_list.symmetry_operation 
_pdbx_struct_oper_list.matrix[1][1] 
_pdbx_struct_oper_list.matrix[1][2] 
_pdbx_struct_oper_list.matrix[1][3] 
_pdbx_struct_oper_list.vector[1] 
_pdbx_struct_oper_list.matrix[2][1] 
_pdbx_struct_oper_list.matrix[2][2] 
_pdbx_struct_oper_list.matrix[2][3] 
_pdbx_struct_oper_list.vector[2] 
_pdbx_struct_oper_list.matrix[3][1] 
_pdbx_struct_oper_list.matrix[3][2] 
_pdbx_struct_oper_list.matrix[3][3] 
_pdbx_struct_oper_list.vector[3] 
1 'identity operation'         1_555 x,y,z         1.0000000000  0.0000000000  0.0000000000 0.0000000000  0.0000000000  1.0000000000  0.0000000000  0.0000000000  0.0000000000 0.0000000000  1.0000000000  0.0000000000  
2 'crystal symmetry operation' 5_554 x-y,-y,-z-1/3 -0.5550868797 -0.5710079553 0.6048375575 10.0001235790 -0.5710079553 -0.2671601035 -0.7762572989 24.8582533045 0.6048375575 -0.7762572989 -0.1777530167 16.1118867138 
# 
loop_
_pdbx_struct_special_symmetry.id 
_pdbx_struct_special_symmetry.PDB_model_num 
_pdbx_struct_special_symmetry.auth_asym_id 
_pdbx_struct_special_symmetry.auth_comp_id 
_pdbx_struct_special_symmetry.auth_seq_id 
_pdbx_struct_special_symmetry.PDB_ins_code 
_pdbx_struct_special_symmetry.label_asym_id 
_pdbx_struct_special_symmetry.label_comp_id 
_pdbx_struct_special_symmetry.label_seq_id 
1 1 A HOH 320 ? C HOH . 
2 1 A HOH 323 ? C HOH . 
# 
loop_
_pdbx_audit_revision_history.ordinal 
_pdbx_audit_revision_history.data_content_type 
_pdbx_audit_revision_history.major_revision 
_pdbx_audit_revision_history.minor_revision 
_pdbx_audit_revision_history.revision_date 
1 'Structure model' 1 0 2014-05-07 
2 'Structure model' 1 1 2014-06-11 
3 'Structure model' 1 2 2023-11-08 
# 
_pdbx_audit_revision_details.ordinal             1 
_pdbx_audit_revision_details.revision_ordinal    1 
_pdbx_audit_revision_details.data_content_type   'Structure model' 
_pdbx_audit_revision_details.provider            repository 
_pdbx_audit_revision_details.type                'Initial release' 
_pdbx_audit_revision_details.description         ? 
_pdbx_audit_revision_details.details             ? 
# 
loop_
_pdbx_audit_revision_group.ordinal 
_pdbx_audit_revision_group.revision_ordinal 
_pdbx_audit_revision_group.data_content_type 
_pdbx_audit_revision_group.group 
1 2 'Structure model' 'Database references'    
2 3 'Structure model' 'Data collection'        
3 3 'Structure model' 'Database references'    
4 3 'Structure model' 'Derived calculations'   
5 3 'Structure model' 'Refinement description' 
# 
loop_
_pdbx_audit_revision_category.ordinal 
_pdbx_audit_revision_category.revision_ordinal 
_pdbx_audit_revision_category.data_content_type 
_pdbx_audit_revision_category.category 
1 3 'Structure model' chem_comp_atom                
2 3 'Structure model' chem_comp_bond                
3 3 'Structure model' database_2                    
4 3 'Structure model' pdbx_initial_refinement_model 
5 3 'Structure model' struct_ref_seq_dif            
6 3 'Structure model' struct_site                   
# 
loop_
_pdbx_audit_revision_item.ordinal 
_pdbx_audit_revision_item.revision_ordinal 
_pdbx_audit_revision_item.data_content_type 
_pdbx_audit_revision_item.item 
1 3 'Structure model' '_database_2.pdbx_DOI'                
2 3 'Structure model' '_database_2.pdbx_database_accession' 
3 3 'Structure model' '_struct_ref_seq_dif.details'         
4 3 'Structure model' '_struct_site.pdbx_auth_asym_id'      
5 3 'Structure model' '_struct_site.pdbx_auth_comp_id'      
6 3 'Structure model' '_struct_site.pdbx_auth_seq_id'       
# 
loop_
_software.name 
_software.classification 
_software.version 
_software.citation_id 
_software.pdbx_ordinal 
ADSC     'data collection' Quantum  ? 1 
MOLREP   phasing           .        ? 2 
REFMAC   refinement        5.7.0032 ? 3 
HKL-2000 'data reduction'  .        ? 4 
HKL-2000 'data scaling'    .        ? 5 
# 
_pdbx_validate_close_contact.id               1 
_pdbx_validate_close_contact.PDB_model_num    1 
_pdbx_validate_close_contact.auth_atom_id_1   OD2 
_pdbx_validate_close_contact.auth_asym_id_1   A 
_pdbx_validate_close_contact.auth_comp_id_1   ASP 
_pdbx_validate_close_contact.auth_seq_id_1    97 
_pdbx_validate_close_contact.PDB_ins_code_1   ? 
_pdbx_validate_close_contact.label_alt_id_1   ? 
_pdbx_validate_close_contact.auth_atom_id_2   OG 
_pdbx_validate_close_contact.auth_asym_id_2   A 
_pdbx_validate_close_contact.auth_comp_id_2   SER 
_pdbx_validate_close_contact.auth_seq_id_2    109 
_pdbx_validate_close_contact.PDB_ins_code_2   ? 
_pdbx_validate_close_contact.label_alt_id_2   ? 
_pdbx_validate_close_contact.dist             2.19 
# 
loop_
_pdbx_validate_symm_contact.id 
_pdbx_validate_symm_contact.PDB_model_num 
_pdbx_validate_symm_contact.auth_atom_id_1 
_pdbx_validate_symm_contact.auth_asym_id_1 
_pdbx_validate_symm_contact.auth_comp_id_1 
_pdbx_validate_symm_contact.auth_seq_id_1 
_pdbx_validate_symm_contact.PDB_ins_code_1 
_pdbx_validate_symm_contact.label_alt_id_1 
_pdbx_validate_symm_contact.site_symmetry_1 
_pdbx_validate_symm_contact.auth_atom_id_2 
_pdbx_validate_symm_contact.auth_asym_id_2 
_pdbx_validate_symm_contact.auth_comp_id_2 
_pdbx_validate_symm_contact.auth_seq_id_2 
_pdbx_validate_symm_contact.PDB_ins_code_2 
_pdbx_validate_symm_contact.label_alt_id_2 
_pdbx_validate_symm_contact.site_symmetry_2 
_pdbx_validate_symm_contact.dist 
1 1 NH2 A ARG 157 ? ? 1_555 O   A HOH 317 ? ? 5_554 1.99 
2 1 NZ  A LYS 63  ? ? 1_555 OD1 A ASP 154 ? ? 2_555 2.13 
# 
loop_
_pdbx_validate_torsion.id 
_pdbx_validate_torsion.PDB_model_num 
_pdbx_validate_torsion.auth_comp_id 
_pdbx_validate_torsion.auth_asym_id 
_pdbx_validate_torsion.auth_seq_id 
_pdbx_validate_torsion.PDB_ins_code 
_pdbx_validate_torsion.label_alt_id 
_pdbx_validate_torsion.phi 
_pdbx_validate_torsion.psi 
1 1 ARG A 104 ? ? 64.01   66.57   
2 1 GLU A 132 ? ? 31.53   77.14   
3 1 ASN A 133 ? ? 84.45   -8.73   
4 1 GLU A 153 ? ? -151.54 -156.18 
5 1 ASP A 154 ? ? -114.46 -162.55 
6 1 ASP A 155 ? ? -102.31 60.08   
# 
loop_
_pdbx_validate_peptide_omega.id 
_pdbx_validate_peptide_omega.PDB_model_num 
_pdbx_validate_peptide_omega.auth_comp_id_1 
_pdbx_validate_peptide_omega.auth_asym_id_1 
_pdbx_validate_peptide_omega.auth_seq_id_1 
_pdbx_validate_peptide_omega.PDB_ins_code_1 
_pdbx_validate_peptide_omega.label_alt_id_1 
_pdbx_validate_peptide_omega.auth_comp_id_2 
_pdbx_validate_peptide_omega.auth_asym_id_2 
_pdbx_validate_peptide_omega.auth_seq_id_2 
_pdbx_validate_peptide_omega.PDB_ins_code_2 
_pdbx_validate_peptide_omega.label_alt_id_2 
_pdbx_validate_peptide_omega.omega 
1 1 SER A 152 ? ? GLU A 153 ? ? 145.77  
2 1 GLU A 153 ? ? ASP A 154 ? ? -96.85  
3 1 ASP A 154 ? ? ASP A 155 ? ? -121.03 
# 
loop_
_pdbx_unobs_or_zero_occ_residues.id 
_pdbx_unobs_or_zero_occ_residues.PDB_model_num 
_pdbx_unobs_or_zero_occ_residues.polymer_flag 
_pdbx_unobs_or_zero_occ_residues.occupancy_flag 
_pdbx_unobs_or_zero_occ_residues.auth_asym_id 
_pdbx_unobs_or_zero_occ_residues.auth_comp_id 
_pdbx_unobs_or_zero_occ_residues.auth_seq_id 
_pdbx_unobs_or_zero_occ_residues.PDB_ins_code 
_pdbx_unobs_or_zero_occ_residues.label_asym_id 
_pdbx_unobs_or_zero_occ_residues.label_comp_id 
_pdbx_unobs_or_zero_occ_residues.label_seq_id 
1  1 Y 1 A MET -35 ? A MET 1   
2  1 Y 1 A GLY -34 ? A GLY 2   
3  1 Y 1 A SER -33 ? A SER 3   
4  1 Y 1 A SER -32 ? A SER 4   
5  1 Y 1 A HIS -31 ? A HIS 5   
6  1 Y 1 A HIS -30 ? A HIS 6   
7  1 Y 1 A HIS -29 ? A HIS 7   
8  1 Y 1 A HIS -28 ? A HIS 8   
9  1 Y 1 A HIS -27 ? A HIS 9   
10 1 Y 1 A HIS -26 ? A HIS 10  
11 1 Y 1 A SER -25 ? A SER 11  
12 1 Y 1 A SER -24 ? A SER 12  
13 1 Y 1 A GLY -23 ? A GLY 13  
14 1 Y 1 A LEU -22 ? A LEU 14  
15 1 Y 1 A VAL -21 ? A VAL 15  
16 1 Y 1 A PRO -20 ? A PRO 16  
17 1 Y 1 A ARG -19 ? A ARG 17  
18 1 Y 1 A GLY -18 ? A GLY 18  
19 1 Y 1 A SER -17 ? A SER 19  
20 1 Y 1 A HIS -16 ? A HIS 20  
21 1 Y 1 A MET -15 ? A MET 21  
22 1 Y 1 A ALA -14 ? A ALA 22  
23 1 Y 1 A SER -13 ? A SER 23  
24 1 Y 1 A MET -12 ? A MET 24  
25 1 Y 1 A THR -11 ? A THR 25  
26 1 Y 1 A GLY -10 ? A GLY 26  
27 1 Y 1 A GLY -9  ? A GLY 27  
28 1 Y 1 A GLN -8  ? A GLN 28  
29 1 Y 1 A GLN -7  ? A GLN 29  
30 1 Y 1 A MET -6  ? A MET 30  
31 1 Y 1 A GLY -5  ? A GLY 31  
32 1 Y 1 A ARG -4  ? A ARG 32  
33 1 Y 1 A GLY -3  ? A GLY 33  
34 1 Y 1 A SER -2  ? A SER 34  
35 1 Y 1 A GLU -1  ? A GLU 35  
36 1 Y 1 A PHE 0   ? A PHE 36  
37 1 Y 1 A MET 1   ? A MET 37  
38 1 Y 1 A PRO 2   ? A PRO 38  
39 1 Y 1 A GLU 149 ? A GLU 185 
40 1 Y 1 A GLY 150 ? A GLY 186 
41 1 Y 1 A ASN 151 ? A ASN 187 
42 1 Y 1 A ASN 181 ? A ASN 217 
43 1 Y 1 A SER 182 ? A SER 218 
44 1 Y 1 A GLY 183 ? A GLY 219 
45 1 Y 1 A ASP 184 ? A ASP 220 
46 1 Y 1 A GLY 185 ? A GLY 221 
47 1 Y 1 A SER 186 ? A SER 222 
48 1 Y 1 A GLY 187 ? A GLY 223 
49 1 Y 1 A SER 188 ? A SER 224 
50 1 Y 1 A GLN 189 ? A GLN 225 
51 1 Y 1 A VAL 190 ? A VAL 226 
52 1 Y 1 A THR 191 ? A THR 227 
# 
loop_
_chem_comp_atom.comp_id 
_chem_comp_atom.atom_id 
_chem_comp_atom.type_symbol 
_chem_comp_atom.pdbx_aromatic_flag 
_chem_comp_atom.pdbx_stereo_config 
_chem_comp_atom.pdbx_ordinal 
6AS O11   O N N 1   
6AS C1    C N N 2   
6AS O12   O N N 3   
6AS C2    C N N 4   
6AS C3    C N N 5   
6AS C6    C N N 6   
6AS C4    C N N 7   
6AS C5    C N N 8   
6AS "C1'" C N S 9   
6AS "C2'" C N N 10  
6AS "C7'" C N N 11  
6AS "O1'" O N N 12  
6AS "C6'" C N N 13  
6AS "C8'" C N N 14  
6AS "C9'" C N N 15  
6AS "C5'" C N N 16  
6AS "C4'" C N N 17  
6AS "O4'" O N N 18  
6AS "C3'" C N N 19  
6AS S     S N N 20  
6AS CA1   C N N 21  
6AS CA2   C N N 22  
6AS CA3   C N N 23  
6AS CA4   C N N 24  
6AS CA5   C N N 25  
6AS CA6   C N N 26  
6AS H1    H N N 27  
6AS H2    H N N 28  
6AS H3    H N N 29  
6AS H4    H N N 30  
6AS H5    H N N 31  
6AS H6    H N N 32  
6AS H7    H N N 33  
6AS H8    H N N 34  
6AS H9    H N N 35  
6AS H10   H N N 36  
6AS H11   H N N 37  
6AS H12   H N N 38  
6AS H13   H N N 39  
6AS H14   H N N 40  
6AS H15   H N N 41  
6AS H16   H N N 42  
6AS H17   H N N 43  
6AS H18   H N N 44  
6AS H19   H N N 45  
6AS H20   H N N 46  
6AS H21   H N N 47  
6AS H22   H N N 48  
6AS H23   H N N 49  
6AS H24   H N N 50  
6AS H25   H N N 51  
6AS H26   H N N 52  
6AS H27   H N N 53  
6AS H28   H N N 54  
6AS H29   H N N 55  
6AS H30   H N N 56  
6AS H31   H N N 57  
6AS H32   H N N 58  
ALA N     N N N 59  
ALA CA    C N S 60  
ALA C     C N N 61  
ALA O     O N N 62  
ALA CB    C N N 63  
ALA OXT   O N N 64  
ALA H     H N N 65  
ALA H2    H N N 66  
ALA HA    H N N 67  
ALA HB1   H N N 68  
ALA HB2   H N N 69  
ALA HB3   H N N 70  
ALA HXT   H N N 71  
ARG N     N N N 72  
ARG CA    C N S 73  
ARG C     C N N 74  
ARG O     O N N 75  
ARG CB    C N N 76  
ARG CG    C N N 77  
ARG CD    C N N 78  
ARG NE    N N N 79  
ARG CZ    C N N 80  
ARG NH1   N N N 81  
ARG NH2   N N N 82  
ARG OXT   O N N 83  
ARG H     H N N 84  
ARG H2    H N N 85  
ARG HA    H N N 86  
ARG HB2   H N N 87  
ARG HB3   H N N 88  
ARG HG2   H N N 89  
ARG HG3   H N N 90  
ARG HD2   H N N 91  
ARG HD3   H N N 92  
ARG HE    H N N 93  
ARG HH11  H N N 94  
ARG HH12  H N N 95  
ARG HH21  H N N 96  
ARG HH22  H N N 97  
ARG HXT   H N N 98  
ASN N     N N N 99  
ASN CA    C N S 100 
ASN C     C N N 101 
ASN O     O N N 102 
ASN CB    C N N 103 
ASN CG    C N N 104 
ASN OD1   O N N 105 
ASN ND2   N N N 106 
ASN OXT   O N N 107 
ASN H     H N N 108 
ASN H2    H N N 109 
ASN HA    H N N 110 
ASN HB2   H N N 111 
ASN HB3   H N N 112 
ASN HD21  H N N 113 
ASN HD22  H N N 114 
ASN HXT   H N N 115 
ASP N     N N N 116 
ASP CA    C N S 117 
ASP C     C N N 118 
ASP O     O N N 119 
ASP CB    C N N 120 
ASP CG    C N N 121 
ASP OD1   O N N 122 
ASP OD2   O N N 123 
ASP OXT   O N N 124 
ASP H     H N N 125 
ASP H2    H N N 126 
ASP HA    H N N 127 
ASP HB2   H N N 128 
ASP HB3   H N N 129 
ASP HD2   H N N 130 
ASP HXT   H N N 131 
CYS N     N N N 132 
CYS CA    C N R 133 
CYS C     C N N 134 
CYS O     O N N 135 
CYS CB    C N N 136 
CYS SG    S N N 137 
CYS OXT   O N N 138 
CYS H     H N N 139 
CYS H2    H N N 140 
CYS HA    H N N 141 
CYS HB2   H N N 142 
CYS HB3   H N N 143 
CYS HG    H N N 144 
CYS HXT   H N N 145 
GLN N     N N N 146 
GLN CA    C N S 147 
GLN C     C N N 148 
GLN O     O N N 149 
GLN CB    C N N 150 
GLN CG    C N N 151 
GLN CD    C N N 152 
GLN OE1   O N N 153 
GLN NE2   N N N 154 
GLN OXT   O N N 155 
GLN H     H N N 156 
GLN H2    H N N 157 
GLN HA    H N N 158 
GLN HB2   H N N 159 
GLN HB3   H N N 160 
GLN HG2   H N N 161 
GLN HG3   H N N 162 
GLN HE21  H N N 163 
GLN HE22  H N N 164 
GLN HXT   H N N 165 
GLU N     N N N 166 
GLU CA    C N S 167 
GLU C     C N N 168 
GLU O     O N N 169 
GLU CB    C N N 170 
GLU CG    C N N 171 
GLU CD    C N N 172 
GLU OE1   O N N 173 
GLU OE2   O N N 174 
GLU OXT   O N N 175 
GLU H     H N N 176 
GLU H2    H N N 177 
GLU HA    H N N 178 
GLU HB2   H N N 179 
GLU HB3   H N N 180 
GLU HG2   H N N 181 
GLU HG3   H N N 182 
GLU HE2   H N N 183 
GLU HXT   H N N 184 
GLY N     N N N 185 
GLY CA    C N N 186 
GLY C     C N N 187 
GLY O     O N N 188 
GLY OXT   O N N 189 
GLY H     H N N 190 
GLY H2    H N N 191 
GLY HA2   H N N 192 
GLY HA3   H N N 193 
GLY HXT   H N N 194 
HIS N     N N N 195 
HIS CA    C N S 196 
HIS C     C N N 197 
HIS O     O N N 198 
HIS CB    C N N 199 
HIS CG    C Y N 200 
HIS ND1   N Y N 201 
HIS CD2   C Y N 202 
HIS CE1   C Y N 203 
HIS NE2   N Y N 204 
HIS OXT   O N N 205 
HIS H     H N N 206 
HIS H2    H N N 207 
HIS HA    H N N 208 
HIS HB2   H N N 209 
HIS HB3   H N N 210 
HIS HD1   H N N 211 
HIS HD2   H N N 212 
HIS HE1   H N N 213 
HIS HE2   H N N 214 
HIS HXT   H N N 215 
HOH O     O N N 216 
HOH H1    H N N 217 
HOH H2    H N N 218 
ILE N     N N N 219 
ILE CA    C N S 220 
ILE C     C N N 221 
ILE O     O N N 222 
ILE CB    C N S 223 
ILE CG1   C N N 224 
ILE CG2   C N N 225 
ILE CD1   C N N 226 
ILE OXT   O N N 227 
ILE H     H N N 228 
ILE H2    H N N 229 
ILE HA    H N N 230 
ILE HB    H N N 231 
ILE HG12  H N N 232 
ILE HG13  H N N 233 
ILE HG21  H N N 234 
ILE HG22  H N N 235 
ILE HG23  H N N 236 
ILE HD11  H N N 237 
ILE HD12  H N N 238 
ILE HD13  H N N 239 
ILE HXT   H N N 240 
LEU N     N N N 241 
LEU CA    C N S 242 
LEU C     C N N 243 
LEU O     O N N 244 
LEU CB    C N N 245 
LEU CG    C N N 246 
LEU CD1   C N N 247 
LEU CD2   C N N 248 
LEU OXT   O N N 249 
LEU H     H N N 250 
LEU H2    H N N 251 
LEU HA    H N N 252 
LEU HB2   H N N 253 
LEU HB3   H N N 254 
LEU HG    H N N 255 
LEU HD11  H N N 256 
LEU HD12  H N N 257 
LEU HD13  H N N 258 
LEU HD21  H N N 259 
LEU HD22  H N N 260 
LEU HD23  H N N 261 
LEU HXT   H N N 262 
LYS N     N N N 263 
LYS CA    C N S 264 
LYS C     C N N 265 
LYS O     O N N 266 
LYS CB    C N N 267 
LYS CG    C N N 268 
LYS CD    C N N 269 
LYS CE    C N N 270 
LYS NZ    N N N 271 
LYS OXT   O N N 272 
LYS H     H N N 273 
LYS H2    H N N 274 
LYS HA    H N N 275 
LYS HB2   H N N 276 
LYS HB3   H N N 277 
LYS HG2   H N N 278 
LYS HG3   H N N 279 
LYS HD2   H N N 280 
LYS HD3   H N N 281 
LYS HE2   H N N 282 
LYS HE3   H N N 283 
LYS HZ1   H N N 284 
LYS HZ2   H N N 285 
LYS HZ3   H N N 286 
LYS HXT   H N N 287 
MET N     N N N 288 
MET CA    C N S 289 
MET C     C N N 290 
MET O     O N N 291 
MET CB    C N N 292 
MET CG    C N N 293 
MET SD    S N N 294 
MET CE    C N N 295 
MET OXT   O N N 296 
MET H     H N N 297 
MET H2    H N N 298 
MET HA    H N N 299 
MET HB2   H N N 300 
MET HB3   H N N 301 
MET HG2   H N N 302 
MET HG3   H N N 303 
MET HE1   H N N 304 
MET HE2   H N N 305 
MET HE3   H N N 306 
MET HXT   H N N 307 
PHE N     N N N 308 
PHE CA    C N S 309 
PHE C     C N N 310 
PHE O     O N N 311 
PHE CB    C N N 312 
PHE CG    C Y N 313 
PHE CD1   C Y N 314 
PHE CD2   C Y N 315 
PHE CE1   C Y N 316 
PHE CE2   C Y N 317 
PHE CZ    C Y N 318 
PHE OXT   O N N 319 
PHE H     H N N 320 
PHE H2    H N N 321 
PHE HA    H N N 322 
PHE HB2   H N N 323 
PHE HB3   H N N 324 
PHE HD1   H N N 325 
PHE HD2   H N N 326 
PHE HE1   H N N 327 
PHE HE2   H N N 328 
PHE HZ    H N N 329 
PHE HXT   H N N 330 
PRO N     N N N 331 
PRO CA    C N S 332 
PRO C     C N N 333 
PRO O     O N N 334 
PRO CB    C N N 335 
PRO CG    C N N 336 
PRO CD    C N N 337 
PRO OXT   O N N 338 
PRO H     H N N 339 
PRO HA    H N N 340 
PRO HB2   H N N 341 
PRO HB3   H N N 342 
PRO HG2   H N N 343 
PRO HG3   H N N 344 
PRO HD2   H N N 345 
PRO HD3   H N N 346 
PRO HXT   H N N 347 
SER N     N N N 348 
SER CA    C N S 349 
SER C     C N N 350 
SER O     O N N 351 
SER CB    C N N 352 
SER OG    O N N 353 
SER OXT   O N N 354 
SER H     H N N 355 
SER H2    H N N 356 
SER HA    H N N 357 
SER HB2   H N N 358 
SER HB3   H N N 359 
SER HG    H N N 360 
SER HXT   H N N 361 
THR N     N N N 362 
THR CA    C N S 363 
THR C     C N N 364 
THR O     O N N 365 
THR CB    C N R 366 
THR OG1   O N N 367 
THR CG2   C N N 368 
THR OXT   O N N 369 
THR H     H N N 370 
THR H2    H N N 371 
THR HA    H N N 372 
THR HB    H N N 373 
THR HG1   H N N 374 
THR HG21  H N N 375 
THR HG22  H N N 376 
THR HG23  H N N 377 
THR HXT   H N N 378 
TRP N     N N N 379 
TRP CA    C N S 380 
TRP C     C N N 381 
TRP O     O N N 382 
TRP CB    C N N 383 
TRP CG    C Y N 384 
TRP CD1   C Y N 385 
TRP CD2   C Y N 386 
TRP NE1   N Y N 387 
TRP CE2   C Y N 388 
TRP CE3   C Y N 389 
TRP CZ2   C Y N 390 
TRP CZ3   C Y N 391 
TRP CH2   C Y N 392 
TRP OXT   O N N 393 
TRP H     H N N 394 
TRP H2    H N N 395 
TRP HA    H N N 396 
TRP HB2   H N N 397 
TRP HB3   H N N 398 
TRP HD1   H N N 399 
TRP HE1   H N N 400 
TRP HE3   H N N 401 
TRP HZ2   H N N 402 
TRP HZ3   H N N 403 
TRP HH2   H N N 404 
TRP HXT   H N N 405 
TYR N     N N N 406 
TYR CA    C N S 407 
TYR C     C N N 408 
TYR O     O N N 409 
TYR CB    C N N 410 
TYR CG    C Y N 411 
TYR CD1   C Y N 412 
TYR CD2   C Y N 413 
TYR CE1   C Y N 414 
TYR CE2   C Y N 415 
TYR CZ    C Y N 416 
TYR OH    O N N 417 
TYR OXT   O N N 418 
TYR H     H N N 419 
TYR H2    H N N 420 
TYR HA    H N N 421 
TYR HB2   H N N 422 
TYR HB3   H N N 423 
TYR HD1   H N N 424 
TYR HD2   H N N 425 
TYR HE1   H N N 426 
TYR HE2   H N N 427 
TYR HH    H N N 428 
TYR HXT   H N N 429 
VAL N     N N N 430 
VAL CA    C N S 431 
VAL C     C N N 432 
VAL O     O N N 433 
VAL CB    C N N 434 
VAL CG1   C N N 435 
VAL CG2   C N N 436 
VAL OXT   O N N 437 
VAL H     H N N 438 
VAL H2    H N N 439 
VAL HA    H N N 440 
VAL HB    H N N 441 
VAL HG11  H N N 442 
VAL HG12  H N N 443 
VAL HG13  H N N 444 
VAL HG21  H N N 445 
VAL HG22  H N N 446 
VAL HG23  H N N 447 
VAL HXT   H N N 448 
# 
loop_
_chem_comp_bond.comp_id 
_chem_comp_bond.atom_id_1 
_chem_comp_bond.atom_id_2 
_chem_comp_bond.value_order 
_chem_comp_bond.pdbx_aromatic_flag 
_chem_comp_bond.pdbx_stereo_config 
_chem_comp_bond.pdbx_ordinal 
6AS CA6   CA5   sing N N 1   
6AS CA5   CA4   sing N N 2   
6AS CA4   CA3   sing N N 3   
6AS CA2   CA3   sing N N 4   
6AS CA2   CA1   sing N N 5   
6AS C6    C3    sing N N 6   
6AS CA1   S     sing N N 7   
6AS "O4'" "C4'" doub N N 8   
6AS C3    C2    doub N Z 9   
6AS C3    C4    sing N N 10  
6AS "C4'" "C5'" sing N N 11  
6AS "C4'" "C3'" sing N N 12  
6AS C2    C1    sing N N 13  
6AS S     "C3'" sing N N 14  
6AS "C5'" "C6'" sing N N 15  
6AS "C3'" "C2'" doub N N 16  
6AS C5    C4    doub N E 17  
6AS C5    "C1'" sing N N 18  
6AS "C2'" "C1'" sing N N 19  
6AS "C2'" "C7'" sing N N 20  
6AS C1    O11   doub N N 21  
6AS C1    O12   sing N N 22  
6AS "C1'" "C6'" sing N N 23  
6AS "C1'" "O1'" sing N N 24  
6AS "C6'" "C9'" sing N N 25  
6AS "C6'" "C8'" sing N N 26  
6AS O12   H1    sing N N 27  
6AS C2    H2    sing N N 28  
6AS C6    H3    sing N N 29  
6AS C6    H4    sing N N 30  
6AS C6    H5    sing N N 31  
6AS C4    H6    sing N N 32  
6AS C5    H7    sing N N 33  
6AS "C7'" H8    sing N N 34  
6AS "C7'" H9    sing N N 35  
6AS "C7'" H10   sing N N 36  
6AS "O1'" H11   sing N N 37  
6AS "C8'" H12   sing N N 38  
6AS "C8'" H13   sing N N 39  
6AS "C8'" H14   sing N N 40  
6AS "C9'" H15   sing N N 41  
6AS "C9'" H16   sing N N 42  
6AS "C9'" H17   sing N N 43  
6AS "C5'" H18   sing N N 44  
6AS "C5'" H19   sing N N 45  
6AS CA1   H20   sing N N 46  
6AS CA1   H21   sing N N 47  
6AS CA2   H22   sing N N 48  
6AS CA2   H23   sing N N 49  
6AS CA3   H24   sing N N 50  
6AS CA3   H25   sing N N 51  
6AS CA4   H26   sing N N 52  
6AS CA4   H27   sing N N 53  
6AS CA5   H28   sing N N 54  
6AS CA5   H29   sing N N 55  
6AS CA6   H30   sing N N 56  
6AS CA6   H31   sing N N 57  
6AS CA6   H32   sing N N 58  
ALA N     CA    sing N N 59  
ALA N     H     sing N N 60  
ALA N     H2    sing N N 61  
ALA CA    C     sing N N 62  
ALA CA    CB    sing N N 63  
ALA CA    HA    sing N N 64  
ALA C     O     doub N N 65  
ALA C     OXT   sing N N 66  
ALA CB    HB1   sing N N 67  
ALA CB    HB2   sing N N 68  
ALA CB    HB3   sing N N 69  
ALA OXT   HXT   sing N N 70  
ARG N     CA    sing N N 71  
ARG N     H     sing N N 72  
ARG N     H2    sing N N 73  
ARG CA    C     sing N N 74  
ARG CA    CB    sing N N 75  
ARG CA    HA    sing N N 76  
ARG C     O     doub N N 77  
ARG C     OXT   sing N N 78  
ARG CB    CG    sing N N 79  
ARG CB    HB2   sing N N 80  
ARG CB    HB3   sing N N 81  
ARG CG    CD    sing N N 82  
ARG CG    HG2   sing N N 83  
ARG CG    HG3   sing N N 84  
ARG CD    NE    sing N N 85  
ARG CD    HD2   sing N N 86  
ARG CD    HD3   sing N N 87  
ARG NE    CZ    sing N N 88  
ARG NE    HE    sing N N 89  
ARG CZ    NH1   sing N N 90  
ARG CZ    NH2   doub N N 91  
ARG NH1   HH11  sing N N 92  
ARG NH1   HH12  sing N N 93  
ARG NH2   HH21  sing N N 94  
ARG NH2   HH22  sing N N 95  
ARG OXT   HXT   sing N N 96  
ASN N     CA    sing N N 97  
ASN N     H     sing N N 98  
ASN N     H2    sing N N 99  
ASN CA    C     sing N N 100 
ASN CA    CB    sing N N 101 
ASN CA    HA    sing N N 102 
ASN C     O     doub N N 103 
ASN C     OXT   sing N N 104 
ASN CB    CG    sing N N 105 
ASN CB    HB2   sing N N 106 
ASN CB    HB3   sing N N 107 
ASN CG    OD1   doub N N 108 
ASN CG    ND2   sing N N 109 
ASN ND2   HD21  sing N N 110 
ASN ND2   HD22  sing N N 111 
ASN OXT   HXT   sing N N 112 
ASP N     CA    sing N N 113 
ASP N     H     sing N N 114 
ASP N     H2    sing N N 115 
ASP CA    C     sing N N 116 
ASP CA    CB    sing N N 117 
ASP CA    HA    sing N N 118 
ASP C     O     doub N N 119 
ASP C     OXT   sing N N 120 
ASP CB    CG    sing N N 121 
ASP CB    HB2   sing N N 122 
ASP CB    HB3   sing N N 123 
ASP CG    OD1   doub N N 124 
ASP CG    OD2   sing N N 125 
ASP OD2   HD2   sing N N 126 
ASP OXT   HXT   sing N N 127 
CYS N     CA    sing N N 128 
CYS N     H     sing N N 129 
CYS N     H2    sing N N 130 
CYS CA    C     sing N N 131 
CYS CA    CB    sing N N 132 
CYS CA    HA    sing N N 133 
CYS C     O     doub N N 134 
CYS C     OXT   sing N N 135 
CYS CB    SG    sing N N 136 
CYS CB    HB2   sing N N 137 
CYS CB    HB3   sing N N 138 
CYS SG    HG    sing N N 139 
CYS OXT   HXT   sing N N 140 
GLN N     CA    sing N N 141 
GLN N     H     sing N N 142 
GLN N     H2    sing N N 143 
GLN CA    C     sing N N 144 
GLN CA    CB    sing N N 145 
GLN CA    HA    sing N N 146 
GLN C     O     doub N N 147 
GLN C     OXT   sing N N 148 
GLN CB    CG    sing N N 149 
GLN CB    HB2   sing N N 150 
GLN CB    HB3   sing N N 151 
GLN CG    CD    sing N N 152 
GLN CG    HG2   sing N N 153 
GLN CG    HG3   sing N N 154 
GLN CD    OE1   doub N N 155 
GLN CD    NE2   sing N N 156 
GLN NE2   HE21  sing N N 157 
GLN NE2   HE22  sing N N 158 
GLN OXT   HXT   sing N N 159 
GLU N     CA    sing N N 160 
GLU N     H     sing N N 161 
GLU N     H2    sing N N 162 
GLU CA    C     sing N N 163 
GLU CA    CB    sing N N 164 
GLU CA    HA    sing N N 165 
GLU C     O     doub N N 166 
GLU C     OXT   sing N N 167 
GLU CB    CG    sing N N 168 
GLU CB    HB2   sing N N 169 
GLU CB    HB3   sing N N 170 
GLU CG    CD    sing N N 171 
GLU CG    HG2   sing N N 172 
GLU CG    HG3   sing N N 173 
GLU CD    OE1   doub N N 174 
GLU CD    OE2   sing N N 175 
GLU OE2   HE2   sing N N 176 
GLU OXT   HXT   sing N N 177 
GLY N     CA    sing N N 178 
GLY N     H     sing N N 179 
GLY N     H2    sing N N 180 
GLY CA    C     sing N N 181 
GLY CA    HA2   sing N N 182 
GLY CA    HA3   sing N N 183 
GLY C     O     doub N N 184 
GLY C     OXT   sing N N 185 
GLY OXT   HXT   sing N N 186 
HIS N     CA    sing N N 187 
HIS N     H     sing N N 188 
HIS N     H2    sing N N 189 
HIS CA    C     sing N N 190 
HIS CA    CB    sing N N 191 
HIS CA    HA    sing N N 192 
HIS C     O     doub N N 193 
HIS C     OXT   sing N N 194 
HIS CB    CG    sing N N 195 
HIS CB    HB2   sing N N 196 
HIS CB    HB3   sing N N 197 
HIS CG    ND1   sing Y N 198 
HIS CG    CD2   doub Y N 199 
HIS ND1   CE1   doub Y N 200 
HIS ND1   HD1   sing N N 201 
HIS CD2   NE2   sing Y N 202 
HIS CD2   HD2   sing N N 203 
HIS CE1   NE2   sing Y N 204 
HIS CE1   HE1   sing N N 205 
HIS NE2   HE2   sing N N 206 
HIS OXT   HXT   sing N N 207 
HOH O     H1    sing N N 208 
HOH O     H2    sing N N 209 
ILE N     CA    sing N N 210 
ILE N     H     sing N N 211 
ILE N     H2    sing N N 212 
ILE CA    C     sing N N 213 
ILE CA    CB    sing N N 214 
ILE CA    HA    sing N N 215 
ILE C     O     doub N N 216 
ILE C     OXT   sing N N 217 
ILE CB    CG1   sing N N 218 
ILE CB    CG2   sing N N 219 
ILE CB    HB    sing N N 220 
ILE CG1   CD1   sing N N 221 
ILE CG1   HG12  sing N N 222 
ILE CG1   HG13  sing N N 223 
ILE CG2   HG21  sing N N 224 
ILE CG2   HG22  sing N N 225 
ILE CG2   HG23  sing N N 226 
ILE CD1   HD11  sing N N 227 
ILE CD1   HD12  sing N N 228 
ILE CD1   HD13  sing N N 229 
ILE OXT   HXT   sing N N 230 
LEU N     CA    sing N N 231 
LEU N     H     sing N N 232 
LEU N     H2    sing N N 233 
LEU CA    C     sing N N 234 
LEU CA    CB    sing N N 235 
LEU CA    HA    sing N N 236 
LEU C     O     doub N N 237 
LEU C     OXT   sing N N 238 
LEU CB    CG    sing N N 239 
LEU CB    HB2   sing N N 240 
LEU CB    HB3   sing N N 241 
LEU CG    CD1   sing N N 242 
LEU CG    CD2   sing N N 243 
LEU CG    HG    sing N N 244 
LEU CD1   HD11  sing N N 245 
LEU CD1   HD12  sing N N 246 
LEU CD1   HD13  sing N N 247 
LEU CD2   HD21  sing N N 248 
LEU CD2   HD22  sing N N 249 
LEU CD2   HD23  sing N N 250 
LEU OXT   HXT   sing N N 251 
LYS N     CA    sing N N 252 
LYS N     H     sing N N 253 
LYS N     H2    sing N N 254 
LYS CA    C     sing N N 255 
LYS CA    CB    sing N N 256 
LYS CA    HA    sing N N 257 
LYS C     O     doub N N 258 
LYS C     OXT   sing N N 259 
LYS CB    CG    sing N N 260 
LYS CB    HB2   sing N N 261 
LYS CB    HB3   sing N N 262 
LYS CG    CD    sing N N 263 
LYS CG    HG2   sing N N 264 
LYS CG    HG3   sing N N 265 
LYS CD    CE    sing N N 266 
LYS CD    HD2   sing N N 267 
LYS CD    HD3   sing N N 268 
LYS CE    NZ    sing N N 269 
LYS CE    HE2   sing N N 270 
LYS CE    HE3   sing N N 271 
LYS NZ    HZ1   sing N N 272 
LYS NZ    HZ2   sing N N 273 
LYS NZ    HZ3   sing N N 274 
LYS OXT   HXT   sing N N 275 
MET N     CA    sing N N 276 
MET N     H     sing N N 277 
MET N     H2    sing N N 278 
MET CA    C     sing N N 279 
MET CA    CB    sing N N 280 
MET CA    HA    sing N N 281 
MET C     O     doub N N 282 
MET C     OXT   sing N N 283 
MET CB    CG    sing N N 284 
MET CB    HB2   sing N N 285 
MET CB    HB3   sing N N 286 
MET CG    SD    sing N N 287 
MET CG    HG2   sing N N 288 
MET CG    HG3   sing N N 289 
MET SD    CE    sing N N 290 
MET CE    HE1   sing N N 291 
MET CE    HE2   sing N N 292 
MET CE    HE3   sing N N 293 
MET OXT   HXT   sing N N 294 
PHE N     CA    sing N N 295 
PHE N     H     sing N N 296 
PHE N     H2    sing N N 297 
PHE CA    C     sing N N 298 
PHE CA    CB    sing N N 299 
PHE CA    HA    sing N N 300 
PHE C     O     doub N N 301 
PHE C     OXT   sing N N 302 
PHE CB    CG    sing N N 303 
PHE CB    HB2   sing N N 304 
PHE CB    HB3   sing N N 305 
PHE CG    CD1   doub Y N 306 
PHE CG    CD2   sing Y N 307 
PHE CD1   CE1   sing Y N 308 
PHE CD1   HD1   sing N N 309 
PHE CD2   CE2   doub Y N 310 
PHE CD2   HD2   sing N N 311 
PHE CE1   CZ    doub Y N 312 
PHE CE1   HE1   sing N N 313 
PHE CE2   CZ    sing Y N 314 
PHE CE2   HE2   sing N N 315 
PHE CZ    HZ    sing N N 316 
PHE OXT   HXT   sing N N 317 
PRO N     CA    sing N N 318 
PRO N     CD    sing N N 319 
PRO N     H     sing N N 320 
PRO CA    C     sing N N 321 
PRO CA    CB    sing N N 322 
PRO CA    HA    sing N N 323 
PRO C     O     doub N N 324 
PRO C     OXT   sing N N 325 
PRO CB    CG    sing N N 326 
PRO CB    HB2   sing N N 327 
PRO CB    HB3   sing N N 328 
PRO CG    CD    sing N N 329 
PRO CG    HG2   sing N N 330 
PRO CG    HG3   sing N N 331 
PRO CD    HD2   sing N N 332 
PRO CD    HD3   sing N N 333 
PRO OXT   HXT   sing N N 334 
SER N     CA    sing N N 335 
SER N     H     sing N N 336 
SER N     H2    sing N N 337 
SER CA    C     sing N N 338 
SER CA    CB    sing N N 339 
SER CA    HA    sing N N 340 
SER C     O     doub N N 341 
SER C     OXT   sing N N 342 
SER CB    OG    sing N N 343 
SER CB    HB2   sing N N 344 
SER CB    HB3   sing N N 345 
SER OG    HG    sing N N 346 
SER OXT   HXT   sing N N 347 
THR N     CA    sing N N 348 
THR N     H     sing N N 349 
THR N     H2    sing N N 350 
THR CA    C     sing N N 351 
THR CA    CB    sing N N 352 
THR CA    HA    sing N N 353 
THR C     O     doub N N 354 
THR C     OXT   sing N N 355 
THR CB    OG1   sing N N 356 
THR CB    CG2   sing N N 357 
THR CB    HB    sing N N 358 
THR OG1   HG1   sing N N 359 
THR CG2   HG21  sing N N 360 
THR CG2   HG22  sing N N 361 
THR CG2   HG23  sing N N 362 
THR OXT   HXT   sing N N 363 
TRP N     CA    sing N N 364 
TRP N     H     sing N N 365 
TRP N     H2    sing N N 366 
TRP CA    C     sing N N 367 
TRP CA    CB    sing N N 368 
TRP CA    HA    sing N N 369 
TRP C     O     doub N N 370 
TRP C     OXT   sing N N 371 
TRP CB    CG    sing N N 372 
TRP CB    HB2   sing N N 373 
TRP CB    HB3   sing N N 374 
TRP CG    CD1   doub Y N 375 
TRP CG    CD2   sing Y N 376 
TRP CD1   NE1   sing Y N 377 
TRP CD1   HD1   sing N N 378 
TRP CD2   CE2   doub Y N 379 
TRP CD2   CE3   sing Y N 380 
TRP NE1   CE2   sing Y N 381 
TRP NE1   HE1   sing N N 382 
TRP CE2   CZ2   sing Y N 383 
TRP CE3   CZ3   doub Y N 384 
TRP CE3   HE3   sing N N 385 
TRP CZ2   CH2   doub Y N 386 
TRP CZ2   HZ2   sing N N 387 
TRP CZ3   CH2   sing Y N 388 
TRP CZ3   HZ3   sing N N 389 
TRP CH2   HH2   sing N N 390 
TRP OXT   HXT   sing N N 391 
TYR N     CA    sing N N 392 
TYR N     H     sing N N 393 
TYR N     H2    sing N N 394 
TYR CA    C     sing N N 395 
TYR CA    CB    sing N N 396 
TYR CA    HA    sing N N 397 
TYR C     O     doub N N 398 
TYR C     OXT   sing N N 399 
TYR CB    CG    sing N N 400 
TYR CB    HB2   sing N N 401 
TYR CB    HB3   sing N N 402 
TYR CG    CD1   doub Y N 403 
TYR CG    CD2   sing Y N 404 
TYR CD1   CE1   sing Y N 405 
TYR CD1   HD1   sing N N 406 
TYR CD2   CE2   doub Y N 407 
TYR CD2   HD2   sing N N 408 
TYR CE1   CZ    doub Y N 409 
TYR CE1   HE1   sing N N 410 
TYR CE2   CZ    sing Y N 411 
TYR CE2   HE2   sing N N 412 
TYR CZ    OH    sing N N 413 
TYR OH    HH    sing N N 414 
TYR OXT   HXT   sing N N 415 
VAL N     CA    sing N N 416 
VAL N     H     sing N N 417 
VAL N     H2    sing N N 418 
VAL CA    C     sing N N 419 
VAL CA    CB    sing N N 420 
VAL CA    HA    sing N N 421 
VAL C     O     doub N N 422 
VAL C     OXT   sing N N 423 
VAL CB    CG1   sing N N 424 
VAL CB    CG2   sing N N 425 
VAL CB    HB    sing N N 426 
VAL CG1   HG11  sing N N 427 
VAL CG1   HG12  sing N N 428 
VAL CG1   HG13  sing N N 429 
VAL CG2   HG21  sing N N 430 
VAL CG2   HG22  sing N N 431 
VAL CG2   HG23  sing N N 432 
VAL OXT   HXT   sing N N 433 
# 
loop_
_pdbx_entity_nonpoly.entity_id 
_pdbx_entity_nonpoly.name 
_pdbx_entity_nonpoly.comp_id 
2 '(2Z,4E)-5-[(1S)-3-(hexylsulfanyl)-1-hydroxy-2,6,6-trimethyl-4-oxocyclohex-2-en-1-yl]-3-methylpenta-2,4-dienoic acid' 6AS 
3 water                                                                                                                 HOH 
# 
_pdbx_initial_refinement_model.id               1 
_pdbx_initial_refinement_model.entity_id_list   ? 
_pdbx_initial_refinement_model.type             'experimental model' 
_pdbx_initial_refinement_model.source_name      PDB 
_pdbx_initial_refinement_model.accession_code   3K90 
_pdbx_initial_refinement_model.details          ? 
# 
